data_8PR3
#
_entry.id   8PR3
#
_cell.length_a   1.00
_cell.length_b   1.00
_cell.length_c   1.00
_cell.angle_alpha   90.00
_cell.angle_beta   90.00
_cell.angle_gamma   90.00
#
_symmetry.space_group_name_H-M   'P 1'
#
loop_
_entity.id
_entity.type
_entity.pdbx_description
1 polymer 'C-Jun-amino-terminal kinase-interacting protein 3'
2 polymer 'Cytoplasmic dynein 1 heavy chain 1'
3 polymer 'Cytoplasmic dynein 1 intermediate chain 2'
4 polymer 'Cytoplasmic dynein 1 light intermediate chain 2'
#
loop_
_entity_poly.entity_id
_entity_poly.type
_entity_poly.pdbx_seq_one_letter_code
_entity_poly.pdbx_strand_id
1 'polypeptide(L)'
;SNIEFLKMMEIQMDEGGGVVVYQDDYCSGSVMSERVSGLAGSIYREFERLIHCYDEEVVKELMPLVVNVLENLDSVLSEN
QEHEVELELLREDNEQLLTQYEREKALRRQAEEKFIEFEDALEQEKKELQIQVEHYEFQTRQLELKAKNYADQISRLEER
ESEMKKEYNALHQRHTEMIQTYVEHIERSKMQQVGGNSQTESSLPGRRKERPTSLNVFPLADGTVRAQIGGKLVPAGDHW
HLSDLGQLQSSSSYQCPQDEMSESGQSSAAATPSTTGTKSNTPTSSVPSAAVTPLNESLQPLGDYGVGSKNSKRAREKRD
SRNMEVQVTQEMRNVSIGMGSSDEWSDVQDIIDSTPELDMCPETRLDRTGSSPTQGIVNKAFGINTDSLYHELSTAGSEV
IGDVDEGADLLGEFSVRDDFFGMGKEVGNLLLENSQLLETKNALNVVKNDLIAKVDQLSGEQEVLRGELEAAKQAKVKLE
NRIKELEEELKRVKSEAIIARREPKEEAEDVSSYLCTESDKIPMAQRRRFTRVEMARVLMERNQYKERLMELQEAVRWTE
MIRASREGSGSGRWSHPQFEK
;
B,C
2 'polypeptide(L)'
;MSEPGGGGGEDGSAGLEVSAVQNVADVSVLQKHLRKLVPLLLEDGGEAPAALEAALEEKSALEQMRKFLSDPQVHTVLVE
RSTLKEDVGDEGEEEKEFISYNINIDIHYGVKSNSLAFIKRTPVIDADKPVSSQLRVLTLSEDSPYETLHSFISNAVAPF
FKSYIRESGKADRDGDKMAPSVEKKIAELEMGLLHLQQNIEIPEISLPIHPMITNVAKQCYERGEKPKVTDFGDKVEDPT
FLNQLQSGVNRWIREIQKVTKLDRDPASGTALQEISFWLNLERALYRIQEKRESPEVLLTLDILKHGKRFHATVSFDTDT
GLKQALETVNDYNPLMKDFPLNDLLSATELDKIRQALVAIFTHLRKIRNTKYPIQRALRLVEAISRDLSSQLLKVLGTRK
LMHVAYEEFEKVMVACFEVFQTWDDEYEKLQVLLRDIVKRKREENLKMVWRINPAHRKLQARLDQMRKFRRQHEQLRAVI
VRVLRPQVTAVAQQNQGEVPEPQDMKVAEVLFDAADANAIEEVNLAYENVKEVDGLDVSKEGTEAWEAAMKRYDERIDRV
ETRITARLRDQLGTAKNANEMFRIFSRFNALFVRPHIRGAIREYQTQLIQRVKDDIESLHDKFKVQYPQSQACKMSHVRD
LPPVSGSIIWAKQIDRQLTAYMKRVEDVLGKGWENHVEGQKLKQDGDSFRMKLNTQEIFDDWARKVQQRNLGVSGRIFTI
ESTRVRGRTGNVLKLKVNFLPEIITLSKEVRNLKWLGFRVPLAIVNKAHQANQLYPFAISLIESVRTYERTCEKVEERNT
ISLLVAGLKKEVQALIAEGIALVWESYKLDPYVQRLAETVFNFQEKVDDLLIIEEKIDLEVRSLETCMYDHKTFSEILNR
VQKAVDDLNLHSYSNLPIWVNKLDMEIERILGVRLQAGLRAWTQVLLGQAEDKAEVDMDTDAPQVSHKPGGEPKIKNVVH
ELRITNQVIYLNPPIEECRYKLYQEMFAWKMVVLSLPRIQSQRYQVGVHYELTEEEKFYRNALTRMPDGPVALEESYSAV
MGIVSEVEQYVKVWLQYQCLWDMQAENIYNRLGEDLNKWQALLVQIRKARGTFDNAETKKEFGPVVIDYGKVQSKVNLKY
DSWHKEVLSKFGQMLGSNMTEFHSQISKSRQELEQHSVDTASTSDAVTFITYVQSLKRKIKQFEKQVELYRNGQRLLEKQ
RFQFPPSWLYIDNIEGEWGAFNDIMRRKDSAIQQQVANLQMKIVQEDRAVESRTTDLLTDWEKTKPVTGNLRPEEALQAL
TIYEGKFGRLKDDREKCAKAKEALELTDTGLLSGSEERVQVALEELQDLKGVWSELSKVWEQIDQMKEQPWVSVQPRKLR
QNLDALLNQLKSFPARLRQYASYEFVQRLLKGYMKINMLVIELKSEALKDRHWKQLMKRLHVNWVVSELTLGQIWDVDLQ
KNEAIVKDVLLVAQGEMALEEFLKQIREVWNTYELDLVNYQNKCRLIRGWDDLFNKVKEHINSVSAMKLSPYYKVFEEDA
LSWEDKLNRIMALFDVWIDVQRRWVYLEGIFTGSADIKHLLPVETQEFQSISTEFLALMKKVSKSPLVMDVLNIQGVQRS
LERLADLLGEIQKALGEYLERERSSFPRFYFVGDEDLLEIIGNSKNVAKLQKHFKKMFAGVSSIILNEDNSVVLGISSRE
GEEVMFKTPVSITEHPKINEWLTLVEKEMRVTLAKLLAESVTEVEIFGKATSIDPNTYITWIDKYQAQLVVLSAQIAWSE
NVETALSSMGGGGDAAPLHSVLSNVEVTLNVLADSVLMEQPPLRRRKLEHLITELVHQRDVTRSLIKSKIDNAKSFEWLS
QMRFYFDPKQTDVLQQLSIQMANAKFNYGFEYLGVQDKLVQTPLTDRCYLTMTQALEARLGGSPFGPAGTGKTESVKALG
HQLGRFVLVFNCDETFDFQAMGRIFVGLCQVGAWGCFDEFNRLEERMLSAVSQQVQCIQEALREHSNPNYDKTSAPITCE
LLNKQVKVSPDMAIFITMNPGYAGRSNLPDNLKKLFRSLAMTKPDRQLIAQVMLYSQGFRTAEVLANKIVPFFKLCDEQL
SSQSHYDFGLRALKSVLVSAGNVKRERIQKIKREKEERGEAVDEGEIAENLPEQEILIQSVCETMVPKLVAEDIPLLFSL
LSDVFPGVQYHRGEMTALREELKKVCQEMYLTYGDGEEVGGMWVEKVLQLYQITQINHGLMMVGPSGSGKSMAWRVLLKA
LERLEGVEGVAHIIDPKAISKDHLYGTLDPNTREWTDGLFTHVLRKIIDSVRGELQKRQWIVFDGDVDPEWVENLNSVLD
DNKLLTLPNGERLSLPPNVRIMFEVQDLKYATLATVSRCGMVWFSEDVLSTDMIFNNFLARLRSIPLDEGEDEAQRRRKG
KEDEGEEAASPMLQIQRDAATIMQPYFTSNGLVTKALEHAFQLEHIMDLTRLRCLGSLFSMLHQACRNVAQYNANHPDFP
MQIEQLERYIQRYLVYAILWSLSGDSRLKMRAELGEYIRRITTVPLPTAPNIPIIDYEVSISGEWSPWQAKVPQIEVETH
KVAAPDVVVPTLDTVRHEALLYTWLAEHKPLVLCGPPGSGKTMTLFSALRALPDMEVVGLNFSSATTPELLLKTFDHYCE
YRRTPNGVVLAPVQLGKWLVLFCDEINLPDMDKYGTQRVISFIRQMVEHGGFYRTSDQTWVKLERIQFVGACNPPTDPGR
KPLSHRFLRHVPVVYVDYPGPASLTQIYGTFNRAMLRLIPSLRTYAEPLTAAMVEFYTMSQERFTQDTQPHYIYSPREMT
RWVRGIFEALRPLETLPVEGLIRIWAHEALRLFQDRLVEDEERRWTDENIDTVALKHFPNIDREKAMSRPILYSNWLSKD
YIPVDQEELRDYVKARLKVFYEEELDVPLVLFNEVLDHVLRIDRIFRQPQGHLLLIGVSGAGKTTLSRFVAWMNGLSVYQ
IKVHRKYTGEDFDEDLRTVLRRSGCKNEKIAFIMDESNVLDSGFLERMNTLLANGEVPGLFEGDEYATLMTQCKEGAQKE
GLMLDSHEELYKWFTSQVIRNLHVVFTMNPSSEGLKDRAATSPALFNRCVLNWFGDWSTEALYQVGKEFTSKMDLEKPNY
IVPDYMPVVYDKLPQPPSHREAIVNSCVFVHQTLHQANARLAKRGGRTMAITPRHYLDFINHYANLFHEKRSELEEQQMH
LNVGLRKIKETVDQVEELRRDLRIKSQELEVKNAAANDKLKKMVKDQQEAEKKKVMSQEIQEQLHKQQEVIADKQMSVKE
DLDKVEPAVIEAQNAVKSIKKQHLVEVRSMANPPAAVKLALESICLLLGESTTDWKQIRSIIMRENFIPTIVNFSAEEIS
DAIREKMKKNYMSNPSYNYEIVNRASLACGPMVKWAIAQLNYADMLKRVEPLRNELQKLEDDAKDNQQKANEVEQMIRDL
EASIARYKEEYAVLISEAQAIKADLAAVEAKVNRSTALLKSLSAERERWEKTSETFKNQMSTIAGDCLLSAAFIAYAGYF
DQQMRQNLFTTWSHHLQQANIQFRTDIARTEYLSNADERLRWQASSLPADDLCTENAIMLKRFNRYPLIIDPSGQATEFI
MNEYKDRKITRTSFLDDAFRKNLESALRFGNPLLVQDVESYDPVLNPVLNREVRRTGGRVLITLGDQDIDLSPSFVIFLS
TRDPTVEFPPDLCSRVTFVNFTVTRSSLQSQCLNEVLKAERPDVDEKRSDLLKLQGEFQLRLRQLEKSLLQALNEVKGRI
LDDDTIITTLENLKREAAEVTRKVEETDIVMQEVETVSQQYLPLSTACSSIYFTMESLKQIHFLYQYSLQFFLDIYHNVL
YENPNLKGVTDHTQRLSIITKDLFQVAFNRVARGMLHQDHITFAMLLARIKLKGTVGEPTYDAEFQHFLRGNEIVLSAGS
TPRIQGLTVEQAEAVVRLSCLPAFKDLIAKVQADEQFGIWLDSSSPEQTVPYLWSEETPATPIGQAIHRLLLIQAFRPDR
LLAMAHMFVSTNLGESFMSIMEQPLDLTHIVGTEVKPNTPVLMCSVPGYDASGHVEDLAAEQNTQITSIAIGSAEGFNQA
DKAINTAVKSGRWVMLKNVHLAPGWLMQLEKKLHSLQPHACFRLFLTMEINPKVPVNLLRAGRIFVFEPPPGVKANMLRT
FSSIPVSRICKSPNERARLYFLLAWFHAIIQERLRYAPLGWSKKYEFGESDLRSACDTVDTWLDDTAKGRQNISPDKIPW
SALKTLMAQSIYGGRVDNEFDQRLLNTFLERLFTTRSFDSEFKLACKVDGHKDIQMPDGIRREEFVQWVELLPDTQTPSW
LGLPNNAERVLLTTQGVDMISKMLKMQMLEDEDDLAYAETEKKTRTDSTSDGRPAWMRTLHTTASNWLHLIPQTLSHLKR
TVENIKDPLFRFFEREVKMGAKLLQDVRQDLADVVQVCEGKKKQTNYLRTLINELVKGILPRSWSHYTVPAGMTVIQWVS
DFSERIKQLQNISLAAASGGAKELKNIHVCLGGLFVPEAYITATRQYVAQANSWSLEELCLEVNVTTSQGATLDACSFGV
TGLKLQGATCNNNKLSLSNAISTALPLTQLRWVKQTNTEKKASVVTLPVYLNFTRADLIFTVDFEIATKEDPRSFYERGV
AVLCTE
;
f,m
3 'polypeptide(L)'
;MSDKSELKAELERKKQRLAQIREEKKRKEEERKKKETDQKKEAVAPVQEESDLEKKRREAEALLQSMGLTPESPIVPPPM
SPSSKSVSTPSEAGSQDSGDGAVGSRRGPIKLGMAKITQVDFPPREIVTYTKETQTPVMAQPKEDEEEDDDVVAPKPPIE
PEEEKTLKKDEENDSKAPPHELTEEEKQQILHSEEFLSFFDHSTRIVERALSEQINIFFDYSGRDLEDKEGEIQAGAKLS
LNRQFFDERWSKHRVVSCLDWSSQYPELLVASYNNNEDAPHEPDGVALVWNMKYKKTTPEYVFHCQSAVMSATFAKFHPN
LVVGGTYSGQIVLWDNRSNKRTPVQRTPLSAAAHTHPVYCVNVVGTQNAHNLISISTDGKICSWSLDMLSHPQDSMELVH
KQSKAVAVTSMSFPVGDVNNFVVGSEEGSVYTACRHGSKAGISEMFEGHQGPITGIHCHAAVGAVDFSHLFVTSSFDWTV
KLWSTKNNKPLYSFEDNAGYVYDVMWSPTHPALFACVDGMGRLDLWNLNNDTEVPTASISVEGNPALNRVRWTHSGREIA
VGDSEGQIVIYDVGEQIAVPRNDEWARFGRTLAEINANRADAEEEAATRIPA
;
h,o
4 'polypeptide(L)'
;MAPVGVEKKLLLGPNGPAVAAAGDLTSEEEEGQSLWSSILSEVSTRARSKLPSGKNILVFGEDGSGKTTLMTKLQGAEHG
KKGRGLEYLYLSVHDEDRDDHTRCNVWILDGDLYHKGLLKFAVSAESLPETLVIFVADMSRPWTVMESLQKWASVLREHI
DKMKIPPEKMRELERKFVKDFQDYMEPEEGCQGSPQRRGPLTSGSDEENVALPLGDNVLTHNLGIPVLVVCTKCDAVSVL
EKEHDYRDEHLDFIQSHLRRFCLQYGAALIYTSVKEEKNLDLLYKYIVHKTYGFHFTTPALVVEKDAVFIPAGWDNEKKI
AILHENFTTVKPEDAYEDFIVKPPVRKLVHDKELAAEDEQVFLMKQQSLLAKQPATPTRASESPARGPSGSPRTQGRGGP
ASVPSSSPGTSVKKPDPNIKNNAASEGVLASFFNSLLSKKTGSPGSPGAGGVQSTAKKSGQKTVLSNVQEELDRMTRKPD
SMVTNSSTENEA
;
j,E,F
#
# COMPACT_ATOMS: atom_id res chain seq x y z
N VAL A 31 17.45 38.91 -12.05
CA VAL A 31 17.24 39.51 -13.36
C VAL A 31 15.74 39.62 -13.62
N MET A 32 15.33 40.74 -14.19
CA MET A 32 13.94 41.02 -14.53
C MET A 32 13.72 40.78 -16.01
N SER A 33 12.69 40.01 -16.36
CA SER A 33 12.45 39.69 -17.76
C SER A 33 11.74 40.86 -18.44
N GLU A 34 11.94 40.95 -19.76
CA GLU A 34 11.56 42.16 -20.50
C GLU A 34 10.06 42.25 -20.76
N ARG A 35 9.37 41.13 -20.95
CA ARG A 35 7.91 41.19 -21.12
C ARG A 35 7.22 41.59 -19.83
N VAL A 36 7.70 41.06 -18.70
CA VAL A 36 7.21 41.47 -17.39
C VAL A 36 7.58 42.92 -17.11
N SER A 37 8.77 43.35 -17.57
CA SER A 37 9.16 44.74 -17.42
C SER A 37 8.27 45.68 -18.24
N GLY A 38 7.90 45.27 -19.45
CA GLY A 38 7.03 46.10 -20.27
C GLY A 38 5.61 46.19 -19.73
N LEU A 39 5.06 45.05 -19.30
CA LEU A 39 3.72 45.09 -18.71
C LEU A 39 3.75 45.77 -17.34
N ALA A 40 4.89 45.69 -16.65
CA ALA A 40 5.10 46.45 -15.43
C ALA A 40 5.10 47.95 -15.72
N GLY A 41 5.75 48.37 -16.79
CA GLY A 41 5.71 49.78 -17.17
C GLY A 41 4.32 50.25 -17.55
N SER A 42 3.54 49.37 -18.18
CA SER A 42 2.14 49.67 -18.47
C SER A 42 1.35 49.92 -17.19
N ILE A 43 1.47 49.01 -16.21
CA ILE A 43 0.74 49.25 -14.97
C ILE A 43 1.38 50.33 -14.12
N TYR A 44 2.66 50.68 -14.35
CA TYR A 44 3.26 51.80 -13.65
C TYR A 44 2.69 53.12 -14.12
N ARG A 45 2.56 53.33 -15.44
CA ARG A 45 1.95 54.57 -15.90
C ARG A 45 0.46 54.61 -15.60
N GLU A 46 -0.21 53.45 -15.60
CA GLU A 46 -1.61 53.40 -15.14
C GLU A 46 -1.72 53.77 -13.66
N PHE A 47 -0.79 53.28 -12.83
CA PHE A 47 -0.80 53.56 -11.41
C PHE A 47 -0.49 55.03 -11.14
N GLU A 48 0.41 55.62 -11.93
CA GLU A 48 0.68 57.04 -11.84
C GLU A 48 -0.54 57.86 -12.22
N ARG A 49 -1.29 57.41 -13.23
CA ARG A 49 -2.52 58.09 -13.64
C ARG A 49 -3.56 58.07 -12.53
N LEU A 50 -3.78 56.90 -11.91
CA LEU A 50 -4.77 56.83 -10.85
C LEU A 50 -4.31 57.51 -9.56
N ILE A 51 -3.01 57.54 -9.29
CA ILE A 51 -2.51 58.25 -8.11
C ILE A 51 -2.64 59.76 -8.28
N HIS A 52 -2.24 60.28 -9.44
CA HIS A 52 -2.34 61.71 -9.68
C HIS A 52 -3.78 62.17 -9.90
N CYS A 53 -4.66 61.27 -10.34
CA CYS A 53 -5.98 61.72 -10.76
C CYS A 53 -6.93 61.92 -9.58
N TYR A 54 -6.95 60.98 -8.62
CA TYR A 54 -7.89 61.10 -7.50
C TYR A 54 -7.21 61.40 -6.17
N ASP A 55 -6.37 60.50 -5.66
CA ASP A 55 -5.87 60.59 -4.29
C ASP A 55 -4.72 59.61 -4.15
N GLU A 56 -4.28 59.40 -2.90
CA GLU A 56 -3.17 58.52 -2.61
C GLU A 56 -3.60 57.17 -2.05
N GLU A 57 -4.89 56.99 -1.76
CA GLU A 57 -5.40 55.71 -1.28
C GLU A 57 -6.01 54.88 -2.39
N VAL A 58 -5.74 55.23 -3.65
CA VAL A 58 -6.25 54.44 -4.77
C VAL A 58 -5.59 53.07 -4.83
N VAL A 59 -4.30 52.99 -4.48
CA VAL A 59 -3.54 51.75 -4.67
C VAL A 59 -2.93 51.28 -3.37
N LYS A 60 -3.43 51.79 -2.24
CA LYS A 60 -2.90 51.37 -0.94
C LYS A 60 -3.26 49.93 -0.63
N GLU A 61 -4.34 49.42 -1.22
CA GLU A 61 -4.73 48.03 -1.12
C GLU A 61 -4.39 47.23 -2.36
N LEU A 62 -3.58 47.79 -3.27
CA LEU A 62 -3.27 47.16 -4.54
C LEU A 62 -1.80 46.77 -4.67
N MET A 63 -0.93 47.31 -3.82
CA MET A 63 0.50 47.01 -3.90
C MET A 63 0.85 45.54 -3.66
N PRO A 64 0.54 44.92 -2.51
CA PRO A 64 1.06 43.56 -2.28
C PRO A 64 0.35 42.48 -3.09
N LEU A 65 -0.77 42.80 -3.71
CA LEU A 65 -1.37 41.93 -4.72
C LEU A 65 -0.56 41.97 -6.01
N VAL A 66 -0.28 43.17 -6.51
CA VAL A 66 0.32 43.28 -7.83
C VAL A 66 1.80 42.90 -7.82
N VAL A 67 2.52 43.12 -6.71
CA VAL A 67 3.91 42.68 -6.69
C VAL A 67 3.97 41.16 -6.59
N ASN A 68 2.97 40.54 -5.94
CA ASN A 68 2.89 39.10 -5.88
C ASN A 68 2.60 38.52 -7.27
N VAL A 69 1.71 39.16 -8.03
CA VAL A 69 1.38 38.67 -9.37
C VAL A 69 2.60 38.78 -10.30
N LEU A 70 3.29 39.93 -10.28
CA LEU A 70 4.45 40.11 -11.12
C LEU A 70 5.62 39.21 -10.71
N GLU A 71 5.82 39.02 -9.39
CA GLU A 71 6.85 38.11 -8.92
C GLU A 71 6.52 36.67 -9.27
N ASN A 72 5.23 36.32 -9.28
CA ASN A 72 4.81 34.99 -9.73
C ASN A 72 5.18 34.75 -11.18
N LEU A 73 4.86 35.71 -12.05
CA LEU A 73 5.20 35.59 -13.47
C LEU A 73 6.69 35.51 -13.70
N ASP A 74 7.47 36.34 -13.00
CA ASP A 74 8.92 36.32 -13.14
C ASP A 74 9.54 35.01 -12.65
N SER A 75 9.08 34.50 -11.50
CA SER A 75 9.67 33.29 -10.93
C SER A 75 9.32 32.06 -11.75
N VAL A 76 8.07 31.97 -12.23
CA VAL A 76 7.69 30.83 -13.07
C VAL A 76 8.40 30.89 -14.41
N LEU A 77 8.60 32.10 -14.96
CA LEU A 77 9.36 32.21 -16.21
C LEU A 77 10.82 31.84 -16.03
N SER A 78 11.41 32.17 -14.87
CA SER A 78 12.77 31.75 -14.59
C SER A 78 12.88 30.23 -14.43
N GLU A 79 11.88 29.62 -13.78
CA GLU A 79 11.85 28.17 -13.67
C GLU A 79 11.72 27.50 -15.03
N ASN A 80 10.91 28.09 -15.92
CA ASN A 80 10.83 27.64 -17.30
C ASN A 80 12.17 27.74 -18.00
N GLN A 81 12.90 28.84 -17.76
CA GLN A 81 14.22 29.03 -18.35
C GLN A 81 15.22 27.97 -17.90
N GLU A 82 15.20 27.58 -16.62
CA GLU A 82 16.04 26.47 -16.17
C GLU A 82 15.65 25.15 -16.84
N HIS A 83 14.33 24.91 -16.92
CA HIS A 83 13.83 23.65 -17.48
C HIS A 83 14.20 23.51 -18.95
N GLU A 84 14.22 24.61 -19.68
CA GLU A 84 14.56 24.57 -21.11
C GLU A 84 15.99 24.11 -21.34
N VAL A 85 16.94 24.66 -20.58
CA VAL A 85 18.35 24.33 -20.82
C VAL A 85 18.67 22.92 -20.33
N GLU A 86 18.06 22.48 -19.21
CA GLU A 86 18.32 21.10 -18.80
C GLU A 86 17.63 20.13 -19.74
N LEU A 87 16.50 20.54 -20.33
CA LEU A 87 15.81 19.74 -21.33
C LEU A 87 16.66 19.54 -22.58
N GLU A 88 17.33 20.60 -23.05
CA GLU A 88 18.13 20.46 -24.27
C GLU A 88 19.36 19.59 -24.02
N LEU A 89 19.95 19.67 -22.81
CA LEU A 89 21.08 18.81 -22.48
C LEU A 89 20.70 17.33 -22.45
N LEU A 90 19.61 17.00 -21.75
CA LEU A 90 19.26 15.59 -21.65
C LEU A 90 18.68 15.05 -22.96
N ARG A 91 18.05 15.90 -23.78
CA ARG A 91 17.63 15.44 -25.10
C ARG A 91 18.83 15.13 -25.99
N GLU A 92 19.88 15.95 -25.93
CA GLU A 92 21.04 15.74 -26.77
C GLU A 92 21.77 14.44 -26.42
N ASP A 93 22.04 14.22 -25.14
CA ASP A 93 22.77 12.98 -24.83
C ASP A 93 21.84 11.77 -24.87
N ASN A 94 20.52 12.00 -24.85
CA ASN A 94 19.57 10.93 -25.15
C ASN A 94 19.70 10.45 -26.58
N GLU A 95 19.78 11.39 -27.52
CA GLU A 95 19.95 11.03 -28.93
C GLU A 95 21.27 10.30 -29.15
N GLN A 96 22.32 10.77 -28.49
CA GLN A 96 23.63 10.11 -28.58
C GLN A 96 23.58 8.68 -28.04
N LEU A 97 22.91 8.48 -26.89
CA LEU A 97 22.82 7.15 -26.29
C LEU A 97 22.00 6.20 -27.16
N LEU A 98 20.94 6.72 -27.78
CA LEU A 98 20.13 5.92 -28.70
C LEU A 98 20.95 5.44 -29.88
N THR A 99 21.73 6.34 -30.48
CA THR A 99 22.55 5.97 -31.62
C THR A 99 23.63 4.95 -31.26
N GLN A 100 24.30 5.14 -30.11
CA GLN A 100 25.36 4.21 -29.75
C GLN A 100 24.81 2.85 -29.34
N TYR A 101 23.60 2.82 -28.75
CA TYR A 101 22.98 1.54 -28.43
C TYR A 101 22.55 0.80 -29.68
N GLU A 102 22.08 1.52 -30.71
CA GLU A 102 21.74 0.89 -31.97
C GLU A 102 22.97 0.27 -32.64
N ARG A 103 24.10 0.98 -32.58
CA ARG A 103 25.34 0.42 -33.12
C ARG A 103 25.79 -0.81 -32.34
N GLU A 104 25.58 -0.80 -31.02
CA GLU A 104 25.92 -1.97 -30.19
C GLU A 104 25.04 -3.17 -30.54
N LYS A 105 23.76 -2.92 -30.85
CA LYS A 105 22.88 -3.97 -31.36
C LYS A 105 23.41 -4.57 -32.66
N ALA A 106 23.87 -3.73 -33.57
CA ALA A 106 24.41 -4.21 -34.84
C ALA A 106 25.64 -5.09 -34.62
N LEU A 107 26.54 -4.65 -33.73
CA LEU A 107 27.74 -5.42 -33.44
C LEU A 107 27.43 -6.75 -32.78
N ARG A 108 26.47 -6.76 -31.85
CA ARG A 108 26.12 -7.99 -31.14
C ARG A 108 25.51 -9.02 -32.10
N ARG A 109 24.58 -8.57 -32.96
CA ARG A 109 23.96 -9.49 -33.91
C ARG A 109 24.97 -10.03 -34.91
N GLN A 110 25.89 -9.17 -35.37
CA GLN A 110 26.94 -9.59 -36.29
C GLN A 110 27.86 -10.63 -35.66
N ALA A 111 28.21 -10.42 -34.38
CA ALA A 111 29.09 -11.36 -33.68
C ALA A 111 28.43 -12.72 -33.48
N GLU A 112 27.13 -12.73 -33.15
CA GLU A 112 26.43 -14.00 -32.98
C GLU A 112 26.31 -14.76 -34.31
N GLU A 113 26.05 -14.03 -35.40
CA GLU A 113 25.96 -14.67 -36.71
C GLU A 113 27.31 -15.26 -37.14
N LYS A 114 28.39 -14.52 -36.89
CA LYS A 114 29.73 -15.02 -37.24
C LYS A 114 30.07 -16.25 -36.39
N PHE A 115 29.66 -16.23 -35.12
CA PHE A 115 29.90 -17.38 -34.24
C PHE A 115 29.19 -18.63 -34.73
N ILE A 116 27.91 -18.51 -35.09
CA ILE A 116 27.16 -19.72 -35.47
C ILE A 116 27.61 -20.22 -36.85
N GLU A 117 28.06 -19.30 -37.71
CA GLU A 117 28.59 -19.72 -39.01
C GLU A 117 29.89 -20.49 -38.85
N PHE A 118 30.79 -19.98 -38.00
CA PHE A 118 32.08 -20.64 -37.80
C PHE A 118 31.90 -21.98 -37.08
N GLU A 119 30.94 -22.02 -36.13
CA GLU A 119 30.45 -23.25 -35.52
C GLU A 119 30.11 -24.32 -36.56
N ASP A 120 29.16 -24.00 -37.45
CA ASP A 120 28.66 -24.99 -38.40
C ASP A 120 29.73 -25.42 -39.38
N ALA A 121 30.53 -24.47 -39.87
CA ALA A 121 31.53 -24.80 -40.89
C ALA A 121 32.63 -25.71 -40.33
N LEU A 122 33.09 -25.40 -39.11
CA LEU A 122 34.17 -26.20 -38.55
C LEU A 122 33.67 -27.57 -38.13
N GLU A 123 32.45 -27.64 -37.58
CA GLU A 123 31.87 -28.94 -37.26
C GLU A 123 31.61 -29.77 -38.52
N GLN A 124 31.26 -29.09 -39.62
CA GLN A 124 30.99 -29.77 -40.88
C GLN A 124 32.24 -30.46 -41.40
N GLU A 125 33.35 -29.72 -41.50
CA GLU A 125 34.52 -30.37 -42.06
C GLU A 125 35.17 -31.30 -41.03
N LYS A 126 34.89 -31.12 -39.73
CA LYS A 126 35.35 -32.08 -38.73
C LYS A 126 34.66 -33.42 -38.91
N LYS A 127 33.35 -33.44 -39.15
CA LYS A 127 32.75 -34.77 -39.29
C LYS A 127 33.05 -35.35 -40.66
N GLU A 128 33.37 -34.50 -41.65
CA GLU A 128 33.90 -34.99 -42.91
C GLU A 128 35.26 -35.65 -42.68
N LEU A 129 36.07 -35.09 -41.77
CA LEU A 129 37.32 -35.74 -41.39
C LEU A 129 37.09 -37.08 -40.69
N GLN A 130 36.08 -37.19 -39.81
CA GLN A 130 35.95 -38.50 -39.15
C GLN A 130 35.30 -39.56 -40.05
N ILE A 131 34.48 -39.18 -41.03
CA ILE A 131 34.06 -40.22 -41.97
C ILE A 131 35.26 -40.61 -42.84
N GLN A 132 36.16 -39.67 -43.11
CA GLN A 132 37.42 -40.01 -43.77
C GLN A 132 38.29 -40.92 -42.89
N VAL A 133 38.21 -40.75 -41.57
CA VAL A 133 38.91 -41.63 -40.63
C VAL A 133 38.33 -43.04 -40.70
N GLU A 134 36.99 -43.13 -40.74
CA GLU A 134 36.33 -44.43 -40.75
C GLU A 134 36.54 -45.17 -42.06
N HIS A 135 36.85 -44.45 -43.13
CA HIS A 135 37.25 -45.08 -44.38
C HIS A 135 38.63 -45.72 -44.22
N SER B 30 -7.04 25.97 -22.85
CA SER B 30 -6.29 26.61 -21.78
C SER B 30 -7.07 26.56 -20.46
N VAL B 31 -6.85 25.51 -19.69
CA VAL B 31 -7.56 25.33 -18.44
C VAL B 31 -6.92 26.20 -17.37
N MET B 32 -7.72 27.04 -16.72
CA MET B 32 -7.23 27.88 -15.64
C MET B 32 -7.01 27.06 -14.39
N SER B 33 -5.90 27.32 -13.71
CA SER B 33 -5.59 26.65 -12.47
C SER B 33 -6.38 27.26 -11.31
N GLU B 34 -6.26 26.62 -10.15
CA GLU B 34 -6.90 27.16 -8.95
C GLU B 34 -6.17 28.39 -8.42
N ARG B 35 -4.86 28.44 -8.59
CA ARG B 35 -4.08 29.53 -8.01
C ARG B 35 -4.29 30.83 -8.79
N VAL B 36 -4.33 30.74 -10.12
CA VAL B 36 -4.62 31.90 -10.95
C VAL B 36 -6.06 32.37 -10.75
N SER B 37 -6.99 31.44 -10.54
CA SER B 37 -8.38 31.82 -10.27
C SER B 37 -8.51 32.49 -8.92
N GLY B 38 -7.74 32.03 -7.92
CA GLY B 38 -7.77 32.65 -6.62
C GLY B 38 -7.21 34.07 -6.62
N LEU B 39 -6.06 34.27 -7.29
CA LEU B 39 -5.52 35.63 -7.25
C LEU B 39 -6.30 36.56 -8.16
N ALA B 40 -6.89 36.04 -9.24
CA ALA B 40 -7.82 36.83 -10.04
C ALA B 40 -9.09 37.16 -9.26
N GLY B 41 -9.52 36.28 -8.36
CA GLY B 41 -10.63 36.61 -7.48
C GLY B 41 -10.29 37.73 -6.51
N SER B 42 -9.06 37.73 -6.00
CA SER B 42 -8.66 38.84 -5.14
C SER B 42 -8.55 40.16 -5.93
N ILE B 43 -8.08 40.07 -7.17
CA ILE B 43 -8.07 41.24 -8.06
C ILE B 43 -9.48 41.73 -8.32
N TYR B 44 -10.41 40.80 -8.49
CA TYR B 44 -11.83 41.12 -8.68
C TYR B 44 -12.40 41.81 -7.44
N ARG B 45 -12.00 41.36 -6.26
CA ARG B 45 -12.40 41.99 -5.00
C ARG B 45 -11.92 43.43 -4.91
N GLU B 46 -10.63 43.64 -5.18
CA GLU B 46 -10.06 44.98 -5.12
C GLU B 46 -10.65 45.89 -6.19
N PHE B 47 -10.97 45.34 -7.35
CA PHE B 47 -11.52 46.15 -8.44
C PHE B 47 -12.97 46.54 -8.15
N GLU B 48 -13.74 45.63 -7.55
CA GLU B 48 -15.10 45.97 -7.11
C GLU B 48 -15.08 47.01 -6.00
N ARG B 49 -14.13 46.88 -5.06
CA ARG B 49 -13.99 47.85 -3.99
C ARG B 49 -13.61 49.23 -4.52
N LEU B 50 -12.71 49.27 -5.50
CA LEU B 50 -12.30 50.56 -6.06
C LEU B 50 -13.38 51.14 -6.97
N ILE B 51 -14.20 50.29 -7.59
CA ILE B 51 -15.32 50.78 -8.38
C ILE B 51 -16.38 51.41 -7.47
N HIS B 52 -16.70 50.73 -6.36
CA HIS B 52 -17.70 51.25 -5.42
C HIS B 52 -17.18 52.48 -4.69
N CYS B 53 -15.87 52.54 -4.41
CA CYS B 53 -15.33 53.59 -3.56
C CYS B 53 -15.35 54.95 -4.26
N TYR B 54 -14.89 55.02 -5.51
CA TYR B 54 -14.73 56.32 -6.16
C TYR B 54 -15.65 56.50 -7.36
N ASP B 55 -15.50 55.69 -8.41
CA ASP B 55 -16.24 55.87 -9.67
C ASP B 55 -15.99 54.67 -10.58
N GLU B 56 -16.55 54.75 -11.78
CA GLU B 56 -16.29 53.76 -12.82
C GLU B 56 -14.93 53.96 -13.47
N GLU B 57 -14.49 55.22 -13.59
CA GLU B 57 -13.32 55.61 -14.38
C GLU B 57 -12.00 55.07 -13.83
N VAL B 58 -11.99 54.39 -12.68
CA VAL B 58 -10.78 53.79 -12.16
C VAL B 58 -10.34 52.59 -13.01
N VAL B 59 -11.30 51.74 -13.38
CA VAL B 59 -10.97 50.43 -13.94
C VAL B 59 -10.75 50.47 -15.45
N LYS B 60 -11.26 51.50 -16.14
CA LYS B 60 -11.46 51.48 -17.59
C LYS B 60 -10.19 51.36 -18.42
N GLU B 61 -9.01 51.58 -17.84
CA GLU B 61 -7.76 51.32 -18.53
C GLU B 61 -6.86 50.33 -17.81
N LEU B 62 -7.17 49.97 -16.56
CA LEU B 62 -6.30 49.08 -15.81
C LEU B 62 -6.60 47.60 -16.05
N MET B 63 -7.88 47.25 -16.18
CA MET B 63 -8.24 45.86 -16.42
C MET B 63 -7.75 45.26 -17.75
N PRO B 64 -7.63 45.98 -18.88
CA PRO B 64 -6.96 45.33 -20.02
C PRO B 64 -5.46 45.19 -19.84
N LEU B 65 -4.82 46.02 -19.01
CA LEU B 65 -3.42 45.83 -18.67
C LEU B 65 -3.22 44.77 -17.61
N VAL B 66 -4.28 44.32 -16.96
CA VAL B 66 -4.16 43.24 -15.97
C VAL B 66 -4.50 41.88 -16.59
N VAL B 67 -5.51 41.83 -17.47
CA VAL B 67 -6.04 40.56 -17.95
C VAL B 67 -5.03 39.84 -18.85
N ASN B 68 -4.16 40.60 -19.55
CA ASN B 68 -3.16 39.96 -20.40
C ASN B 68 -2.05 39.32 -19.57
N VAL B 69 -1.66 39.96 -18.48
CA VAL B 69 -0.72 39.36 -17.54
C VAL B 69 -1.34 38.12 -16.91
N LEU B 70 -2.64 38.20 -16.62
CA LEU B 70 -3.35 37.06 -16.02
C LEU B 70 -3.43 35.88 -16.99
N GLU B 71 -3.62 36.15 -18.28
CA GLU B 71 -3.53 35.13 -19.32
C GLU B 71 -2.12 34.57 -19.45
N ASN B 72 -1.10 35.42 -19.30
CA ASN B 72 0.28 35.00 -19.38
C ASN B 72 0.67 34.06 -18.25
N LEU B 73 0.11 34.27 -17.05
CA LEU B 73 0.35 33.34 -15.94
C LEU B 73 -0.15 31.93 -16.26
N ASP B 74 -1.37 31.83 -16.79
CA ASP B 74 -1.91 30.53 -17.17
C ASP B 74 -1.13 29.91 -18.31
N SER B 75 -0.69 30.72 -19.28
CA SER B 75 0.09 30.22 -20.40
C SER B 75 1.44 29.65 -19.96
N VAL B 76 2.15 30.38 -19.09
CA VAL B 76 3.45 29.90 -18.64
C VAL B 76 3.31 28.70 -17.70
N LEU B 77 2.24 28.60 -16.92
CA LEU B 77 2.03 27.38 -16.13
C LEU B 77 1.70 26.18 -17.00
N SER B 78 0.89 26.37 -18.04
CA SER B 78 0.54 25.28 -18.94
C SER B 78 1.75 24.80 -19.73
N GLU B 79 2.65 25.73 -20.10
CA GLU B 79 3.88 25.31 -20.78
C GLU B 79 4.83 24.60 -19.82
N ASN B 80 4.89 25.08 -18.56
CA ASN B 80 5.79 24.50 -17.57
C ASN B 80 5.42 23.07 -17.22
N GLN B 81 4.12 22.77 -17.16
CA GLN B 81 3.72 21.40 -16.84
C GLN B 81 4.06 20.44 -17.99
N GLU B 82 3.96 20.91 -19.25
CA GLU B 82 4.44 20.11 -20.38
C GLU B 82 5.94 19.85 -20.29
N HIS B 83 6.70 20.87 -19.89
CA HIS B 83 8.14 20.70 -19.67
C HIS B 83 8.42 19.64 -18.61
N GLU B 84 7.62 19.63 -17.54
CA GLU B 84 7.82 18.66 -16.47
C GLU B 84 7.55 17.23 -16.95
N VAL B 85 6.43 17.00 -17.65
CA VAL B 85 6.11 15.63 -18.06
C VAL B 85 7.09 15.14 -19.14
N GLU B 86 7.56 16.04 -20.02
CA GLU B 86 8.56 15.65 -21.00
C GLU B 86 9.88 15.30 -20.32
N LEU B 87 10.24 16.07 -19.28
CA LEU B 87 11.45 15.80 -18.52
C LEU B 87 11.41 14.44 -17.86
N GLU B 88 10.26 14.09 -17.25
CA GLU B 88 10.17 12.80 -16.57
C GLU B 88 10.24 11.63 -17.54
N LEU B 89 9.50 11.71 -18.66
CA LEU B 89 9.51 10.58 -19.60
C LEU B 89 10.88 10.43 -20.27
N LEU B 90 11.52 11.54 -20.65
CA LEU B 90 12.80 11.40 -21.31
C LEU B 90 13.91 11.03 -20.33
N ARG B 91 13.80 11.44 -19.06
CA ARG B 91 14.76 11.02 -18.05
C ARG B 91 14.70 9.50 -17.86
N GLU B 92 13.48 8.97 -17.67
CA GLU B 92 13.35 7.53 -17.45
C GLU B 92 13.77 6.74 -18.70
N ASP B 93 13.64 7.36 -19.88
CA ASP B 93 14.14 6.72 -21.07
C ASP B 93 15.68 6.73 -21.11
N ASN B 94 16.32 7.75 -20.53
CA ASN B 94 17.78 7.71 -20.36
C ASN B 94 18.22 6.54 -19.48
N GLU B 95 17.58 6.38 -18.30
CA GLU B 95 18.01 5.26 -17.46
C GLU B 95 17.59 3.91 -18.04
N GLN B 96 16.64 3.90 -18.97
CA GLN B 96 16.37 2.64 -19.64
C GLN B 96 17.51 2.32 -20.60
N LEU B 97 17.92 3.33 -21.38
CA LEU B 97 18.95 3.18 -22.41
C LEU B 97 20.29 2.74 -21.86
N LEU B 98 20.69 3.34 -20.74
CA LEU B 98 22.01 3.09 -20.17
C LEU B 98 22.18 1.63 -19.74
N THR B 99 21.23 1.11 -18.96
CA THR B 99 21.31 -0.26 -18.51
C THR B 99 21.06 -1.26 -19.63
N GLN B 100 20.22 -0.91 -20.61
CA GLN B 100 20.03 -1.82 -21.73
C GLN B 100 21.29 -1.96 -22.56
N TYR B 101 21.99 -0.84 -22.80
CA TYR B 101 23.26 -0.89 -23.51
C TYR B 101 24.32 -1.64 -22.72
N GLU B 102 24.34 -1.46 -21.40
CA GLU B 102 25.31 -2.17 -20.57
C GLU B 102 25.09 -3.68 -20.59
N ARG B 103 23.82 -4.10 -20.48
CA ARG B 103 23.47 -5.51 -20.56
C ARG B 103 23.82 -6.09 -21.93
N GLU B 104 23.58 -5.31 -22.98
CA GLU B 104 23.87 -5.77 -24.34
C GLU B 104 25.36 -5.89 -24.60
N LYS B 105 26.16 -4.96 -24.06
CA LYS B 105 27.62 -5.08 -24.14
C LYS B 105 28.11 -6.32 -23.41
N ALA B 106 27.57 -6.58 -22.22
CA ALA B 106 27.97 -7.76 -21.46
C ALA B 106 27.62 -9.05 -22.19
N LEU B 107 26.46 -9.11 -22.84
CA LEU B 107 26.11 -10.33 -23.54
C LEU B 107 26.80 -10.43 -24.89
N ARG B 108 27.35 -9.33 -25.42
CA ARG B 108 28.28 -9.45 -26.53
C ARG B 108 29.62 -10.03 -26.09
N ARG B 109 30.09 -9.63 -24.90
CA ARG B 109 31.32 -10.21 -24.35
C ARG B 109 31.16 -11.71 -24.12
N GLN B 110 30.00 -12.11 -23.58
CA GLN B 110 29.73 -13.53 -23.39
C GLN B 110 29.67 -14.31 -24.69
N ALA B 111 29.31 -13.66 -25.80
CA ALA B 111 29.51 -14.28 -27.09
C ALA B 111 30.98 -14.30 -27.50
N GLU B 112 31.78 -13.35 -27.03
CA GLU B 112 33.13 -13.19 -27.54
C GLU B 112 34.23 -13.96 -26.80
N GLU B 113 33.97 -14.53 -25.61
CA GLU B 113 34.93 -15.54 -25.14
C GLU B 113 34.48 -16.98 -25.35
N LYS B 114 33.18 -17.25 -25.50
CA LYS B 114 32.74 -18.60 -25.82
C LYS B 114 33.20 -19.00 -27.22
N PHE B 115 33.22 -18.04 -28.14
CA PHE B 115 33.86 -18.20 -29.45
C PHE B 115 35.32 -18.66 -29.29
N ILE B 116 36.09 -17.99 -28.45
CA ILE B 116 37.51 -18.30 -28.31
C ILE B 116 37.72 -19.67 -27.71
N GLU B 117 36.97 -20.00 -26.64
CA GLU B 117 37.12 -21.29 -25.97
C GLU B 117 36.72 -22.45 -26.89
N PHE B 118 35.59 -22.30 -27.59
CA PHE B 118 35.16 -23.31 -28.55
C PHE B 118 36.18 -23.46 -29.67
N GLU B 119 36.72 -22.31 -30.13
CA GLU B 119 37.64 -22.28 -31.25
C GLU B 119 38.91 -23.05 -30.95
N ASP B 120 39.59 -22.71 -29.84
CA ASP B 120 40.89 -23.35 -29.64
C ASP B 120 40.73 -24.78 -29.15
N ALA B 121 39.63 -25.08 -28.44
CA ALA B 121 39.40 -26.46 -28.02
C ALA B 121 39.15 -27.38 -29.22
N LEU B 122 38.23 -27.00 -30.11
CA LEU B 122 37.92 -27.91 -31.20
C LEU B 122 38.97 -27.81 -32.32
N GLU B 123 39.77 -26.75 -32.33
CA GLU B 123 40.91 -26.72 -33.24
C GLU B 123 42.00 -27.66 -32.77
N GLN B 124 42.23 -27.76 -31.45
CA GLN B 124 43.18 -28.74 -30.95
C GLN B 124 42.69 -30.17 -31.20
N GLU B 125 41.39 -30.39 -31.07
CA GLU B 125 40.86 -31.72 -31.34
C GLU B 125 40.91 -32.07 -32.83
N LYS B 126 40.63 -31.11 -33.72
CA LYS B 126 40.76 -31.42 -35.13
C LYS B 126 42.23 -31.57 -35.54
N LYS B 127 43.15 -30.91 -34.83
CA LYS B 127 44.56 -31.07 -35.15
C LYS B 127 45.06 -32.44 -34.71
N GLU B 128 44.64 -32.92 -33.53
CA GLU B 128 45.04 -34.26 -33.11
C GLU B 128 44.40 -35.32 -34.01
N LEU B 129 43.18 -35.07 -34.49
CA LEU B 129 42.55 -35.95 -35.46
C LEU B 129 43.32 -35.97 -36.77
N GLN B 130 43.80 -34.80 -37.21
CA GLN B 130 44.56 -34.69 -38.45
C GLN B 130 45.88 -35.44 -38.37
N ILE B 131 46.59 -35.33 -37.24
CA ILE B 131 47.91 -35.97 -37.18
C ILE B 131 47.71 -37.48 -36.98
N GLN B 132 46.64 -37.90 -36.31
CA GLN B 132 46.42 -39.34 -36.15
C GLN B 132 45.94 -39.97 -37.46
N VAL B 133 45.29 -39.19 -38.33
CA VAL B 133 44.92 -39.75 -39.63
C VAL B 133 46.07 -39.63 -40.62
N GLU B 134 47.05 -38.77 -40.33
CA GLU B 134 48.21 -38.65 -41.21
C GLU B 134 49.16 -39.82 -41.03
N HIS B 135 49.30 -40.31 -39.80
CA HIS B 135 50.20 -41.42 -39.54
C HIS B 135 49.46 -42.75 -39.74
N VAL C 560 32.03 -84.19 -18.86
CA VAL C 560 31.16 -83.24 -18.18
C VAL C 560 30.46 -82.35 -19.19
N GLU C 561 30.96 -82.36 -20.43
CA GLU C 561 30.33 -81.60 -21.51
C GLU C 561 28.97 -82.19 -21.85
N THR C 562 28.86 -83.52 -21.77
CA THR C 562 27.57 -84.19 -21.97
C THR C 562 26.54 -83.78 -20.92
N ARG C 563 26.98 -83.65 -19.66
CA ARG C 563 26.10 -83.16 -18.61
C ARG C 563 25.68 -81.71 -18.84
N ILE C 564 26.59 -80.89 -19.36
CA ILE C 564 26.30 -79.49 -19.65
C ILE C 564 25.24 -79.38 -20.75
N THR C 565 25.42 -80.16 -21.83
CA THR C 565 24.44 -80.14 -22.91
C THR C 565 23.11 -80.74 -22.49
N ALA C 566 23.13 -81.77 -21.63
CA ALA C 566 21.89 -82.34 -21.12
C ALA C 566 21.13 -81.36 -20.25
N ARG C 567 21.84 -80.60 -19.40
CA ARG C 567 21.16 -79.59 -18.60
C ARG C 567 20.70 -78.42 -19.46
N LEU C 568 21.37 -78.15 -20.59
CA LEU C 568 20.87 -77.14 -21.51
C LEU C 568 19.58 -77.61 -22.19
N ARG C 569 19.53 -78.89 -22.58
CA ARG C 569 18.31 -79.48 -23.14
C ARG C 569 17.18 -79.46 -22.12
N ASP C 570 17.50 -79.62 -20.84
CA ASP C 570 16.48 -79.45 -19.80
C ASP C 570 16.04 -78.00 -19.66
N GLN C 571 16.97 -77.05 -19.85
CA GLN C 571 16.65 -75.65 -19.63
C GLN C 571 15.77 -75.07 -20.73
N LEU C 572 16.05 -75.40 -21.99
CA LEU C 572 15.23 -74.86 -23.07
C LEU C 572 13.87 -75.51 -23.19
N GLY C 573 13.60 -76.59 -22.45
CA GLY C 573 12.24 -77.07 -22.32
C GLY C 573 11.34 -76.07 -21.62
N THR C 574 11.90 -75.30 -20.69
CA THR C 574 11.19 -74.25 -19.99
C THR C 574 11.25 -72.90 -20.71
N ALA C 575 11.92 -72.82 -21.86
CA ALA C 575 12.09 -71.55 -22.57
C ALA C 575 10.87 -71.30 -23.45
N LYS C 576 10.25 -70.13 -23.28
CA LYS C 576 9.03 -69.79 -23.99
C LYS C 576 9.19 -68.55 -24.86
N ASN C 577 9.79 -67.48 -24.32
CA ASN C 577 10.00 -66.26 -25.07
C ASN C 577 11.40 -66.26 -25.69
N ALA C 578 11.57 -65.42 -26.72
CA ALA C 578 12.87 -65.27 -27.35
C ALA C 578 13.86 -64.58 -26.42
N ASN C 579 13.37 -63.69 -25.56
CA ASN C 579 14.23 -63.03 -24.58
C ASN C 579 14.74 -64.01 -23.55
N GLU C 580 13.88 -64.94 -23.11
CA GLU C 580 14.31 -65.97 -22.17
C GLU C 580 15.35 -66.89 -22.79
N MET C 581 15.12 -67.31 -24.05
CA MET C 581 16.05 -68.19 -24.73
C MET C 581 17.37 -67.49 -25.00
N PHE C 582 17.33 -66.19 -25.27
CA PHE C 582 18.56 -65.45 -25.52
C PHE C 582 19.31 -65.17 -24.23
N ARG C 583 18.59 -64.98 -23.13
CA ARG C 583 19.24 -64.79 -21.83
C ARG C 583 19.78 -66.09 -21.28
N ILE C 584 19.24 -67.23 -21.70
CA ILE C 584 19.78 -68.51 -21.26
C ILE C 584 20.84 -69.04 -22.22
N PHE C 585 20.90 -68.52 -23.44
CA PHE C 585 22.01 -68.86 -24.33
C PHE C 585 23.23 -68.00 -24.05
N SER C 586 23.02 -66.76 -23.62
CA SER C 586 24.12 -65.91 -23.20
C SER C 586 24.66 -66.28 -21.82
N ARG C 587 23.96 -67.16 -21.09
CA ARG C 587 24.51 -67.68 -19.85
C ARG C 587 25.76 -68.53 -20.10
N PHE C 588 25.71 -69.41 -21.09
CA PHE C 588 26.88 -70.19 -21.48
C PHE C 588 27.66 -69.51 -22.59
N ASN C 589 28.05 -68.26 -22.35
CA ASN C 589 28.68 -67.48 -23.42
C ASN C 589 30.11 -67.92 -23.70
N ALA C 590 30.81 -68.42 -22.69
CA ALA C 590 32.22 -68.77 -22.84
C ALA C 590 32.44 -70.14 -23.46
N LEU C 591 31.38 -70.91 -23.71
CA LEU C 591 31.51 -72.25 -24.27
C LEU C 591 30.95 -72.36 -25.68
N PHE C 592 30.93 -71.25 -26.41
CA PHE C 592 30.38 -71.28 -27.76
C PHE C 592 31.38 -71.82 -28.79
N VAL C 593 32.61 -72.10 -28.39
CA VAL C 593 33.62 -72.59 -29.33
C VAL C 593 33.73 -74.10 -29.34
N ARG C 594 33.24 -74.79 -28.32
CA ARG C 594 33.35 -76.24 -28.26
C ARG C 594 32.33 -76.87 -29.20
N PRO C 595 32.75 -77.81 -30.08
CA PRO C 595 31.85 -78.38 -31.10
C PRO C 595 31.00 -79.54 -30.60
N HIS C 596 30.37 -79.37 -29.46
CA HIS C 596 29.42 -80.31 -28.90
C HIS C 596 28.09 -79.65 -28.56
N ILE C 597 28.12 -78.39 -28.11
CA ILE C 597 26.90 -77.62 -27.88
C ILE C 597 26.35 -77.06 -29.18
N ARG C 598 27.16 -77.03 -30.24
CA ARG C 598 26.73 -76.50 -31.53
C ARG C 598 25.64 -77.34 -32.16
N GLY C 599 25.67 -78.66 -31.95
CA GLY C 599 24.60 -79.52 -32.42
C GLY C 599 23.29 -79.26 -31.72
N ALA C 600 23.33 -79.00 -30.41
CA ALA C 600 22.13 -78.64 -29.67
C ALA C 600 21.62 -77.27 -30.10
N ILE C 601 22.54 -76.38 -30.45
CA ILE C 601 22.15 -75.08 -31.01
C ILE C 601 21.45 -75.26 -32.34
N ARG C 602 21.99 -76.13 -33.20
CA ARG C 602 21.41 -76.37 -34.52
C ARG C 602 20.08 -77.13 -34.42
N GLU C 603 19.91 -77.93 -33.37
CA GLU C 603 18.63 -78.60 -33.16
C GLU C 603 17.54 -77.61 -32.77
N TYR C 604 17.89 -76.63 -31.93
CA TYR C 604 16.96 -75.60 -31.52
C TYR C 604 17.03 -74.37 -32.42
N GLN C 605 17.73 -74.46 -33.56
CA GLN C 605 17.90 -73.31 -34.43
C GLN C 605 16.59 -72.89 -35.05
N THR C 606 15.79 -73.85 -35.52
CA THR C 606 14.54 -73.54 -36.23
C THR C 606 13.53 -72.84 -35.33
N GLN C 607 13.41 -73.29 -34.07
CA GLN C 607 12.51 -72.63 -33.13
C GLN C 607 12.97 -71.22 -32.82
N LEU C 608 14.28 -71.01 -32.73
CA LEU C 608 14.81 -69.69 -32.42
C LEU C 608 14.62 -68.73 -33.59
N ILE C 609 14.78 -69.21 -34.83
CA ILE C 609 14.43 -68.41 -36.01
C ILE C 609 12.95 -68.08 -36.04
N GLN C 610 12.09 -69.06 -35.72
CA GLN C 610 10.64 -68.81 -35.75
C GLN C 610 10.23 -67.78 -34.70
N ARG C 611 10.80 -67.89 -33.50
CA ARG C 611 10.49 -66.94 -32.43
C ARG C 611 11.05 -65.55 -32.73
N VAL C 612 12.26 -65.48 -33.30
CA VAL C 612 12.84 -64.20 -33.68
C VAL C 612 12.00 -63.55 -34.77
N LYS C 613 11.57 -64.33 -35.77
CA LYS C 613 10.73 -63.81 -36.85
C LYS C 613 9.38 -63.32 -36.31
N ASP C 614 8.83 -64.03 -35.32
CA ASP C 614 7.62 -63.54 -34.64
C ASP C 614 7.88 -62.23 -33.92
N ASP C 615 9.07 -62.04 -33.38
CA ASP C 615 9.35 -60.83 -32.63
C ASP C 615 9.57 -59.65 -33.60
N ILE C 616 10.22 -59.89 -34.73
CA ILE C 616 10.34 -58.84 -35.75
C ILE C 616 8.99 -58.50 -36.36
N GLU C 617 8.11 -59.49 -36.52
CA GLU C 617 6.79 -59.14 -37.04
C GLU C 617 5.95 -58.44 -35.99
N SER C 618 6.24 -58.66 -34.71
CA SER C 618 5.63 -57.85 -33.66
C SER C 618 6.12 -56.41 -33.73
N LEU C 619 7.42 -56.21 -33.98
CA LEU C 619 7.96 -54.87 -34.16
C LEU C 619 7.39 -54.20 -35.39
N HIS C 620 7.22 -54.97 -36.46
CA HIS C 620 6.60 -54.46 -37.68
C HIS C 620 5.16 -54.05 -37.44
N ASP C 621 4.40 -54.87 -36.72
CA ASP C 621 3.00 -54.57 -36.43
C ASP C 621 2.87 -53.38 -35.49
N LYS C 622 3.86 -53.18 -34.61
CA LYS C 622 3.95 -51.95 -33.85
C LYS C 622 4.17 -50.76 -34.77
N PHE C 623 4.98 -50.95 -35.81
CA PHE C 623 5.27 -49.87 -36.73
C PHE C 623 4.14 -49.59 -37.72
N LYS C 624 3.22 -50.54 -37.94
CA LYS C 624 2.13 -50.32 -38.90
C LYS C 624 1.21 -49.19 -38.48
N VAL C 625 0.92 -49.06 -37.19
CA VAL C 625 0.31 -47.85 -36.69
C VAL C 625 1.34 -46.72 -36.83
N GLN C 626 0.92 -45.61 -37.40
CA GLN C 626 1.83 -44.52 -37.71
C GLN C 626 2.15 -43.75 -36.43
N TYR C 627 2.92 -42.66 -36.57
CA TYR C 627 3.20 -41.83 -35.39
C TYR C 627 1.97 -41.14 -34.81
N PRO C 628 1.19 -40.33 -35.56
CA PRO C 628 0.12 -39.58 -34.88
C PRO C 628 -1.07 -40.43 -34.46
N GLN C 629 -1.14 -41.68 -34.89
CA GLN C 629 -2.21 -42.58 -34.46
C GLN C 629 -1.81 -43.41 -33.24
N SER C 630 -0.59 -43.27 -32.76
CA SER C 630 -0.11 -44.02 -31.61
C SER C 630 -0.15 -43.17 -30.36
N GLN C 631 -0.08 -43.84 -29.20
CA GLN C 631 -0.05 -43.11 -27.94
C GLN C 631 1.29 -42.44 -27.71
N ALA C 632 2.34 -42.95 -28.38
CA ALA C 632 3.69 -42.44 -28.18
C ALA C 632 3.79 -40.97 -28.57
N CYS C 633 3.18 -40.60 -29.69
CA CYS C 633 3.14 -39.18 -30.08
C CYS C 633 2.31 -38.35 -29.12
N LYS C 634 1.15 -38.88 -28.71
CA LYS C 634 0.21 -38.03 -27.98
C LYS C 634 0.63 -37.84 -26.53
N MET C 635 1.56 -38.65 -26.04
CA MET C 635 2.07 -38.39 -24.70
C MET C 635 3.57 -38.08 -24.70
N SER C 636 4.23 -38.13 -25.85
CA SER C 636 5.50 -37.44 -25.97
C SER C 636 5.31 -35.96 -26.19
N HIS C 637 4.16 -35.58 -26.76
CA HIS C 637 3.75 -34.18 -26.80
C HIS C 637 3.54 -33.66 -25.39
N VAL C 638 3.09 -34.53 -24.48
CA VAL C 638 2.99 -34.18 -23.07
C VAL C 638 4.38 -33.90 -22.50
N ARG C 639 5.36 -34.73 -22.85
CA ARG C 639 6.71 -34.60 -22.33
C ARG C 639 7.57 -33.62 -23.13
N ASP C 640 6.93 -32.70 -23.85
CA ASP C 640 7.56 -31.61 -24.60
C ASP C 640 8.51 -32.19 -25.66
N LEU C 641 7.88 -32.79 -26.67
CA LEU C 641 8.59 -33.21 -27.87
C LEU C 641 7.79 -32.77 -29.09
N PRO C 642 8.40 -32.05 -30.02
CA PRO C 642 7.73 -31.76 -31.28
C PRO C 642 7.53 -33.04 -32.07
N PRO C 643 6.49 -33.12 -32.91
CA PRO C 643 6.12 -34.42 -33.49
C PRO C 643 7.10 -34.95 -34.53
N VAL C 644 7.80 -34.07 -35.23
CA VAL C 644 8.78 -34.54 -36.21
C VAL C 644 9.97 -35.19 -35.53
N SER C 645 10.49 -34.53 -34.48
CA SER C 645 11.61 -35.10 -33.73
C SER C 645 11.17 -36.35 -32.98
N GLY C 646 9.92 -36.39 -32.53
CA GLY C 646 9.39 -37.59 -31.92
C GLY C 646 9.30 -38.74 -32.90
N SER C 647 8.89 -38.46 -34.14
CA SER C 647 8.83 -39.50 -35.16
C SER C 647 10.22 -40.00 -35.53
N ILE C 648 11.18 -39.09 -35.60
CA ILE C 648 12.55 -39.45 -35.93
C ILE C 648 13.14 -40.32 -34.83
N ILE C 649 12.91 -39.96 -33.57
CA ILE C 649 13.47 -40.76 -32.50
C ILE C 649 12.68 -42.06 -32.31
N TRP C 650 11.42 -42.08 -32.76
CA TRP C 650 10.65 -43.31 -32.79
C TRP C 650 11.25 -44.32 -33.76
N ALA C 651 11.52 -43.86 -34.99
CA ALA C 651 12.13 -44.74 -35.99
C ALA C 651 13.54 -45.14 -35.59
N LYS C 652 14.28 -44.22 -34.96
CA LYS C 652 15.62 -44.54 -34.48
C LYS C 652 15.58 -45.59 -33.38
N GLN C 653 14.57 -45.56 -32.52
CA GLN C 653 14.48 -46.58 -31.50
C GLN C 653 14.08 -47.93 -32.07
N ILE C 654 13.19 -47.92 -33.06
CA ILE C 654 12.76 -49.18 -33.67
C ILE C 654 13.92 -49.86 -34.39
N ASP C 655 14.67 -49.11 -35.20
CA ASP C 655 15.76 -49.80 -35.89
C ASP C 655 16.97 -50.02 -34.98
N ARG C 656 17.09 -49.27 -33.87
CA ARG C 656 18.08 -49.62 -32.86
C ARG C 656 17.78 -50.97 -32.23
N GLN C 657 16.50 -51.22 -31.94
CA GLN C 657 16.09 -52.55 -31.46
C GLN C 657 16.33 -53.61 -32.52
N LEU C 658 16.12 -53.25 -33.79
CA LEU C 658 16.35 -54.17 -34.89
C LEU C 658 17.81 -54.60 -34.99
N THR C 659 18.74 -53.64 -34.94
CA THR C 659 20.15 -54.04 -35.05
C THR C 659 20.63 -54.70 -33.76
N ALA C 660 20.02 -54.38 -32.60
CA ALA C 660 20.35 -55.10 -31.39
C ALA C 660 19.94 -56.57 -31.50
N TYR C 661 18.75 -56.82 -32.05
CA TYR C 661 18.30 -58.19 -32.29
C TYR C 661 19.19 -58.89 -33.28
N MET C 662 19.62 -58.18 -34.33
CA MET C 662 20.45 -58.75 -35.37
C MET C 662 21.82 -59.15 -34.82
N LYS C 663 22.40 -58.27 -33.99
CA LYS C 663 23.71 -58.54 -33.42
C LYS C 663 23.63 -59.66 -32.39
N ARG C 664 22.53 -59.71 -31.64
CA ARG C 664 22.35 -60.79 -30.66
C ARG C 664 22.20 -62.14 -31.34
N VAL C 665 21.38 -62.21 -32.40
CA VAL C 665 21.14 -63.47 -33.09
C VAL C 665 22.39 -63.93 -33.84
N GLU C 666 23.19 -62.98 -34.36
CA GLU C 666 24.45 -63.35 -34.98
C GLU C 666 25.46 -63.80 -33.94
N ASP C 667 25.41 -63.23 -32.74
CA ASP C 667 26.34 -63.64 -31.69
C ASP C 667 26.03 -65.04 -31.18
N VAL C 668 24.75 -65.41 -31.09
CA VAL C 668 24.47 -66.76 -30.60
C VAL C 668 24.64 -67.79 -31.71
N LEU C 669 24.15 -67.51 -32.92
CA LEU C 669 24.22 -68.49 -33.98
C LEU C 669 25.57 -68.54 -34.68
N GLY C 670 26.47 -67.59 -34.39
CA GLY C 670 27.77 -67.57 -35.03
C GLY C 670 27.72 -66.96 -36.42
N LYS C 671 28.89 -66.66 -36.94
CA LYS C 671 29.02 -66.02 -38.24
C LYS C 671 28.82 -67.05 -39.34
N GLY C 672 27.86 -66.80 -40.23
CA GLY C 672 27.62 -67.70 -41.34
C GLY C 672 26.23 -68.29 -41.36
N TRP C 673 25.24 -67.58 -40.83
CA TRP C 673 23.85 -68.02 -40.92
C TRP C 673 23.16 -67.51 -42.18
N GLU C 674 23.89 -66.85 -43.08
CA GLU C 674 23.28 -66.26 -44.28
C GLU C 674 22.91 -67.32 -45.30
N ASN C 675 23.69 -68.40 -45.39
CA ASN C 675 23.50 -69.41 -46.43
C ASN C 675 22.21 -70.22 -46.26
N HIS C 676 21.68 -70.31 -45.05
CA HIS C 676 20.43 -71.03 -44.83
C HIS C 676 19.26 -70.26 -45.44
N VAL C 677 18.21 -71.01 -45.78
CA VAL C 677 17.03 -70.41 -46.40
C VAL C 677 16.28 -69.54 -45.39
N GLU C 678 16.14 -70.03 -44.15
CA GLU C 678 15.54 -69.23 -43.09
C GLU C 678 16.38 -68.00 -42.77
N GLY C 679 17.70 -68.16 -42.78
CA GLY C 679 18.59 -67.04 -42.54
C GLY C 679 18.50 -65.96 -43.61
N GLN C 680 18.46 -66.39 -44.88
CA GLN C 680 18.38 -65.41 -45.95
C GLN C 680 16.99 -64.77 -46.04
N LYS C 681 15.92 -65.50 -45.69
CA LYS C 681 14.61 -64.85 -45.71
C LYS C 681 14.42 -63.92 -44.51
N LEU C 682 15.00 -64.24 -43.35
CA LEU C 682 14.96 -63.31 -42.23
C LEU C 682 15.84 -62.10 -42.49
N LYS C 683 16.96 -62.28 -43.20
CA LYS C 683 17.79 -61.16 -43.61
C LYS C 683 17.04 -60.26 -44.59
N GLN C 684 16.28 -60.87 -45.51
CA GLN C 684 15.45 -60.11 -46.43
C GLN C 684 14.36 -59.33 -45.69
N ASP C 685 13.75 -59.95 -44.67
CA ASP C 685 12.74 -59.27 -43.85
C ASP C 685 13.33 -58.10 -43.09
N GLY C 686 14.51 -58.29 -42.49
CA GLY C 686 15.15 -57.19 -41.76
C GLY C 686 15.59 -56.06 -42.67
N ASP C 687 16.10 -56.40 -43.86
CA ASP C 687 16.48 -55.38 -44.82
C ASP C 687 15.27 -54.61 -45.31
N SER C 688 14.18 -55.31 -45.67
CA SER C 688 12.96 -54.63 -46.11
C SER C 688 12.34 -53.80 -44.99
N PHE C 689 12.59 -54.18 -43.74
CA PHE C 689 12.22 -53.32 -42.63
C PHE C 689 13.19 -52.15 -42.46
N ARG C 690 14.38 -52.21 -43.06
CA ARG C 690 15.35 -51.15 -42.78
C ARG C 690 15.07 -49.88 -43.60
N MET C 691 15.14 -49.92 -44.93
CA MET C 691 14.96 -48.65 -45.64
C MET C 691 13.50 -48.29 -45.86
N LYS C 692 12.54 -49.13 -45.42
CA LYS C 692 11.18 -48.65 -45.31
C LYS C 692 10.99 -47.75 -44.09
N LEU C 693 11.97 -47.73 -43.19
CA LEU C 693 11.93 -47.02 -41.93
C LEU C 693 13.07 -46.01 -41.87
N ASN C 694 13.39 -45.45 -43.03
CA ASN C 694 14.45 -44.45 -43.14
C ASN C 694 14.03 -43.13 -42.49
N THR C 695 15.00 -42.44 -41.93
CA THR C 695 14.74 -41.20 -41.19
C THR C 695 15.19 -39.95 -41.92
N GLN C 696 15.97 -40.08 -43.00
CA GLN C 696 16.54 -38.90 -43.63
C GLN C 696 15.50 -38.11 -44.42
N GLU C 697 14.59 -38.81 -45.09
CA GLU C 697 13.63 -38.15 -45.96
C GLU C 697 12.61 -37.34 -45.17
N ILE C 698 12.30 -37.76 -43.92
CA ILE C 698 11.46 -36.96 -43.05
C ILE C 698 12.17 -35.66 -42.70
N PHE C 699 13.47 -35.75 -42.42
CA PHE C 699 14.26 -34.58 -42.07
C PHE C 699 14.35 -33.60 -43.23
N ASP C 700 14.63 -34.09 -44.44
CA ASP C 700 14.73 -33.14 -45.54
C ASP C 700 13.38 -32.63 -46.01
N ASP C 701 12.31 -33.40 -45.83
CA ASP C 701 10.97 -32.90 -46.12
C ASP C 701 10.60 -31.77 -45.17
N TRP C 702 10.90 -31.95 -43.87
CA TRP C 702 10.65 -30.90 -42.90
C TRP C 702 11.50 -29.67 -43.17
N ALA C 703 12.76 -29.88 -43.56
CA ALA C 703 13.64 -28.76 -43.87
C ALA C 703 13.17 -28.01 -45.10
N ARG C 704 12.66 -28.73 -46.10
CA ARG C 704 12.10 -28.08 -47.28
C ARG C 704 10.87 -27.27 -46.94
N LYS C 705 10.00 -27.80 -46.05
CA LYS C 705 8.80 -27.07 -45.68
C LYS C 705 9.13 -25.82 -44.86
N VAL C 706 10.11 -25.91 -43.97
CA VAL C 706 10.49 -24.75 -43.18
C VAL C 706 11.17 -23.70 -44.05
N GLN C 707 12.08 -24.12 -44.93
CA GLN C 707 12.72 -23.20 -45.85
C GLN C 707 11.82 -22.74 -46.99
N GLN C 708 10.64 -23.32 -47.13
CA GLN C 708 9.62 -22.80 -48.02
C GLN C 708 8.73 -21.78 -47.32
N ARG C 709 8.37 -22.05 -46.06
CA ARG C 709 7.42 -21.19 -45.35
C ARG C 709 8.04 -19.85 -44.98
N ASN C 710 9.32 -19.84 -44.58
CA ASN C 710 10.09 -18.64 -44.22
C ASN C 710 9.45 -17.88 -43.05
N LEU C 711 9.52 -18.52 -41.90
CA LEU C 711 9.15 -17.93 -40.62
C LEU C 711 10.12 -16.81 -40.22
N GLY C 712 9.84 -16.21 -39.08
CA GLY C 712 10.62 -15.11 -38.57
C GLY C 712 9.69 -14.13 -37.89
N VAL C 713 10.20 -13.48 -36.86
CA VAL C 713 9.41 -12.56 -36.04
C VAL C 713 9.83 -11.12 -36.37
N SER C 714 8.87 -10.34 -36.85
CA SER C 714 9.09 -8.93 -37.16
C SER C 714 7.79 -8.18 -36.93
N GLY C 715 7.79 -6.90 -37.26
CA GLY C 715 6.59 -6.12 -37.11
C GLY C 715 6.32 -5.78 -35.65
N ARG C 716 5.11 -5.26 -35.42
CA ARG C 716 4.77 -4.87 -34.07
C ARG C 716 4.23 -6.06 -33.29
N ILE C 717 4.23 -5.93 -31.96
CA ILE C 717 4.05 -7.08 -31.08
C ILE C 717 2.63 -7.61 -31.12
N PHE C 718 1.63 -6.74 -31.29
CA PHE C 718 0.26 -7.18 -31.26
C PHE C 718 -0.29 -7.37 -32.67
N THR C 719 -1.43 -8.03 -32.75
CA THR C 719 -2.00 -8.45 -34.02
C THR C 719 -3.50 -8.64 -33.82
N ILE C 720 -4.30 -7.93 -34.60
CA ILE C 720 -5.75 -7.94 -34.47
C ILE C 720 -6.30 -8.64 -35.70
N GLU C 721 -6.72 -9.89 -35.55
CA GLU C 721 -7.36 -10.62 -36.62
C GLU C 721 -8.84 -10.84 -36.32
N SER C 722 -9.59 -11.07 -37.40
CA SER C 722 -11.05 -11.19 -37.35
C SER C 722 -11.45 -12.58 -37.79
N THR C 723 -12.14 -13.31 -36.92
CA THR C 723 -12.66 -14.62 -37.25
C THR C 723 -14.18 -14.60 -37.14
N ARG C 724 -14.83 -15.43 -37.96
CA ARG C 724 -16.26 -15.64 -37.84
C ARG C 724 -16.52 -16.71 -36.78
N VAL C 725 -17.16 -16.32 -35.69
CA VAL C 725 -17.37 -17.20 -34.55
C VAL C 725 -18.79 -17.74 -34.59
N ARG C 726 -18.93 -19.04 -34.35
CA ARG C 726 -20.24 -19.68 -34.32
C ARG C 726 -21.08 -19.17 -33.16
N GLY C 727 -22.38 -19.03 -33.40
CA GLY C 727 -23.28 -18.43 -32.44
C GLY C 727 -23.41 -16.93 -32.54
N ARG C 728 -22.54 -16.28 -33.30
CA ARG C 728 -22.59 -14.84 -33.52
C ARG C 728 -22.63 -14.58 -35.02
N THR C 729 -23.61 -13.79 -35.46
CA THR C 729 -23.81 -13.56 -36.88
C THR C 729 -22.69 -12.71 -37.47
N GLY C 730 -22.35 -11.62 -36.80
CA GLY C 730 -21.19 -10.85 -37.20
C GLY C 730 -19.90 -11.55 -36.84
N ASN C 731 -18.82 -11.12 -37.50
CA ASN C 731 -17.50 -11.60 -37.12
C ASN C 731 -17.07 -10.96 -35.81
N VAL C 732 -16.40 -11.74 -34.97
CA VAL C 732 -15.83 -11.24 -33.74
C VAL C 732 -14.33 -11.22 -33.91
N LEU C 733 -13.74 -10.04 -33.80
CA LEU C 733 -12.31 -9.86 -34.03
C LEU C 733 -11.60 -9.74 -32.69
N LYS C 734 -10.47 -10.44 -32.58
CA LYS C 734 -9.80 -10.63 -31.31
C LYS C 734 -8.36 -10.12 -31.38
N LEU C 735 -7.68 -10.20 -30.25
CA LEU C 735 -6.31 -9.70 -30.11
C LEU C 735 -5.40 -10.88 -29.86
N LYS C 736 -4.32 -10.97 -30.65
CA LYS C 736 -3.34 -12.02 -30.51
C LYS C 736 -1.94 -11.43 -30.61
N VAL C 737 -0.98 -12.14 -30.07
CA VAL C 737 0.40 -11.66 -30.02
C VAL C 737 1.15 -12.18 -31.24
N ASN C 738 1.89 -11.29 -31.91
CA ASN C 738 2.57 -11.61 -33.17
C ASN C 738 3.77 -12.52 -32.91
N PHE C 739 3.45 -13.76 -32.57
CA PHE C 739 4.45 -14.80 -32.30
C PHE C 739 3.74 -16.14 -32.54
N LEU C 740 3.97 -16.72 -33.70
CA LEU C 740 3.28 -17.95 -34.04
C LEU C 740 3.84 -19.11 -33.22
N PRO C 741 3.00 -20.09 -32.87
CA PRO C 741 3.51 -21.30 -32.21
C PRO C 741 4.44 -22.12 -33.07
N GLU C 742 4.36 -21.96 -34.40
CA GLU C 742 5.29 -22.62 -35.30
C GLU C 742 6.72 -22.13 -35.08
N ILE C 743 6.90 -20.89 -34.65
CA ILE C 743 8.21 -20.37 -34.28
C ILE C 743 8.77 -21.13 -33.08
N ILE C 744 7.94 -21.37 -32.08
CA ILE C 744 8.39 -22.04 -30.87
C ILE C 744 8.67 -23.51 -31.13
N THR C 745 7.83 -24.16 -31.94
CA THR C 745 8.11 -25.54 -32.33
C THR C 745 9.33 -25.63 -33.22
N LEU C 746 9.60 -24.60 -34.03
CA LEU C 746 10.83 -24.57 -34.81
C LEU C 746 12.05 -24.46 -33.91
N SER C 747 11.95 -23.68 -32.84
CA SER C 747 13.05 -23.59 -31.89
C SER C 747 13.30 -24.92 -31.20
N LYS C 748 12.21 -25.61 -30.81
CA LYS C 748 12.34 -26.93 -30.21
C LYS C 748 12.95 -27.93 -31.19
N GLU C 749 12.54 -27.87 -32.46
CA GLU C 749 13.04 -28.81 -33.46
C GLU C 749 14.51 -28.57 -33.78
N VAL C 750 14.92 -27.29 -33.81
CA VAL C 750 16.33 -26.98 -34.07
C VAL C 750 17.19 -27.44 -32.90
N ARG C 751 16.72 -27.20 -31.66
CA ARG C 751 17.46 -27.69 -30.50
C ARG C 751 17.45 -29.20 -30.40
N ASN C 752 16.48 -29.87 -31.01
CA ASN C 752 16.44 -31.33 -30.97
C ASN C 752 17.32 -31.95 -32.03
N LEU C 753 17.16 -31.54 -33.29
CA LEU C 753 17.81 -32.21 -34.40
C LEU C 753 19.30 -31.90 -34.50
N LYS C 754 19.75 -30.80 -33.88
CA LYS C 754 21.16 -30.46 -33.92
C LYS C 754 21.99 -31.48 -33.14
N TRP C 755 21.44 -31.97 -32.03
CA TRP C 755 22.13 -33.01 -31.27
C TRP C 755 22.06 -34.36 -31.98
N LEU C 756 21.05 -34.57 -32.82
CA LEU C 756 20.90 -35.81 -33.56
C LEU C 756 21.88 -35.97 -34.71
N GLY C 757 22.77 -35.01 -34.95
CA GLY C 757 23.70 -35.11 -36.04
C GLY C 757 23.13 -34.78 -37.41
N PHE C 758 21.95 -34.17 -37.45
CA PHE C 758 21.30 -33.84 -38.72
C PHE C 758 21.64 -32.39 -39.04
N ARG C 759 22.23 -32.16 -40.20
CA ARG C 759 22.74 -30.83 -40.52
C ARG C 759 21.59 -29.91 -40.92
N VAL C 760 21.45 -28.80 -40.21
CA VAL C 760 20.40 -27.82 -40.47
C VAL C 760 21.01 -26.61 -41.15
N PRO C 761 20.27 -25.93 -42.04
CA PRO C 761 20.84 -24.78 -42.76
C PRO C 761 21.03 -23.59 -41.84
N LEU C 762 21.86 -22.64 -42.30
CA LEU C 762 22.29 -21.52 -41.48
C LEU C 762 21.15 -20.53 -41.22
N ALA C 763 20.27 -20.32 -42.20
CA ALA C 763 19.15 -19.42 -42.00
C ALA C 763 18.17 -19.97 -40.97
N ILE C 764 18.04 -21.29 -40.90
CA ILE C 764 17.15 -21.91 -39.93
C ILE C 764 17.70 -21.72 -38.52
N VAL C 765 19.01 -21.91 -38.34
CA VAL C 765 19.64 -21.68 -37.05
C VAL C 765 19.58 -20.20 -36.68
N ASN C 766 19.71 -19.31 -37.67
CA ASN C 766 19.60 -17.88 -37.42
C ASN C 766 18.21 -17.49 -36.94
N LYS C 767 17.17 -18.04 -37.59
CA LYS C 767 15.80 -17.79 -37.17
C LYS C 767 15.55 -18.37 -35.77
N ALA C 768 16.11 -19.55 -35.49
CA ALA C 768 15.94 -20.15 -34.18
C ALA C 768 16.62 -19.33 -33.09
N HIS C 769 17.80 -18.79 -33.38
CA HIS C 769 18.48 -17.96 -32.39
C HIS C 769 17.76 -16.64 -32.16
N GLN C 770 17.24 -16.05 -33.24
CA GLN C 770 16.47 -14.81 -33.10
C GLN C 770 15.16 -15.06 -32.36
N ALA C 771 14.57 -16.24 -32.53
CA ALA C 771 13.37 -16.59 -31.79
C ALA C 771 13.66 -16.81 -30.32
N ASN C 772 14.75 -17.50 -30.02
CA ASN C 772 15.08 -17.80 -28.63
C ASN C 772 15.56 -16.57 -27.89
N GLN C 773 16.07 -15.58 -28.59
CA GLN C 773 16.41 -14.33 -27.92
C GLN C 773 15.23 -13.40 -27.80
N LEU C 774 14.09 -13.71 -28.41
CA LEU C 774 12.88 -12.93 -28.29
C LEU C 774 11.76 -13.68 -27.59
N TYR C 775 12.00 -14.91 -27.17
CA TYR C 775 10.96 -15.71 -26.52
C TYR C 775 10.43 -15.18 -25.19
N PRO C 776 11.26 -14.75 -24.20
CA PRO C 776 10.68 -14.41 -22.88
C PRO C 776 9.71 -13.24 -22.88
N PHE C 777 9.84 -12.31 -23.80
CA PHE C 777 8.82 -11.28 -23.90
C PHE C 777 7.56 -11.84 -24.54
N ALA C 778 7.71 -12.77 -25.47
CA ALA C 778 6.57 -13.28 -26.21
C ALA C 778 5.68 -14.16 -25.34
N ILE C 779 6.28 -15.00 -24.51
CA ILE C 779 5.47 -15.89 -23.67
C ILE C 779 4.73 -15.08 -22.61
N SER C 780 5.38 -14.03 -22.09
CA SER C 780 4.75 -13.15 -21.12
C SER C 780 3.59 -12.38 -21.74
N LEU C 781 3.76 -11.93 -23.00
CA LEU C 781 2.66 -11.27 -23.70
C LEU C 781 1.50 -12.22 -23.95
N ILE C 782 1.80 -13.48 -24.31
CA ILE C 782 0.75 -14.46 -24.55
C ILE C 782 -0.03 -14.73 -23.25
N GLU C 783 0.69 -14.86 -22.14
CA GLU C 783 0.05 -15.09 -20.85
C GLU C 783 -0.80 -13.90 -20.43
N SER C 784 -0.30 -12.69 -20.65
CA SER C 784 -1.05 -11.49 -20.28
C SER C 784 -2.32 -11.35 -21.10
N VAL C 785 -2.25 -11.58 -22.43
CA VAL C 785 -3.44 -11.41 -23.24
C VAL C 785 -4.44 -12.54 -22.98
N ARG C 786 -3.97 -13.73 -22.62
CA ARG C 786 -4.93 -14.80 -22.31
C ARG C 786 -5.61 -14.55 -20.97
N THR C 787 -4.86 -14.06 -19.98
CA THR C 787 -5.47 -13.71 -18.70
C THR C 787 -6.46 -12.57 -18.84
N TYR C 788 -6.12 -11.58 -19.68
CA TYR C 788 -7.03 -10.47 -19.92
C TYR C 788 -8.31 -10.92 -20.61
N GLU C 789 -8.20 -11.81 -21.59
CA GLU C 789 -9.39 -12.30 -22.28
C GLU C 789 -10.25 -13.15 -21.35
N ARG C 790 -9.63 -13.97 -20.50
CA ARG C 790 -10.37 -14.77 -19.54
C ARG C 790 -11.10 -13.90 -18.53
N THR C 791 -10.45 -12.85 -18.04
CA THR C 791 -11.08 -11.98 -17.04
C THR C 791 -12.17 -11.13 -17.67
N CYS C 792 -11.99 -10.70 -18.92
CA CYS C 792 -13.04 -9.96 -19.60
C CYS C 792 -14.25 -10.82 -19.87
N GLU C 793 -14.03 -12.11 -20.17
CA GLU C 793 -15.17 -13.01 -20.30
C GLU C 793 -15.85 -13.25 -18.97
N LYS C 794 -15.06 -13.30 -17.88
CA LYS C 794 -15.64 -13.48 -16.55
C LYS C 794 -16.50 -12.29 -16.13
N VAL C 795 -16.06 -11.06 -16.45
CA VAL C 795 -16.90 -9.92 -16.11
C VAL C 795 -18.05 -9.79 -17.10
N GLU C 796 -17.91 -10.32 -18.32
CA GLU C 796 -19.04 -10.35 -19.23
C GLU C 796 -20.06 -11.40 -18.85
N GLU C 797 -19.68 -12.37 -18.02
CA GLU C 797 -20.65 -13.34 -17.51
C GLU C 797 -21.68 -12.67 -16.61
N ARG C 798 -21.25 -11.78 -15.72
CA ARG C 798 -22.14 -11.09 -14.79
C ARG C 798 -22.25 -9.64 -15.22
N ASN C 799 -23.36 -9.27 -15.85
CA ASN C 799 -23.53 -7.92 -16.34
C ASN C 799 -23.85 -6.92 -15.25
N THR C 800 -24.13 -7.38 -14.04
CA THR C 800 -24.53 -6.50 -12.95
C THR C 800 -23.38 -5.69 -12.36
N ILE C 801 -22.14 -6.03 -12.69
CA ILE C 801 -20.97 -5.47 -12.04
C ILE C 801 -20.04 -4.79 -13.03
N SER C 802 -20.53 -4.51 -14.24
CA SER C 802 -19.67 -3.97 -15.29
C SER C 802 -19.20 -2.56 -14.97
N LEU C 803 -20.05 -1.76 -14.33
CA LEU C 803 -19.68 -0.40 -14.00
C LEU C 803 -18.76 -0.31 -12.80
N LEU C 804 -18.62 -1.38 -12.02
CA LEU C 804 -17.76 -1.31 -10.85
C LEU C 804 -16.28 -1.39 -11.20
N VAL C 805 -15.94 -2.03 -12.32
CA VAL C 805 -14.54 -2.20 -12.72
C VAL C 805 -14.26 -1.49 -14.03
N ALA C 806 -14.94 -0.37 -14.26
CA ALA C 806 -14.68 0.39 -15.47
C ALA C 806 -13.32 1.06 -15.43
N GLY C 807 -12.86 1.47 -14.24
CA GLY C 807 -11.57 2.11 -14.14
C GLY C 807 -10.41 1.19 -14.45
N LEU C 808 -10.47 -0.05 -13.96
CA LEU C 808 -9.40 -1.01 -14.22
C LEU C 808 -9.39 -1.43 -15.68
N LYS C 809 -10.57 -1.61 -16.27
CA LYS C 809 -10.65 -1.93 -17.69
C LYS C 809 -10.13 -0.79 -18.54
N LYS C 810 -10.40 0.45 -18.12
CA LYS C 810 -9.87 1.62 -18.83
C LYS C 810 -8.36 1.66 -18.74
N GLU C 811 -7.80 1.37 -17.57
CA GLU C 811 -6.35 1.38 -17.38
C GLU C 811 -5.68 0.31 -18.23
N VAL C 812 -6.23 -0.90 -18.23
CA VAL C 812 -5.64 -2.00 -19.00
C VAL C 812 -5.79 -1.75 -20.49
N GLN C 813 -6.93 -1.18 -20.92
CA GLN C 813 -7.10 -0.86 -22.33
C GLN C 813 -6.17 0.25 -22.78
N ALA C 814 -5.90 1.20 -21.89
CA ALA C 814 -4.90 2.24 -22.20
C ALA C 814 -3.51 1.64 -22.32
N LEU C 815 -3.17 0.68 -21.45
CA LEU C 815 -1.86 0.07 -21.54
C LEU C 815 -1.73 -0.83 -22.76
N ILE C 816 -2.83 -1.42 -23.23
CA ILE C 816 -2.80 -2.16 -24.48
C ILE C 816 -2.63 -1.20 -25.65
N ALA C 817 -3.40 -0.11 -25.68
CA ALA C 817 -3.38 0.81 -26.80
C ALA C 817 -2.06 1.56 -26.90
N GLU C 818 -1.39 1.78 -25.78
CA GLU C 818 -0.03 2.31 -25.85
C GLU C 818 0.92 1.26 -26.40
N GLY C 819 0.71 0.00 -26.03
CA GLY C 819 1.59 -1.06 -26.44
C GLY C 819 1.41 -1.55 -27.85
N ILE C 820 0.36 -1.09 -28.55
CA ILE C 820 0.16 -1.52 -29.93
C ILE C 820 1.10 -0.81 -30.89
N ALA C 821 1.76 0.26 -30.44
CA ALA C 821 2.67 1.01 -31.28
C ALA C 821 4.09 0.48 -31.24
N LEU C 822 4.37 -0.52 -30.40
CA LEU C 822 5.73 -0.98 -30.20
C LEU C 822 6.08 -2.10 -31.17
N VAL C 823 7.21 -1.95 -31.85
CA VAL C 823 7.71 -2.94 -32.78
C VAL C 823 8.44 -4.00 -31.97
N TRP C 824 8.67 -5.16 -32.61
CA TRP C 824 9.30 -6.29 -31.90
C TRP C 824 10.74 -5.98 -31.52
N GLU C 825 11.47 -5.27 -32.36
CA GLU C 825 12.89 -5.02 -32.15
C GLU C 825 13.13 -3.72 -31.38
N SER C 826 12.11 -3.17 -30.75
CA SER C 826 12.25 -1.92 -30.03
C SER C 826 13.04 -2.11 -28.74
N TYR C 827 13.62 -1.02 -28.27
CA TYR C 827 14.28 -1.01 -26.97
C TYR C 827 13.31 -0.96 -25.82
N LYS C 828 12.06 -0.56 -26.05
CA LYS C 828 11.11 -0.35 -24.97
C LYS C 828 10.45 -1.63 -24.48
N LEU C 829 10.81 -2.78 -25.05
CA LEU C 829 10.12 -4.02 -24.75
C LEU C 829 10.41 -4.57 -23.37
N ASP C 830 11.45 -4.12 -22.70
CA ASP C 830 11.71 -4.70 -21.39
C ASP C 830 10.79 -4.19 -20.28
N PRO C 831 10.66 -2.87 -19.99
CA PRO C 831 9.79 -2.51 -18.86
C PRO C 831 8.32 -2.56 -19.17
N TYR C 832 7.93 -2.50 -20.45
CA TYR C 832 6.53 -2.55 -20.83
C TYR C 832 5.94 -3.92 -20.51
N VAL C 833 6.74 -4.98 -20.66
CA VAL C 833 6.29 -6.33 -20.34
C VAL C 833 5.98 -6.44 -18.85
N GLN C 834 6.89 -5.95 -18.01
CA GLN C 834 6.70 -6.01 -16.56
C GLN C 834 5.50 -5.18 -16.12
N ARG C 835 5.35 -3.98 -16.69
CA ARG C 835 4.23 -3.12 -16.32
C ARG C 835 2.89 -3.72 -16.76
N LEU C 836 2.84 -4.28 -17.98
CA LEU C 836 1.60 -4.89 -18.46
C LEU C 836 1.23 -6.12 -17.65
N ALA C 837 2.22 -6.96 -17.31
CA ALA C 837 1.94 -8.17 -16.55
C ALA C 837 1.47 -7.83 -15.14
N GLU C 838 2.11 -6.83 -14.51
CA GLU C 838 1.69 -6.40 -13.18
C GLU C 838 0.28 -5.84 -13.20
N THR C 839 -0.04 -5.00 -14.19
CA THR C 839 -1.37 -4.42 -14.28
C THR C 839 -2.44 -5.46 -14.55
N VAL C 840 -2.14 -6.45 -15.40
CA VAL C 840 -3.12 -7.47 -15.74
C VAL C 840 -3.37 -8.40 -14.55
N PHE C 841 -2.30 -8.76 -13.82
CA PHE C 841 -2.47 -9.59 -12.63
C PHE C 841 -3.26 -8.87 -11.56
N ASN C 842 -3.00 -7.57 -11.39
CA ASN C 842 -3.75 -6.77 -10.43
C ASN C 842 -5.22 -6.68 -10.82
N PHE C 843 -5.50 -6.47 -12.11
CA PHE C 843 -6.87 -6.40 -12.60
C PHE C 843 -7.62 -7.72 -12.39
N GLN C 844 -6.94 -8.84 -12.65
CA GLN C 844 -7.57 -10.15 -12.50
C GLN C 844 -7.89 -10.45 -11.04
N GLU C 845 -6.95 -10.16 -10.13
CA GLU C 845 -7.23 -10.43 -8.74
C GLU C 845 -8.28 -9.47 -8.16
N LYS C 846 -8.35 -8.24 -8.68
CA LYS C 846 -9.40 -7.32 -8.26
C LYS C 846 -10.77 -7.81 -8.72
N VAL C 847 -10.84 -8.36 -9.94
CA VAL C 847 -12.11 -8.87 -10.44
C VAL C 847 -12.56 -10.08 -9.62
N ASP C 848 -11.65 -10.98 -9.29
CA ASP C 848 -12.03 -12.16 -8.49
C ASP C 848 -12.47 -11.78 -7.08
N ASP C 849 -11.79 -10.81 -6.47
CA ASP C 849 -12.16 -10.31 -5.16
C ASP C 849 -13.56 -9.70 -5.21
N LEU C 850 -13.84 -8.92 -6.25
CA LEU C 850 -15.17 -8.31 -6.36
C LEU C 850 -16.25 -9.34 -6.64
N LEU C 851 -15.92 -10.40 -7.38
CA LEU C 851 -16.89 -11.48 -7.62
C LEU C 851 -17.29 -12.16 -6.31
N ILE C 852 -16.30 -12.42 -5.44
CA ILE C 852 -16.59 -13.06 -4.16
C ILE C 852 -17.45 -12.14 -3.29
N ILE C 853 -17.09 -10.86 -3.23
CA ILE C 853 -17.86 -9.96 -2.35
C ILE C 853 -19.25 -9.69 -2.92
N GLU C 854 -19.40 -9.65 -4.25
CA GLU C 854 -20.72 -9.46 -4.83
C GLU C 854 -21.62 -10.67 -4.60
N GLU C 855 -21.06 -11.89 -4.66
CA GLU C 855 -21.85 -13.07 -4.34
C GLU C 855 -22.30 -13.06 -2.89
N LYS C 856 -21.40 -12.67 -1.98
CA LYS C 856 -21.77 -12.57 -0.57
C LYS C 856 -22.82 -11.48 -0.33
N ILE C 857 -22.72 -10.37 -1.06
CA ILE C 857 -23.67 -9.27 -0.92
C ILE C 857 -25.05 -9.69 -1.41
N ASP C 858 -25.10 -10.42 -2.54
CA ASP C 858 -26.37 -10.94 -3.04
C ASP C 858 -26.97 -11.94 -2.06
N LEU C 859 -26.13 -12.77 -1.44
CA LEU C 859 -26.62 -13.71 -0.44
C LEU C 859 -27.20 -12.98 0.77
N GLU C 860 -26.52 -11.93 1.24
CA GLU C 860 -27.00 -11.20 2.39
C GLU C 860 -28.25 -10.39 2.09
N VAL C 861 -28.40 -9.92 0.85
CA VAL C 861 -29.62 -9.23 0.48
C VAL C 861 -30.78 -10.22 0.38
N ARG C 862 -30.55 -11.38 -0.23
CA ARG C 862 -31.63 -12.38 -0.31
C ARG C 862 -31.94 -13.02 1.03
N SER C 863 -31.05 -12.92 2.01
CA SER C 863 -31.35 -13.37 3.37
C SER C 863 -32.23 -12.40 4.14
N LEU C 864 -32.61 -11.27 3.55
CA LEU C 864 -33.39 -10.28 4.29
C LEU C 864 -34.86 -10.63 4.32
N GLU C 865 -35.35 -11.39 3.34
CA GLU C 865 -36.74 -11.83 3.37
C GLU C 865 -36.95 -12.91 4.41
N THR C 866 -35.98 -13.80 4.57
CA THR C 866 -36.08 -14.85 5.57
C THR C 866 -35.60 -14.39 6.94
N CYS C 867 -35.12 -13.16 7.07
CA CYS C 867 -34.72 -12.67 8.38
C CYS C 867 -35.94 -12.33 9.20
N MET C 868 -35.89 -12.66 10.48
CA MET C 868 -37.01 -12.41 11.37
C MET C 868 -37.10 -10.93 11.71
N TYR C 869 -38.33 -10.47 11.96
CA TYR C 869 -38.61 -9.05 12.17
C TYR C 869 -38.15 -8.64 13.55
N ASP C 870 -36.90 -8.19 13.64
CA ASP C 870 -36.41 -7.54 14.85
C ASP C 870 -35.30 -6.57 14.45
N HIS C 871 -35.04 -5.61 15.33
CA HIS C 871 -34.06 -4.58 15.04
C HIS C 871 -32.64 -5.11 15.12
N LYS C 872 -32.41 -6.13 15.95
CA LYS C 872 -31.06 -6.63 16.17
C LYS C 872 -30.51 -7.36 14.95
N THR C 873 -31.29 -8.29 14.39
CA THR C 873 -30.80 -9.06 13.25
C THR C 873 -30.76 -8.21 11.99
N PHE C 874 -31.73 -7.30 11.83
CA PHE C 874 -31.70 -6.34 10.74
C PHE C 874 -30.47 -5.44 10.84
N SER C 875 -30.16 -4.97 12.04
CA SER C 875 -29.00 -4.12 12.25
C SER C 875 -27.70 -4.89 11.97
N GLU C 876 -27.66 -6.17 12.35
CA GLU C 876 -26.47 -6.97 12.09
C GLU C 876 -26.28 -7.23 10.59
N ILE C 877 -27.37 -7.50 9.87
CA ILE C 877 -27.27 -7.77 8.44
C ILE C 877 -26.85 -6.52 7.69
N LEU C 878 -27.47 -5.38 8.01
CA LEU C 878 -27.05 -4.12 7.41
C LEU C 878 -25.65 -3.70 7.84
N ASN C 879 -25.21 -4.10 9.03
CA ASN C 879 -23.83 -3.84 9.40
C ASN C 879 -22.86 -4.66 8.56
N ARG C 880 -23.22 -5.92 8.27
CA ARG C 880 -22.38 -6.75 7.41
C ARG C 880 -22.34 -6.20 5.98
N VAL C 881 -23.48 -5.73 5.47
CA VAL C 881 -23.52 -5.16 4.14
C VAL C 881 -22.73 -3.85 4.08
N GLN C 882 -22.82 -3.04 5.12
CA GLN C 882 -22.05 -1.80 5.19
C GLN C 882 -20.56 -2.08 5.28
N LYS C 883 -20.17 -3.15 5.98
CA LYS C 883 -18.77 -3.53 6.03
C LYS C 883 -18.26 -4.06 4.69
N ALA C 884 -19.11 -4.77 3.94
CA ALA C 884 -18.70 -5.21 2.60
C ALA C 884 -18.54 -4.03 1.66
N VAL C 885 -19.44 -3.05 1.76
CA VAL C 885 -19.29 -1.84 0.94
C VAL C 885 -18.08 -1.03 1.38
N ASP C 886 -17.75 -1.06 2.68
CA ASP C 886 -16.51 -0.46 3.18
C ASP C 886 -15.29 -1.14 2.57
N ASP C 887 -15.32 -2.47 2.47
CA ASP C 887 -14.24 -3.20 1.83
C ASP C 887 -14.14 -2.86 0.34
N LEU C 888 -15.28 -2.63 -0.32
CA LEU C 888 -15.25 -2.12 -1.69
C LEU C 888 -14.62 -0.75 -1.77
N ASN C 889 -14.93 0.11 -0.81
CA ASN C 889 -14.45 1.49 -0.86
C ASN C 889 -12.98 1.60 -0.53
N LEU C 890 -12.43 0.65 0.24
CA LEU C 890 -11.02 0.71 0.59
C LEU C 890 -10.14 0.47 -0.63
N HIS C 891 -10.55 -0.42 -1.52
CA HIS C 891 -9.77 -0.74 -2.70
C HIS C 891 -10.09 0.15 -3.88
N SER C 892 -11.01 1.10 -3.71
CA SER C 892 -11.25 2.22 -4.62
C SER C 892 -11.67 1.75 -6.01
N TYR C 893 -12.81 1.06 -6.06
CA TYR C 893 -13.37 0.69 -7.34
C TYR C 893 -14.07 1.90 -7.95
N SER C 894 -14.30 1.82 -9.25
CA SER C 894 -14.95 2.92 -9.96
C SER C 894 -16.46 2.83 -9.83
N ASN C 895 -17.10 4.00 -9.89
CA ASN C 895 -18.56 4.17 -9.90
C ASN C 895 -19.22 3.55 -8.67
N LEU C 896 -18.57 3.68 -7.53
CA LEU C 896 -19.11 3.14 -6.29
C LEU C 896 -20.44 3.76 -5.84
N PRO C 897 -20.64 5.09 -5.82
CA PRO C 897 -21.94 5.60 -5.36
C PRO C 897 -23.13 5.22 -6.23
N ILE C 898 -22.94 5.08 -7.53
CA ILE C 898 -24.04 4.68 -8.41
C ILE C 898 -24.47 3.24 -8.11
N TRP C 899 -23.50 2.34 -7.96
CA TRP C 899 -23.82 0.96 -7.66
C TRP C 899 -24.38 0.81 -6.25
N VAL C 900 -23.90 1.63 -5.30
CA VAL C 900 -24.43 1.58 -3.95
C VAL C 900 -25.87 2.07 -3.92
N ASN C 901 -26.17 3.14 -4.64
CA ASN C 901 -27.54 3.62 -4.74
C ASN C 901 -28.46 2.62 -5.43
N LYS C 902 -27.94 1.93 -6.46
CA LYS C 902 -28.72 0.90 -7.12
C LYS C 902 -29.00 -0.27 -6.19
N LEU C 903 -28.05 -0.59 -5.31
CA LEU C 903 -28.29 -1.58 -4.27
C LEU C 903 -29.32 -1.06 -3.27
N ASP C 904 -29.25 0.24 -2.97
CA ASP C 904 -30.05 0.82 -1.90
C ASP C 904 -31.52 0.90 -2.27
N MET C 905 -31.83 1.14 -3.55
CA MET C 905 -33.23 1.08 -3.98
C MET C 905 -33.82 -0.32 -3.83
N GLU C 906 -33.05 -1.35 -4.18
CA GLU C 906 -33.51 -2.73 -4.02
C GLU C 906 -33.70 -3.07 -2.54
N ILE C 907 -32.76 -2.64 -1.69
CA ILE C 907 -32.90 -2.95 -0.28
C ILE C 907 -34.01 -2.13 0.36
N GLU C 908 -34.33 -0.95 -0.17
CA GLU C 908 -35.46 -0.20 0.33
C GLU C 908 -36.78 -0.83 -0.09
N ARG C 909 -36.82 -1.41 -1.29
CA ARG C 909 -38.00 -2.16 -1.71
C ARG C 909 -38.22 -3.40 -0.85
N ILE C 910 -37.13 -4.11 -0.52
CA ILE C 910 -37.24 -5.28 0.34
C ILE C 910 -37.67 -4.90 1.75
N LEU C 911 -37.14 -3.79 2.26
CA LEU C 911 -37.56 -3.33 3.58
C LEU C 911 -38.99 -2.83 3.57
N GLY C 912 -39.47 -2.30 2.44
CA GLY C 912 -40.87 -1.93 2.33
C GLY C 912 -41.78 -3.14 2.36
N VAL C 913 -41.37 -4.23 1.72
CA VAL C 913 -42.13 -5.48 1.79
C VAL C 913 -42.16 -6.01 3.23
N ARG C 914 -41.01 -5.94 3.93
CA ARG C 914 -40.96 -6.42 5.31
C ARG C 914 -41.77 -5.54 6.25
N LEU C 915 -41.76 -4.23 6.04
CA LEU C 915 -42.62 -3.33 6.80
C LEU C 915 -44.10 -3.58 6.53
N GLN C 916 -44.46 -3.91 5.29
CA GLN C 916 -45.83 -4.30 4.99
C GLN C 916 -46.22 -5.54 5.76
N ALA C 917 -45.34 -6.54 5.79
CA ALA C 917 -45.63 -7.77 6.52
C ALA C 917 -45.77 -7.53 8.01
N GLY C 918 -44.89 -6.69 8.59
CA GLY C 918 -45.02 -6.35 10.00
C GLY C 918 -46.27 -5.55 10.32
N LEU C 919 -46.67 -4.66 9.40
CA LEU C 919 -47.86 -3.84 9.63
C LEU C 919 -49.15 -4.65 9.54
N ARG C 920 -49.26 -5.55 8.56
CA ARG C 920 -50.44 -6.42 8.52
C ARG C 920 -50.40 -7.46 9.62
N ALA C 921 -49.22 -7.82 10.12
CA ALA C 921 -49.14 -8.68 11.29
C ALA C 921 -49.53 -7.93 12.56
N TRP C 922 -49.37 -6.61 12.57
CA TRP C 922 -49.86 -5.83 13.71
C TRP C 922 -51.38 -5.83 13.78
N THR C 923 -52.05 -5.88 12.63
CA THR C 923 -53.51 -5.90 12.59
C THR C 923 -54.07 -7.25 13.02
N GLU C 985 -48.34 1.96 21.14
CA GLU C 985 -47.33 0.95 20.80
C GLU C 985 -47.31 0.69 19.31
N MET C 986 -48.20 1.35 18.58
CA MET C 986 -48.17 1.29 17.11
C MET C 986 -46.91 1.96 16.58
N PHE C 987 -46.47 3.04 17.23
CA PHE C 987 -45.27 3.75 16.81
C PHE C 987 -44.00 2.95 17.03
N ALA C 988 -43.96 2.05 18.01
CA ALA C 988 -42.74 1.30 18.28
C ALA C 988 -42.45 0.23 17.25
N TRP C 989 -43.49 -0.31 16.59
CA TRP C 989 -43.28 -1.41 15.65
C TRP C 989 -42.69 -0.92 14.34
N LYS C 990 -42.94 0.32 13.96
CA LYS C 990 -42.38 0.85 12.73
C LYS C 990 -40.96 1.40 12.89
N MET C 991 -40.51 1.71 14.11
CA MET C 991 -39.11 2.11 14.30
C MET C 991 -38.12 0.96 14.17
N VAL C 992 -38.57 -0.29 14.06
CA VAL C 992 -37.64 -1.38 13.82
C VAL C 992 -37.04 -1.25 12.42
N VAL C 993 -37.88 -1.01 11.43
CA VAL C 993 -37.40 -0.77 10.08
C VAL C 993 -36.98 0.69 9.87
N LEU C 994 -37.73 1.66 10.41
CA LEU C 994 -37.54 3.04 10.01
C LEU C 994 -36.28 3.67 10.61
N SER C 995 -35.69 3.05 11.63
CA SER C 995 -34.46 3.53 12.23
C SER C 995 -33.24 2.73 11.80
N LEU C 996 -33.35 1.95 10.73
CA LEU C 996 -32.20 1.19 10.25
C LEU C 996 -31.24 2.12 9.51
N PRO C 997 -29.94 2.03 9.75
CA PRO C 997 -28.99 2.94 9.08
C PRO C 997 -28.83 2.60 7.62
N ARG C 998 -28.77 3.64 6.80
CA ARG C 998 -28.63 3.47 5.36
C ARG C 998 -27.22 3.06 4.99
N ILE C 999 -27.06 2.63 3.75
CA ILE C 999 -25.77 2.20 3.22
C ILE C 999 -25.03 3.42 2.69
N GLN C 1000 -23.84 3.67 3.22
CA GLN C 1000 -23.05 4.83 2.84
C GLN C 1000 -21.95 4.38 1.88
N SER C 1001 -21.89 5.00 0.71
CA SER C 1001 -20.87 4.60 -0.26
C SER C 1001 -19.52 5.20 0.08
N GLN C 1002 -19.41 6.52 -0.02
CA GLN C 1002 -18.13 7.20 0.19
C GLN C 1002 -18.08 7.62 1.66
N ARG C 1003 -17.89 6.64 2.53
CA ARG C 1003 -17.79 6.96 3.94
C ARG C 1003 -16.37 7.13 4.42
N TYR C 1004 -15.37 6.71 3.62
CA TYR C 1004 -13.98 6.79 4.06
C TYR C 1004 -13.47 8.22 4.13
N GLN C 1005 -14.08 9.15 3.40
CA GLN C 1005 -13.62 10.53 3.41
C GLN C 1005 -13.91 11.18 4.76
N VAL C 1006 -13.03 12.08 5.18
CA VAL C 1006 -13.22 12.84 6.40
C VAL C 1006 -12.88 14.29 6.10
N GLY C 1007 -13.44 15.20 6.90
CA GLY C 1007 -13.09 16.59 6.78
C GLY C 1007 -14.25 17.50 6.40
N VAL C 1008 -15.14 17.04 5.54
CA VAL C 1008 -16.27 17.86 5.13
C VAL C 1008 -17.25 17.90 6.29
N HIS C 1009 -17.52 19.11 6.79
CA HIS C 1009 -18.34 19.29 7.99
C HIS C 1009 -19.81 19.52 7.63
N TYR C 1010 -20.34 18.62 6.81
CA TYR C 1010 -21.75 18.60 6.50
C TYR C 1010 -22.39 17.39 7.18
N GLU C 1011 -23.64 17.54 7.57
CA GLU C 1011 -24.40 16.47 8.20
C GLU C 1011 -25.48 16.00 7.24
N LEU C 1012 -25.52 14.69 7.01
CA LEU C 1012 -26.55 14.11 6.18
C LEU C 1012 -27.90 14.20 6.88
N THR C 1013 -28.95 14.40 6.10
CA THR C 1013 -30.29 14.51 6.66
C THR C 1013 -30.81 13.13 7.09
N GLU C 1014 -31.99 13.14 7.69
CA GLU C 1014 -32.58 11.91 8.20
C GLU C 1014 -33.03 10.98 7.06
N GLU C 1015 -33.31 11.54 5.89
CA GLU C 1015 -33.72 10.70 4.77
C GLU C 1015 -32.56 9.91 4.18
N GLU C 1016 -31.37 10.49 4.17
CA GLU C 1016 -30.20 9.83 3.61
C GLU C 1016 -29.36 9.12 4.66
N LYS C 1017 -29.78 9.12 5.90
CA LYS C 1017 -29.11 8.35 6.95
C LYS C 1017 -29.87 7.10 7.35
N PHE C 1018 -31.20 7.15 7.30
CA PHE C 1018 -32.05 6.01 7.65
C PHE C 1018 -33.11 5.87 6.58
N TYR C 1019 -33.76 4.70 6.55
CA TYR C 1019 -34.70 4.38 5.48
C TYR C 1019 -36.06 4.99 5.78
N ARG C 1020 -36.09 6.32 5.71
CA ARG C 1020 -37.26 7.11 6.01
C ARG C 1020 -38.18 7.30 4.81
N ASN C 1021 -37.84 6.72 3.67
CA ASN C 1021 -38.73 6.73 2.52
C ASN C 1021 -39.32 5.35 2.25
N ALA C 1022 -39.27 4.45 3.23
CA ALA C 1022 -39.77 3.10 3.04
C ALA C 1022 -41.29 3.05 2.87
N LEU C 1023 -42.00 4.04 3.41
CA LEU C 1023 -43.45 4.09 3.23
C LEU C 1023 -43.83 4.38 1.79
N THR C 1024 -42.98 5.14 1.08
CA THR C 1024 -43.26 5.38 -0.33
C THR C 1024 -43.00 4.13 -1.18
N ARG C 1025 -42.16 3.22 -0.69
CA ARG C 1025 -41.89 1.96 -1.36
C ARG C 1025 -42.86 0.87 -0.96
N MET C 1026 -44.05 1.24 -0.55
CA MET C 1026 -45.05 0.27 -0.12
C MET C 1026 -45.66 -0.37 -1.38
N PRO C 1027 -45.60 -1.69 -1.54
CA PRO C 1027 -46.03 -2.28 -2.82
C PRO C 1027 -47.53 -2.21 -3.09
N ASP C 1028 -48.35 -2.10 -2.06
CA ASP C 1028 -49.80 -2.02 -2.24
C ASP C 1028 -50.33 -0.60 -2.11
N GLY C 1029 -49.46 0.40 -2.16
CA GLY C 1029 -49.86 1.77 -1.97
C GLY C 1029 -50.05 2.08 -0.49
N PRO C 1030 -50.43 3.31 -0.17
CA PRO C 1030 -50.50 3.72 1.24
C PRO C 1030 -51.67 3.15 2.01
N VAL C 1031 -52.51 2.32 1.38
CA VAL C 1031 -53.73 1.81 1.99
C VAL C 1031 -53.44 0.86 3.15
N ALA C 1032 -52.26 0.24 3.19
CA ALA C 1032 -51.92 -0.62 4.32
C ALA C 1032 -51.68 0.21 5.57
N LEU C 1033 -51.16 1.42 5.42
CA LEU C 1033 -51.05 2.32 6.56
C LEU C 1033 -52.42 2.84 6.96
N GLU C 1034 -53.31 3.06 5.99
CA GLU C 1034 -54.69 3.43 6.30
C GLU C 1034 -55.42 2.28 6.99
N GLU C 1035 -55.17 1.05 6.56
CA GLU C 1035 -55.77 -0.11 7.20
C GLU C 1035 -55.21 -0.33 8.60
N SER C 1036 -53.95 0.04 8.82
CA SER C 1036 -53.37 -0.07 10.15
C SER C 1036 -53.96 0.97 11.09
N TYR C 1037 -54.15 2.21 10.62
CA TYR C 1037 -54.70 3.25 11.45
C TYR C 1037 -56.20 3.10 11.68
N SER C 1038 -56.87 2.35 10.81
CA SER C 1038 -58.31 2.16 10.92
C SER C 1038 -58.69 1.32 12.14
N ALA C 1039 -57.78 0.47 12.61
CA ALA C 1039 -58.06 -0.36 13.78
C ALA C 1039 -57.89 0.38 15.09
N VAL C 1040 -57.43 1.62 15.07
CA VAL C 1040 -57.25 2.37 16.30
C VAL C 1040 -58.42 3.32 16.50
N LYS D 238 2.56 -59.87 -4.00
CA LYS D 238 1.94 -59.84 -5.32
C LYS D 238 1.35 -58.48 -5.60
N LEU D 239 0.95 -58.25 -6.85
CA LEU D 239 0.42 -56.98 -7.30
C LEU D 239 -1.09 -57.08 -7.35
N SER D 240 -1.77 -56.25 -6.55
CA SER D 240 -3.22 -56.26 -6.49
C SER D 240 -3.73 -54.83 -6.41
N LEU D 241 -4.89 -54.61 -7.01
CA LEU D 241 -5.52 -53.29 -6.99
C LEU D 241 -6.02 -52.97 -5.59
N ASN D 242 -5.91 -51.71 -5.22
CA ASN D 242 -6.36 -51.23 -3.92
C ASN D 242 -7.39 -50.13 -4.01
N ARG D 243 -7.23 -49.20 -4.94
CA ARG D 243 -8.09 -48.03 -5.02
C ARG D 243 -8.00 -47.47 -6.43
N GLN D 244 -9.13 -46.97 -6.92
CA GLN D 244 -9.20 -46.30 -8.21
C GLN D 244 -9.64 -44.85 -7.98
N PHE D 245 -8.87 -43.91 -8.52
CA PHE D 245 -9.15 -42.49 -8.40
C PHE D 245 -9.40 -41.90 -9.77
N PHE D 246 -10.53 -41.19 -9.92
CA PHE D 246 -10.88 -40.56 -11.18
C PHE D 246 -11.93 -39.49 -10.89
N ASP D 247 -11.78 -38.33 -11.51
CA ASP D 247 -12.77 -37.26 -11.38
C ASP D 247 -13.35 -36.95 -12.75
N GLU D 248 -14.68 -36.87 -12.80
CA GLU D 248 -15.35 -36.71 -14.10
C GLU D 248 -15.22 -35.30 -14.63
N ARG D 249 -15.35 -34.29 -13.77
CA ARG D 249 -15.37 -32.92 -14.25
C ARG D 249 -13.97 -32.43 -14.63
N TRP D 250 -12.96 -32.84 -13.88
CA TRP D 250 -11.63 -32.31 -14.08
C TRP D 250 -10.70 -33.25 -14.84
N SER D 251 -10.57 -34.50 -14.38
CA SER D 251 -9.54 -35.39 -14.89
C SER D 251 -9.98 -36.18 -16.10
N LYS D 252 -10.92 -35.67 -16.87
CA LYS D 252 -11.33 -36.31 -18.12
C LYS D 252 -10.44 -35.78 -19.25
N HIS D 253 -9.92 -36.72 -20.05
CA HIS D 253 -9.10 -36.44 -21.24
C HIS D 253 -7.84 -35.65 -20.89
N ARG D 254 -7.25 -35.98 -19.76
CA ARG D 254 -6.00 -35.36 -19.32
C ARG D 254 -5.03 -36.46 -18.92
N VAL D 255 -3.74 -36.16 -19.07
CA VAL D 255 -2.67 -37.08 -18.76
C VAL D 255 -2.07 -36.67 -17.42
N VAL D 256 -1.85 -37.65 -16.54
CA VAL D 256 -1.21 -37.40 -15.26
C VAL D 256 0.23 -36.97 -15.51
N SER D 257 0.64 -35.88 -14.87
CA SER D 257 1.96 -35.34 -15.12
C SER D 257 2.92 -35.48 -13.95
N CYS D 258 2.42 -35.51 -12.72
CA CYS D 258 3.27 -35.74 -11.57
C CYS D 258 2.45 -36.34 -10.45
N LEU D 259 3.12 -37.03 -9.55
CA LEU D 259 2.48 -37.63 -8.39
C LEU D 259 3.42 -37.48 -7.20
N ASP D 260 2.85 -37.19 -6.03
CA ASP D 260 3.65 -37.09 -4.82
C ASP D 260 2.75 -37.32 -3.62
N TRP D 261 3.30 -37.99 -2.61
CA TRP D 261 2.63 -38.11 -1.32
C TRP D 261 3.25 -37.12 -0.35
N SER D 262 2.42 -36.54 0.51
CA SER D 262 2.92 -35.59 1.49
C SER D 262 3.74 -36.30 2.56
N SER D 263 4.81 -35.64 3.00
CA SER D 263 5.65 -36.22 4.04
C SER D 263 4.95 -36.22 5.38
N GLN D 264 4.24 -35.14 5.71
CA GLN D 264 3.52 -35.10 6.98
C GLN D 264 2.24 -35.92 6.92
N TYR D 265 1.58 -35.94 5.77
CA TYR D 265 0.30 -36.64 5.61
C TYR D 265 0.50 -37.75 4.59
N PRO D 266 0.78 -38.98 5.01
CA PRO D 266 1.04 -40.06 4.05
C PRO D 266 -0.17 -40.53 3.28
N GLU D 267 -1.37 -40.07 3.62
CA GLU D 267 -2.60 -40.47 2.97
C GLU D 267 -3.03 -39.49 1.88
N LEU D 268 -2.26 -38.44 1.64
CA LEU D 268 -2.63 -37.39 0.70
C LEU D 268 -1.72 -37.45 -0.53
N LEU D 269 -2.33 -37.49 -1.71
CA LEU D 269 -1.60 -37.62 -2.96
C LEU D 269 -2.00 -36.50 -3.89
N VAL D 270 -1.02 -35.72 -4.34
CA VAL D 270 -1.26 -34.62 -5.25
C VAL D 270 -1.10 -35.13 -6.67
N ALA D 271 -1.95 -34.66 -7.59
CA ALA D 271 -1.98 -35.18 -8.95
C ALA D 271 -2.00 -34.03 -9.95
N SER D 272 -0.91 -33.86 -10.69
CA SER D 272 -0.86 -32.87 -11.75
C SER D 272 -1.61 -33.39 -12.97
N TYR D 273 -2.03 -32.46 -13.82
CA TYR D 273 -2.72 -32.81 -15.05
C TYR D 273 -2.32 -31.83 -16.13
N ASN D 274 -2.37 -32.27 -17.37
CA ASN D 274 -2.00 -31.43 -18.49
C ASN D 274 -3.25 -30.81 -19.10
N ASN D 275 -3.09 -30.09 -20.20
CA ASN D 275 -4.20 -29.38 -20.80
C ASN D 275 -5.04 -30.33 -21.64
N ASN D 276 -6.36 -30.24 -21.47
CA ASN D 276 -7.30 -30.96 -22.32
C ASN D 276 -7.61 -30.10 -23.53
N GLU D 277 -7.16 -30.54 -24.70
CA GLU D 277 -7.41 -29.78 -25.92
C GLU D 277 -8.86 -29.85 -26.37
N ASP D 278 -9.61 -30.84 -25.90
CA ASP D 278 -11.02 -30.93 -26.26
C ASP D 278 -11.85 -29.86 -25.59
N ALA D 279 -11.41 -29.33 -24.47
CA ALA D 279 -12.17 -28.35 -23.68
C ALA D 279 -11.30 -27.12 -23.51
N PRO D 280 -11.33 -26.20 -24.48
CA PRO D 280 -10.49 -25.00 -24.37
C PRO D 280 -10.96 -24.03 -23.31
N HIS D 281 -12.23 -24.07 -22.92
CA HIS D 281 -12.75 -23.11 -21.94
C HIS D 281 -12.48 -23.54 -20.51
N GLU D 282 -12.13 -24.81 -20.29
CA GLU D 282 -11.74 -25.27 -18.98
C GLU D 282 -10.32 -24.79 -18.65
N PRO D 283 -9.96 -24.75 -17.37
CA PRO D 283 -8.57 -24.44 -17.01
C PRO D 283 -7.60 -25.47 -17.57
N ASP D 284 -6.43 -24.98 -18.00
CA ASP D 284 -5.46 -25.86 -18.64
C ASP D 284 -4.79 -26.77 -17.63
N GLY D 285 -4.32 -26.21 -16.51
CA GLY D 285 -3.64 -26.99 -15.49
C GLY D 285 -4.58 -27.29 -14.35
N VAL D 286 -4.62 -28.56 -13.97
CA VAL D 286 -5.44 -29.04 -12.86
C VAL D 286 -4.51 -29.75 -11.89
N ALA D 287 -4.66 -29.44 -10.60
CA ALA D 287 -3.85 -30.07 -9.55
C ALA D 287 -4.78 -30.58 -8.46
N LEU D 288 -5.27 -31.80 -8.60
CA LEU D 288 -6.16 -32.40 -7.64
C LEU D 288 -5.39 -33.07 -6.52
N VAL D 289 -5.98 -33.11 -5.33
CA VAL D 289 -5.41 -33.79 -4.17
C VAL D 289 -6.40 -34.84 -3.72
N TRP D 290 -5.97 -36.09 -3.72
CA TRP D 290 -6.82 -37.19 -3.29
C TRP D 290 -6.46 -37.61 -1.87
N ASN D 291 -7.42 -38.26 -1.21
CA ASN D 291 -7.24 -38.76 0.14
C ASN D 291 -7.37 -40.28 0.12
N MET D 292 -6.49 -40.95 0.86
CA MET D 292 -6.51 -42.40 0.87
C MET D 292 -7.35 -42.96 2.00
N LYS D 293 -7.46 -42.22 3.11
CA LYS D 293 -8.17 -42.73 4.28
C LYS D 293 -9.67 -42.85 4.04
N TYR D 294 -10.26 -41.86 3.42
CA TYR D 294 -11.71 -41.87 3.25
C TYR D 294 -12.08 -42.72 2.04
N LYS D 295 -13.32 -43.16 2.01
CA LYS D 295 -13.80 -44.06 0.97
C LYS D 295 -14.49 -43.34 -0.16
N LYS D 296 -14.51 -42.01 -0.13
CA LYS D 296 -15.23 -41.25 -1.14
C LYS D 296 -14.42 -41.21 -2.44
N THR D 297 -15.14 -40.91 -3.54
CA THR D 297 -14.53 -40.87 -4.86
C THR D 297 -14.22 -39.46 -5.34
N THR D 298 -14.76 -38.44 -4.69
CA THR D 298 -14.48 -37.07 -5.05
C THR D 298 -13.10 -36.65 -4.56
N PRO D 299 -12.41 -35.78 -5.30
CA PRO D 299 -11.15 -35.23 -4.80
C PRO D 299 -11.38 -34.35 -3.59
N GLU D 300 -10.44 -34.39 -2.65
CA GLU D 300 -10.58 -33.58 -1.45
C GLU D 300 -10.38 -32.09 -1.77
N TYR D 301 -9.31 -31.77 -2.47
CA TYR D 301 -8.97 -30.40 -2.81
C TYR D 301 -8.93 -30.28 -4.33
N VAL D 302 -9.41 -29.17 -4.85
CA VAL D 302 -9.34 -28.89 -6.28
C VAL D 302 -8.58 -27.59 -6.44
N PHE D 303 -7.50 -27.62 -7.22
CA PHE D 303 -6.77 -26.43 -7.60
C PHE D 303 -6.62 -26.41 -9.10
N HIS D 304 -6.59 -25.21 -9.66
CA HIS D 304 -6.34 -25.10 -11.09
C HIS D 304 -5.56 -23.82 -11.35
N CYS D 305 -4.87 -23.80 -12.49
CA CYS D 305 -4.01 -22.71 -12.87
C CYS D 305 -4.38 -22.21 -14.25
N GLN D 306 -3.82 -21.06 -14.62
CA GLN D 306 -4.10 -20.49 -15.92
C GLN D 306 -3.45 -21.30 -17.03
N SER D 307 -2.22 -21.75 -16.81
CA SER D 307 -1.48 -22.54 -17.78
C SER D 307 -1.41 -24.00 -17.33
N ALA D 308 -0.89 -24.84 -18.21
CA ALA D 308 -0.89 -26.28 -17.97
C ALA D 308 0.17 -26.64 -16.94
N VAL D 309 -0.22 -27.41 -15.92
CA VAL D 309 0.68 -27.76 -14.83
C VAL D 309 1.45 -29.01 -15.22
N MET D 310 2.77 -28.90 -15.25
CA MET D 310 3.63 -30.02 -15.62
C MET D 310 4.27 -30.71 -14.43
N SER D 311 4.41 -30.03 -13.30
CA SER D 311 5.05 -30.65 -12.14
C SER D 311 4.52 -29.97 -10.89
N ALA D 312 4.01 -30.77 -9.95
CA ALA D 312 3.46 -30.22 -8.72
C ALA D 312 3.74 -31.17 -7.57
N THR D 313 4.36 -30.67 -6.51
CA THR D 313 4.67 -31.43 -5.31
C THR D 313 4.06 -30.76 -4.10
N PHE D 314 4.01 -31.50 -3.00
CA PHE D 314 3.70 -30.92 -1.71
C PHE D 314 4.90 -30.14 -1.19
N ALA D 315 4.62 -29.18 -0.31
CA ALA D 315 5.70 -28.50 0.39
C ALA D 315 6.10 -29.33 1.59
N LYS D 316 7.40 -29.52 1.78
CA LYS D 316 7.87 -30.44 2.81
C LYS D 316 7.67 -29.89 4.22
N PHE D 317 8.04 -28.63 4.42
CA PHE D 317 7.97 -28.04 5.76
C PHE D 317 6.81 -27.06 5.91
N HIS D 318 6.00 -26.89 4.88
CA HIS D 318 4.78 -26.09 4.97
C HIS D 318 3.59 -26.99 4.71
N PRO D 319 2.78 -27.32 5.71
CA PRO D 319 1.73 -28.32 5.52
C PRO D 319 0.54 -27.80 4.72
N ASN D 320 0.40 -26.50 4.57
CA ASN D 320 -0.79 -25.93 3.97
C ASN D 320 -0.62 -25.58 2.49
N LEU D 321 0.54 -25.86 1.91
CA LEU D 321 0.86 -25.34 0.60
C LEU D 321 1.08 -26.47 -0.40
N VAL D 322 0.72 -26.19 -1.66
CA VAL D 322 1.01 -27.08 -2.77
C VAL D 322 1.77 -26.28 -3.81
N VAL D 323 3.00 -26.68 -4.08
CA VAL D 323 3.87 -25.98 -5.01
C VAL D 323 3.78 -26.66 -6.37
N GLY D 324 3.50 -25.90 -7.41
CA GLY D 324 3.41 -26.43 -8.74
C GLY D 324 4.23 -25.63 -9.72
N GLY D 325 4.73 -26.32 -10.73
CA GLY D 325 5.41 -25.70 -11.85
C GLY D 325 4.63 -25.95 -13.11
N THR D 326 4.52 -24.94 -13.95
CA THR D 326 3.59 -24.99 -15.06
C THR D 326 4.33 -25.00 -16.39
N TYR D 327 3.55 -25.10 -17.47
CA TYR D 327 4.10 -25.10 -18.82
C TYR D 327 4.76 -23.78 -19.17
N SER D 328 4.25 -22.68 -18.64
CA SER D 328 4.77 -21.38 -19.00
C SER D 328 6.01 -20.97 -18.24
N GLY D 329 6.41 -21.75 -17.24
CA GLY D 329 7.56 -21.40 -16.43
C GLY D 329 7.24 -20.70 -15.14
N GLN D 330 5.98 -20.45 -14.86
CA GLN D 330 5.61 -19.94 -13.55
C GLN D 330 5.73 -21.03 -12.50
N ILE D 331 6.06 -20.62 -11.29
CA ILE D 331 6.01 -21.53 -10.15
C ILE D 331 4.87 -21.10 -9.25
N VAL D 332 3.69 -21.68 -9.47
CA VAL D 332 2.51 -21.29 -8.71
C VAL D 332 2.57 -21.91 -7.33
N LEU D 333 2.04 -21.20 -6.35
CA LEU D 333 2.00 -21.66 -4.96
C LEU D 333 0.55 -21.67 -4.52
N TRP D 334 -0.05 -22.86 -4.44
CA TRP D 334 -1.43 -22.94 -3.99
C TRP D 334 -1.48 -22.93 -2.47
N ASP D 335 -2.71 -22.82 -1.96
CA ASP D 335 -2.96 -22.85 -0.53
C ASP D 335 -4.33 -23.49 -0.31
N ASN D 336 -4.50 -24.09 0.87
CA ASN D 336 -5.76 -24.73 1.19
C ASN D 336 -6.70 -23.83 1.98
N ARG D 337 -6.16 -22.94 2.81
CA ARG D 337 -7.01 -22.09 3.63
C ARG D 337 -7.65 -20.97 2.83
N SER D 338 -7.17 -20.69 1.63
CA SER D 338 -7.83 -19.70 0.79
C SER D 338 -9.16 -20.24 0.28
N ASN D 339 -10.02 -19.32 -0.10
CA ASN D 339 -11.31 -19.64 -0.67
C ASN D 339 -11.28 -19.74 -2.18
N LYS D 340 -10.10 -19.66 -2.78
CA LYS D 340 -9.95 -19.66 -4.22
C LYS D 340 -9.07 -20.81 -4.67
N ARG D 341 -9.44 -21.43 -5.79
CA ARG D 341 -8.58 -22.40 -6.45
C ARG D 341 -7.51 -21.75 -7.32
N THR D 342 -7.65 -20.47 -7.61
CA THR D 342 -6.59 -19.70 -8.24
C THR D 342 -5.39 -19.64 -7.31
N PRO D 343 -4.17 -19.83 -7.84
CA PRO D 343 -2.98 -19.79 -6.99
C PRO D 343 -2.78 -18.44 -6.33
N VAL D 344 -2.32 -18.47 -5.07
CA VAL D 344 -2.17 -17.25 -4.30
C VAL D 344 -0.82 -16.60 -4.52
N GLN D 345 0.11 -17.27 -5.18
CA GLN D 345 1.44 -16.71 -5.41
C GLN D 345 1.99 -17.31 -6.69
N ARG D 346 2.68 -16.50 -7.47
CA ARG D 346 3.27 -16.99 -8.70
C ARG D 346 4.55 -16.22 -8.99
N THR D 347 5.47 -16.88 -9.64
CA THR D 347 6.70 -16.24 -10.03
C THR D 347 6.47 -15.37 -11.27
N PRO D 348 7.25 -14.30 -11.43
CA PRO D 348 7.16 -13.54 -12.67
C PRO D 348 7.80 -14.30 -13.82
N LEU D 349 7.35 -13.98 -15.03
CA LEU D 349 7.90 -14.60 -16.23
C LEU D 349 9.02 -13.77 -16.84
N SER D 350 10.01 -13.43 -16.01
CA SER D 350 11.11 -12.59 -16.42
C SER D 350 12.36 -13.43 -16.62
N ALA D 351 13.43 -12.77 -17.05
CA ALA D 351 14.71 -13.45 -17.24
C ALA D 351 15.37 -13.81 -15.92
N ALA D 352 14.99 -13.15 -14.83
CA ALA D 352 15.48 -13.51 -13.51
C ALA D 352 14.80 -14.76 -12.96
N ALA D 353 13.73 -15.23 -13.61
CA ALA D 353 13.07 -16.45 -13.19
C ALA D 353 12.97 -17.41 -14.37
N HIS D 354 12.23 -18.49 -14.19
CA HIS D 354 12.09 -19.47 -15.26
C HIS D 354 11.19 -18.94 -16.36
N THR D 355 11.56 -19.24 -17.59
CA THR D 355 10.78 -18.86 -18.76
C THR D 355 10.36 -20.06 -19.60
N HIS D 356 11.27 -20.99 -19.83
CA HIS D 356 10.95 -22.23 -20.48
C HIS D 356 10.15 -23.12 -19.53
N PRO D 357 9.47 -24.17 -20.03
CA PRO D 357 8.68 -25.04 -19.16
C PRO D 357 9.49 -25.69 -18.03
N VAL D 358 8.85 -25.78 -16.87
CA VAL D 358 9.45 -26.33 -15.66
C VAL D 358 8.89 -27.73 -15.47
N TYR D 359 9.74 -28.74 -15.54
CA TYR D 359 9.32 -30.12 -15.40
C TYR D 359 9.71 -30.74 -14.07
N CYS D 360 10.36 -29.99 -13.19
CA CYS D 360 10.75 -30.54 -11.91
C CYS D 360 10.82 -29.44 -10.86
N VAL D 361 10.25 -29.72 -9.69
CA VAL D 361 10.38 -28.86 -8.51
C VAL D 361 10.61 -29.76 -7.32
N ASN D 362 11.26 -29.20 -6.30
CA ASN D 362 11.51 -29.96 -5.08
C ASN D 362 11.75 -29.01 -3.93
N VAL D 363 11.50 -29.49 -2.72
CA VAL D 363 11.79 -28.77 -1.50
C VAL D 363 12.84 -29.55 -0.74
N VAL D 364 14.02 -28.95 -0.55
CA VAL D 364 15.10 -29.59 0.17
C VAL D 364 15.57 -28.64 1.27
N GLY D 365 16.18 -29.23 2.30
CA GLY D 365 16.67 -28.48 3.43
C GLY D 365 16.12 -29.07 4.71
N THR D 366 16.30 -28.33 5.80
CA THR D 366 15.83 -28.71 7.12
C THR D 366 14.60 -27.89 7.48
N GLN D 367 14.06 -28.12 8.68
CA GLN D 367 12.94 -27.34 9.18
C GLN D 367 13.30 -25.87 9.34
N ASN D 368 14.46 -25.61 9.94
CA ASN D 368 14.87 -24.23 10.17
C ASN D 368 15.48 -23.59 8.93
N ALA D 369 15.85 -24.38 7.93
CA ALA D 369 16.51 -23.83 6.74
C ALA D 369 16.18 -24.73 5.57
N HIS D 370 15.39 -24.21 4.63
CA HIS D 370 15.05 -24.97 3.43
C HIS D 370 14.80 -23.99 2.30
N ASN D 371 14.87 -24.51 1.08
CA ASN D 371 14.60 -23.73 -0.11
C ASN D 371 13.83 -24.58 -1.09
N LEU D 372 13.26 -23.92 -2.09
CA LEU D 372 12.57 -24.59 -3.19
C LEU D 372 13.49 -24.59 -4.40
N ILE D 373 13.72 -25.76 -4.98
CA ILE D 373 14.61 -25.92 -6.11
C ILE D 373 13.80 -26.28 -7.33
N SER D 374 13.99 -25.54 -8.41
CA SER D 374 13.28 -25.79 -9.66
C SER D 374 14.25 -25.64 -10.81
N ILE D 375 14.18 -26.58 -11.75
CA ILE D 375 14.99 -26.52 -12.97
C ILE D 375 14.05 -26.62 -14.17
N SER D 376 14.19 -25.70 -15.10
CA SER D 376 13.35 -25.69 -16.28
C SER D 376 14.01 -26.46 -17.41
N THR D 377 13.42 -26.45 -18.60
CA THR D 377 13.97 -27.20 -19.72
C THR D 377 15.04 -26.43 -20.48
N ASP D 378 15.34 -25.19 -20.10
CA ASP D 378 16.47 -24.49 -20.67
C ASP D 378 17.73 -24.68 -19.85
N GLY D 379 17.66 -25.45 -18.77
CA GLY D 379 18.80 -25.65 -17.90
C GLY D 379 18.94 -24.64 -16.80
N LYS D 380 18.07 -23.64 -16.73
CA LYS D 380 18.15 -22.66 -15.66
C LYS D 380 17.65 -23.28 -14.37
N ILE D 381 18.40 -23.08 -13.30
CA ILE D 381 18.00 -23.52 -11.97
C ILE D 381 17.99 -22.30 -11.05
N CYS D 382 16.87 -22.11 -10.35
CA CYS D 382 16.71 -21.01 -9.41
C CYS D 382 16.35 -21.57 -8.05
N SER D 383 16.93 -20.98 -7.01
CA SER D 383 16.62 -21.36 -5.63
C SER D 383 15.66 -20.33 -5.07
N TRP D 384 14.46 -20.77 -4.71
CA TRP D 384 13.45 -19.90 -4.13
C TRP D 384 13.33 -20.16 -2.64
N SER D 385 12.93 -19.15 -1.91
CA SER D 385 12.39 -19.33 -0.57
C SER D 385 10.87 -19.46 -0.69
N LEU D 386 10.26 -20.11 0.30
CA LEU D 386 8.84 -20.41 0.20
C LEU D 386 7.96 -19.19 0.39
N ASP D 387 8.51 -18.05 0.78
CA ASP D 387 7.75 -16.82 0.89
C ASP D 387 8.08 -15.83 -0.21
N MET D 388 9.36 -15.60 -0.47
CA MET D 388 9.80 -14.67 -1.49
C MET D 388 9.63 -15.34 -2.84
N LEU D 389 8.43 -15.27 -3.39
CA LEU D 389 8.17 -15.87 -4.69
C LEU D 389 8.27 -14.84 -5.81
N SER D 390 8.83 -13.67 -5.52
CA SER D 390 8.98 -12.62 -6.51
C SER D 390 10.33 -12.67 -7.23
N HIS D 391 11.39 -13.08 -6.54
CA HIS D 391 12.69 -13.19 -7.17
C HIS D 391 13.49 -14.24 -6.43
N PRO D 392 14.33 -15.01 -7.13
CA PRO D 392 15.05 -16.09 -6.45
C PRO D 392 16.28 -15.57 -5.71
N GLN D 393 16.68 -16.32 -4.69
CA GLN D 393 17.90 -15.98 -3.99
C GLN D 393 19.12 -16.37 -4.79
N ASP D 394 19.23 -17.64 -5.15
CA ASP D 394 20.35 -18.15 -5.92
C ASP D 394 19.85 -18.59 -7.30
N SER D 395 20.47 -18.04 -8.34
CA SER D 395 20.13 -18.40 -9.70
C SER D 395 21.41 -18.65 -10.47
N MET D 396 21.45 -19.75 -11.22
CA MET D 396 22.62 -20.05 -12.04
C MET D 396 22.18 -20.86 -13.25
N GLU D 397 22.98 -20.80 -14.29
CA GLU D 397 22.70 -21.47 -15.55
C GLU D 397 23.60 -22.69 -15.68
N LEU D 398 23.00 -23.84 -15.99
CA LEU D 398 23.72 -25.11 -16.01
C LEU D 398 24.33 -25.32 -17.39
N VAL D 399 25.65 -25.38 -17.44
CA VAL D 399 26.37 -25.70 -18.66
C VAL D 399 27.38 -26.80 -18.35
N HIS D 400 27.70 -27.62 -19.34
CA HIS D 400 28.63 -28.71 -19.14
C HIS D 400 29.92 -28.54 -19.94
N LYS D 401 29.84 -28.39 -21.25
CA LYS D 401 31.02 -28.17 -22.07
C LYS D 401 30.72 -27.07 -23.07
N GLN D 402 31.74 -26.26 -23.37
CA GLN D 402 31.76 -25.11 -24.27
C GLN D 402 30.57 -24.14 -24.11
N SER D 403 30.03 -24.09 -22.88
CA SER D 403 28.80 -23.38 -22.53
C SER D 403 27.65 -23.76 -23.46
N LYS D 404 27.28 -25.03 -23.43
CA LYS D 404 26.09 -25.52 -24.11
C LYS D 404 24.99 -25.74 -23.09
N ALA D 405 23.74 -25.66 -23.55
CA ALA D 405 22.60 -25.69 -22.65
C ALA D 405 22.11 -27.12 -22.49
N VAL D 406 22.28 -27.67 -21.29
CA VAL D 406 21.65 -28.94 -20.96
C VAL D 406 20.14 -28.75 -20.84
N ALA D 407 19.38 -29.59 -21.52
CA ALA D 407 17.93 -29.48 -21.53
C ALA D 407 17.36 -30.44 -20.50
N VAL D 408 17.26 -29.95 -19.26
CA VAL D 408 16.94 -30.81 -18.12
C VAL D 408 15.47 -31.21 -18.17
N THR D 409 15.20 -32.50 -18.05
CA THR D 409 13.85 -33.03 -17.98
C THR D 409 13.44 -33.47 -16.59
N SER D 410 14.34 -34.09 -15.82
CA SER D 410 13.99 -34.50 -14.47
C SER D 410 15.22 -34.46 -13.59
N MET D 411 14.97 -34.38 -12.28
CA MET D 411 15.99 -34.11 -11.29
C MET D 411 15.75 -34.99 -10.06
N SER D 412 16.82 -35.52 -9.49
CA SER D 412 16.75 -36.28 -8.27
C SER D 412 17.77 -35.75 -7.27
N PHE D 413 17.53 -36.05 -6.00
CA PHE D 413 18.41 -35.62 -4.93
C PHE D 413 18.75 -36.82 -4.06
N PRO D 414 20.02 -36.96 -3.65
CA PRO D 414 20.36 -37.99 -2.66
C PRO D 414 19.75 -37.64 -1.31
N VAL D 415 19.49 -38.70 -0.53
CA VAL D 415 18.86 -38.52 0.77
C VAL D 415 19.84 -37.85 1.73
N GLY D 416 19.33 -36.88 2.49
CA GLY D 416 20.17 -36.11 3.39
C GLY D 416 21.14 -35.17 2.72
N ASP D 417 21.06 -34.99 1.41
CA ASP D 417 21.99 -34.16 0.66
C ASP D 417 21.26 -32.96 0.08
N VAL D 418 21.81 -31.78 0.28
CA VAL D 418 21.25 -30.55 -0.26
C VAL D 418 22.11 -30.00 -1.38
N ASN D 419 23.43 -30.13 -1.28
CA ASN D 419 24.32 -29.49 -2.23
C ASN D 419 24.46 -30.29 -3.51
N ASN D 420 24.77 -31.59 -3.39
CA ASN D 420 25.00 -32.43 -4.56
C ASN D 420 23.71 -33.08 -5.01
N PHE D 421 23.53 -33.18 -6.33
CA PHE D 421 22.32 -33.76 -6.91
C PHE D 421 22.63 -34.21 -8.33
N VAL D 422 21.62 -34.78 -8.99
CA VAL D 422 21.76 -35.31 -10.34
C VAL D 422 20.63 -34.76 -11.21
N VAL D 423 20.88 -34.77 -12.52
CA VAL D 423 19.91 -34.30 -13.50
C VAL D 423 19.94 -35.23 -14.71
N GLY D 424 18.86 -35.18 -15.49
CA GLY D 424 18.80 -35.96 -16.70
C GLY D 424 18.36 -35.13 -17.89
N SER D 425 19.23 -35.01 -18.90
CA SER D 425 18.90 -34.18 -20.04
C SER D 425 17.95 -34.90 -20.99
N GLU D 426 17.48 -34.18 -21.98
CA GLU D 426 16.73 -34.79 -23.07
C GLU D 426 17.60 -35.13 -24.26
N GLU D 427 18.89 -34.81 -24.22
CA GLU D 427 19.81 -35.23 -25.26
C GLU D 427 20.42 -36.60 -24.96
N GLY D 428 19.92 -37.30 -23.94
CA GLY D 428 20.40 -38.62 -23.63
C GLY D 428 21.45 -38.70 -22.55
N SER D 429 21.95 -37.57 -22.07
CA SER D 429 23.10 -37.54 -21.18
C SER D 429 22.64 -37.26 -19.75
N VAL D 430 23.08 -38.10 -18.83
CA VAL D 430 22.80 -37.94 -17.42
C VAL D 430 23.98 -37.22 -16.78
N TYR D 431 23.68 -36.18 -16.00
CA TYR D 431 24.72 -35.40 -15.35
C TYR D 431 24.48 -35.40 -13.85
N THR D 432 25.57 -35.29 -13.10
CA THR D 432 25.47 -34.93 -11.69
C THR D 432 25.89 -33.47 -11.54
N ALA D 433 25.55 -32.89 -10.38
CA ALA D 433 25.77 -31.47 -10.21
C ALA D 433 25.89 -31.15 -8.73
N CYS D 434 26.37 -29.95 -8.45
CA CYS D 434 26.47 -29.40 -7.11
C CYS D 434 25.84 -28.02 -7.09
N ARG D 435 25.08 -27.72 -6.04
CA ARG D 435 24.32 -26.49 -5.99
C ARG D 435 25.19 -25.28 -5.70
N HIS D 436 25.85 -25.27 -4.55
CA HIS D 436 26.62 -24.11 -4.12
C HIS D 436 28.01 -24.54 -3.68
N GLY D 437 28.96 -23.64 -3.82
CA GLY D 437 30.34 -23.86 -3.48
C GLY D 437 31.23 -23.17 -4.49
N SER D 438 32.52 -23.50 -4.45
CA SER D 438 33.44 -22.98 -5.45
C SER D 438 33.13 -23.55 -6.83
N LYS D 439 32.80 -24.84 -6.89
CA LYS D 439 32.38 -25.50 -8.12
C LYS D 439 30.87 -25.65 -8.07
N ALA D 440 30.16 -24.85 -8.83
CA ALA D 440 28.70 -24.89 -8.89
C ALA D 440 28.27 -25.11 -10.33
N GLY D 441 27.45 -26.14 -10.54
CA GLY D 441 27.03 -26.53 -11.86
C GLY D 441 27.27 -28.00 -12.05
N ILE D 442 27.35 -28.41 -13.31
CA ILE D 442 27.56 -29.81 -13.65
C ILE D 442 28.98 -30.23 -13.31
N SER D 443 29.11 -31.33 -12.55
CA SER D 443 30.42 -31.82 -12.14
C SER D 443 30.92 -32.92 -13.06
N GLU D 444 30.19 -34.03 -13.17
CA GLU D 444 30.58 -35.12 -14.04
C GLU D 444 29.56 -35.31 -15.15
N MET D 445 29.78 -36.35 -15.93
CA MET D 445 29.05 -36.60 -17.16
C MET D 445 28.89 -38.11 -17.30
N PHE D 446 27.75 -38.53 -17.81
CA PHE D 446 27.49 -39.94 -18.09
C PHE D 446 26.86 -40.05 -19.46
N GLU D 447 27.42 -40.89 -20.33
CA GLU D 447 26.92 -40.96 -21.70
C GLU D 447 25.69 -41.86 -21.79
N GLY D 448 25.87 -43.16 -21.55
CA GLY D 448 24.79 -44.09 -21.38
C GLY D 448 23.76 -44.24 -22.48
N HIS D 449 22.58 -43.67 -22.22
CA HIS D 449 21.37 -43.89 -22.99
C HIS D 449 21.48 -43.29 -24.38
N GLN D 450 20.58 -43.75 -25.27
CA GLN D 450 20.48 -43.24 -26.62
C GLN D 450 19.20 -42.43 -26.83
N GLY D 451 18.46 -42.15 -25.77
CA GLY D 451 17.25 -41.38 -25.86
C GLY D 451 17.07 -40.46 -24.67
N PRO D 452 16.08 -39.58 -24.73
CA PRO D 452 15.91 -38.58 -23.67
C PRO D 452 15.53 -39.21 -22.33
N ILE D 453 16.11 -38.68 -21.26
CA ILE D 453 15.86 -39.21 -19.94
C ILE D 453 14.47 -38.78 -19.49
N THR D 454 13.61 -39.75 -19.22
CA THR D 454 12.26 -39.46 -18.80
C THR D 454 12.07 -39.50 -17.30
N GLY D 455 13.02 -40.08 -16.57
CA GLY D 455 12.92 -40.10 -15.12
C GLY D 455 14.19 -40.60 -14.48
N ILE D 456 14.50 -40.11 -13.29
CA ILE D 456 15.72 -40.47 -12.57
C ILE D 456 15.49 -40.28 -11.08
N HIS D 457 15.87 -41.28 -10.29
CA HIS D 457 15.72 -41.21 -8.84
C HIS D 457 16.94 -41.79 -8.16
N CYS D 458 17.36 -41.13 -7.08
CA CYS D 458 18.45 -41.65 -6.27
C CYS D 458 17.94 -42.75 -5.34
N HIS D 459 18.87 -43.46 -4.72
CA HIS D 459 18.49 -44.48 -3.75
C HIS D 459 17.95 -43.85 -2.48
N ALA D 460 16.93 -44.46 -1.91
CA ALA D 460 16.20 -43.88 -0.79
C ALA D 460 16.34 -44.65 0.51
N ALA D 461 16.36 -45.98 0.46
CA ALA D 461 16.43 -46.78 1.67
C ALA D 461 17.83 -46.73 2.26
N VAL D 462 17.90 -46.50 3.57
CA VAL D 462 19.17 -46.39 4.27
C VAL D 462 19.20 -47.47 5.34
N GLY D 463 20.24 -48.30 5.32
CA GLY D 463 20.38 -49.35 6.30
C GLY D 463 21.80 -49.48 6.83
N ALA D 464 22.29 -50.71 6.89
CA ALA D 464 23.64 -50.96 7.42
C ALA D 464 24.70 -50.44 6.46
N VAL D 465 24.56 -50.77 5.18
CA VAL D 465 25.50 -50.34 4.15
C VAL D 465 24.93 -49.12 3.46
N ASP D 466 25.72 -48.07 3.33
CA ASP D 466 25.27 -46.87 2.64
C ASP D 466 25.15 -47.13 1.15
N PHE D 467 24.08 -46.61 0.55
CA PHE D 467 23.88 -46.72 -0.88
C PHE D 467 23.45 -45.37 -1.46
N SER D 468 23.88 -44.29 -0.81
CA SER D 468 23.51 -42.94 -1.23
C SER D 468 24.14 -42.55 -2.56
N HIS D 469 25.16 -43.27 -3.02
CA HIS D 469 25.80 -43.00 -4.30
C HIS D 469 25.19 -43.81 -5.43
N LEU D 470 23.93 -44.20 -5.31
CA LEU D 470 23.26 -45.08 -6.26
C LEU D 470 22.05 -44.38 -6.85
N PHE D 471 21.87 -44.48 -8.16
CA PHE D 471 20.65 -43.96 -8.78
C PHE D 471 20.35 -44.75 -10.05
N VAL D 472 19.12 -44.60 -10.52
CA VAL D 472 18.63 -45.29 -11.70
C VAL D 472 18.03 -44.24 -12.63
N THR D 473 17.89 -44.62 -13.90
CA THR D 473 17.36 -43.71 -14.89
C THR D 473 16.34 -44.41 -15.77
N SER D 474 15.43 -43.63 -16.33
CA SER D 474 14.48 -44.08 -17.33
C SER D 474 14.68 -43.26 -18.59
N SER D 475 14.55 -43.89 -19.75
CA SER D 475 14.77 -43.18 -21.00
C SER D 475 13.78 -43.66 -22.05
N PHE D 476 13.71 -42.92 -23.14
CA PHE D 476 12.83 -43.25 -24.24
C PHE D 476 13.35 -44.43 -25.06
N ASP D 477 14.58 -44.89 -24.81
CA ASP D 477 15.21 -45.90 -25.64
C ASP D 477 15.00 -47.31 -25.10
N TRP D 478 13.87 -47.55 -24.43
CA TRP D 478 13.35 -48.85 -24.02
C TRP D 478 14.20 -49.51 -22.94
N THR D 479 15.09 -48.76 -22.30
CA THR D 479 15.97 -49.31 -21.27
C THR D 479 15.78 -48.58 -19.95
N VAL D 480 15.95 -49.33 -18.86
CA VAL D 480 16.26 -48.76 -17.56
C VAL D 480 17.70 -49.09 -17.27
N LYS D 481 18.49 -48.09 -16.96
CA LYS D 481 19.89 -48.30 -16.64
C LYS D 481 20.15 -47.94 -15.19
N LEU D 482 20.93 -48.78 -14.53
CA LEU D 482 21.28 -48.60 -13.14
C LEU D 482 22.68 -47.99 -13.09
N TRP D 483 22.88 -47.03 -12.20
CA TRP D 483 24.08 -46.23 -12.21
C TRP D 483 24.70 -46.15 -10.83
N SER D 484 25.86 -45.51 -10.77
CA SER D 484 26.44 -45.05 -9.52
C SER D 484 27.25 -43.80 -9.81
N THR D 485 27.55 -43.07 -8.74
CA THR D 485 28.25 -41.79 -8.90
C THR D 485 29.75 -41.97 -9.13
N LYS D 486 30.28 -43.17 -8.93
CA LYS D 486 31.71 -43.39 -9.12
C LYS D 486 32.03 -43.84 -10.53
N ASN D 487 31.44 -44.95 -10.96
CA ASN D 487 31.67 -45.45 -12.30
C ASN D 487 30.96 -44.59 -13.33
N ASN D 488 31.64 -44.31 -14.43
CA ASN D 488 31.11 -43.49 -15.50
C ASN D 488 30.31 -44.29 -16.52
N LYS D 489 30.11 -45.57 -16.27
CA LYS D 489 29.40 -46.46 -17.17
C LYS D 489 28.13 -46.97 -16.52
N PRO D 490 27.13 -47.38 -17.29
CA PRO D 490 25.94 -48.01 -16.70
C PRO D 490 26.30 -49.36 -16.08
N LEU D 491 25.84 -49.59 -14.86
CA LEU D 491 26.13 -50.85 -14.20
C LEU D 491 25.29 -51.99 -14.77
N TYR D 492 24.09 -51.69 -15.25
CA TYR D 492 23.24 -52.71 -15.83
C TYR D 492 22.26 -52.06 -16.80
N SER D 493 21.72 -52.88 -17.69
CA SER D 493 20.71 -52.44 -18.65
C SER D 493 19.52 -53.38 -18.56
N PHE D 494 18.32 -52.82 -18.56
CA PHE D 494 17.09 -53.61 -18.46
C PHE D 494 16.31 -53.45 -19.76
N GLU D 495 16.67 -54.26 -20.75
CA GLU D 495 16.06 -54.25 -22.08
C GLU D 495 14.85 -55.18 -22.17
N ASP D 496 14.38 -55.70 -21.02
CA ASP D 496 13.32 -56.71 -21.01
C ASP D 496 12.01 -56.16 -21.54
N ASN D 497 11.76 -54.87 -21.37
CA ASN D 497 10.56 -54.28 -21.94
C ASN D 497 10.72 -54.16 -23.46
N ALA D 498 9.68 -54.59 -24.18
CA ALA D 498 9.62 -54.44 -25.62
C ALA D 498 8.87 -53.19 -26.04
N GLY D 499 8.86 -52.16 -25.21
CA GLY D 499 8.20 -50.91 -25.52
C GLY D 499 8.95 -49.76 -24.84
N TYR D 500 8.35 -48.57 -24.88
CA TYR D 500 8.92 -47.39 -24.25
C TYR D 500 8.84 -47.53 -22.73
N VAL D 501 9.67 -46.74 -22.04
CA VAL D 501 9.74 -46.79 -20.58
C VAL D 501 9.76 -45.36 -20.06
N TYR D 502 8.93 -45.08 -19.05
CA TYR D 502 8.73 -43.70 -18.61
C TYR D 502 9.28 -43.35 -17.24
N ASP D 503 8.87 -44.00 -16.15
CA ASP D 503 9.50 -43.64 -14.89
C ASP D 503 10.11 -44.85 -14.20
N VAL D 504 10.93 -44.55 -13.20
CA VAL D 504 11.48 -45.53 -12.28
C VAL D 504 11.89 -44.78 -11.02
N MET D 505 11.56 -45.34 -9.86
CA MET D 505 12.07 -44.79 -8.62
C MET D 505 12.23 -45.88 -7.58
N TRP D 506 13.32 -45.79 -6.83
CA TRP D 506 13.67 -46.77 -5.79
C TRP D 506 12.58 -46.86 -4.74
N SER D 507 12.51 -48.02 -4.10
CA SER D 507 11.67 -48.16 -2.92
C SER D 507 12.26 -47.36 -1.77
N PRO D 508 11.43 -46.68 -0.98
CA PRO D 508 11.97 -45.98 0.19
C PRO D 508 12.31 -46.91 1.33
N THR D 509 11.81 -48.15 1.33
CA THR D 509 12.07 -49.11 2.39
C THR D 509 12.93 -50.27 1.94
N HIS D 510 12.54 -50.96 0.87
CA HIS D 510 13.32 -52.08 0.37
C HIS D 510 14.54 -51.56 -0.38
N PRO D 511 15.76 -51.93 0.02
CA PRO D 511 16.95 -51.35 -0.60
C PRO D 511 17.24 -51.84 -2.00
N ALA D 512 16.60 -52.92 -2.45
CA ALA D 512 16.90 -53.50 -3.75
C ALA D 512 15.68 -53.54 -4.66
N LEU D 513 14.73 -52.63 -4.48
CA LEU D 513 13.48 -52.69 -5.20
C LEU D 513 13.17 -51.35 -5.84
N PHE D 514 12.66 -51.39 -7.07
CA PHE D 514 12.15 -50.21 -7.75
C PHE D 514 11.07 -50.65 -8.72
N ALA D 515 10.22 -49.70 -9.10
CA ALA D 515 9.12 -49.98 -10.00
C ALA D 515 9.21 -49.13 -11.25
N CYS D 516 8.83 -49.71 -12.38
CA CYS D 516 8.88 -49.00 -13.64
C CYS D 516 7.60 -49.29 -14.44
N VAL D 517 7.25 -48.36 -15.31
CA VAL D 517 6.03 -48.46 -16.13
C VAL D 517 6.44 -48.50 -17.59
N ASP D 518 5.45 -48.58 -18.49
CA ASP D 518 5.76 -48.64 -19.90
C ASP D 518 4.67 -47.91 -20.68
N GLY D 519 4.63 -48.16 -21.98
CA GLY D 519 3.61 -47.57 -22.84
C GLY D 519 2.36 -48.40 -22.99
N MET D 520 2.43 -49.68 -22.64
CA MET D 520 1.28 -50.58 -22.72
C MET D 520 0.64 -50.82 -21.37
N GLY D 521 0.97 -50.02 -20.38
CA GLY D 521 0.32 -50.09 -19.10
C GLY D 521 0.83 -51.17 -18.18
N ARG D 522 1.90 -51.86 -18.54
CA ARG D 522 2.44 -52.91 -17.70
C ARG D 522 3.34 -52.29 -16.64
N LEU D 523 3.02 -52.55 -15.39
CA LEU D 523 3.79 -52.06 -14.25
C LEU D 523 4.68 -53.18 -13.77
N ASP D 524 5.98 -52.94 -13.74
CA ASP D 524 6.95 -53.97 -13.39
C ASP D 524 7.71 -53.57 -12.13
N LEU D 525 8.07 -54.57 -11.34
CA LEU D 525 8.90 -54.38 -10.15
C LEU D 525 10.13 -55.26 -10.28
N TRP D 526 11.28 -54.71 -9.91
CA TRP D 526 12.55 -55.40 -10.06
C TRP D 526 13.20 -55.52 -8.69
N ASN D 527 13.26 -56.73 -8.15
CA ASN D 527 14.04 -57.01 -6.95
C ASN D 527 15.39 -57.55 -7.38
N LEU D 528 16.45 -56.79 -7.13
CA LEU D 528 17.77 -57.18 -7.60
C LEU D 528 18.33 -58.37 -6.83
N ASN D 529 17.94 -58.52 -5.56
CA ASN D 529 18.37 -59.69 -4.81
C ASN D 529 17.67 -60.95 -5.28
N ASN D 530 16.48 -60.83 -5.88
CA ASN D 530 15.81 -62.00 -6.42
C ASN D 530 16.37 -62.36 -7.80
N ASP D 531 16.19 -61.48 -8.77
CA ASP D 531 16.64 -61.76 -10.12
C ASP D 531 16.96 -60.46 -10.85
N THR D 532 18.00 -60.50 -11.68
CA THR D 532 18.48 -59.33 -12.39
C THR D 532 18.13 -59.37 -13.87
N GLU D 533 17.19 -60.21 -14.27
CA GLU D 533 16.85 -60.34 -15.68
C GLU D 533 15.35 -60.37 -15.97
N VAL D 534 14.51 -60.61 -14.97
CA VAL D 534 13.06 -60.62 -15.17
C VAL D 534 12.43 -59.75 -14.10
N PRO D 535 11.28 -59.13 -14.36
CA PRO D 535 10.57 -58.41 -13.30
C PRO D 535 10.08 -59.38 -12.23
N THR D 536 10.18 -58.95 -10.97
CA THR D 536 9.77 -59.79 -9.87
C THR D 536 8.26 -59.93 -9.80
N ALA D 537 7.53 -58.86 -10.14
CA ALA D 537 6.09 -58.90 -10.19
C ALA D 537 5.60 -57.94 -11.26
N SER D 538 4.57 -58.34 -11.97
CA SER D 538 4.05 -57.53 -13.07
C SER D 538 2.53 -57.52 -13.05
N ILE D 539 1.95 -56.36 -13.35
CA ILE D 539 0.51 -56.22 -13.51
C ILE D 539 0.26 -55.23 -14.64
N SER D 540 -0.94 -55.28 -15.20
CA SER D 540 -1.35 -54.38 -16.26
C SER D 540 -2.72 -53.82 -15.91
N VAL D 541 -2.92 -52.54 -16.16
CA VAL D 541 -4.22 -51.93 -15.93
C VAL D 541 -5.12 -52.15 -17.13
N GLU D 542 -6.43 -52.03 -16.90
CA GLU D 542 -7.42 -52.36 -17.91
C GLU D 542 -7.46 -51.31 -19.01
N GLY D 543 -7.62 -51.78 -20.25
CA GLY D 543 -7.70 -50.91 -21.40
C GLY D 543 -6.36 -50.58 -22.04
N ASN D 544 -5.25 -50.90 -21.36
CA ASN D 544 -3.86 -50.63 -21.74
C ASN D 544 -3.61 -49.18 -22.17
N PRO D 545 -3.64 -48.20 -21.27
CA PRO D 545 -3.23 -46.85 -21.66
C PRO D 545 -1.74 -46.62 -21.42
N ALA D 546 -1.26 -45.46 -21.84
CA ALA D 546 0.13 -45.10 -21.65
C ALA D 546 0.34 -44.65 -20.21
N LEU D 547 1.03 -45.46 -19.43
CA LEU D 547 1.26 -45.15 -18.02
C LEU D 547 2.38 -44.12 -17.90
N ASN D 548 2.06 -42.94 -17.40
CA ASN D 548 3.03 -41.84 -17.40
C ASN D 548 3.89 -41.82 -16.15
N ARG D 549 3.28 -41.74 -14.98
CA ARG D 549 4.03 -41.51 -13.76
C ARG D 549 3.72 -42.60 -12.75
N VAL D 550 4.69 -42.88 -11.88
CA VAL D 550 4.52 -43.86 -10.81
C VAL D 550 5.17 -43.33 -9.54
N ARG D 551 4.47 -43.45 -8.41
CA ARG D 551 4.98 -42.92 -7.16
C ARG D 551 4.70 -43.91 -6.03
N TRP D 552 5.72 -44.16 -5.21
CA TRP D 552 5.66 -45.00 -4.03
C TRP D 552 5.24 -44.16 -2.82
N THR D 553 4.50 -44.79 -1.92
CA THR D 553 4.22 -44.11 -0.66
C THR D 553 5.43 -44.20 0.25
N HIS D 554 5.41 -43.41 1.32
CA HIS D 554 6.51 -43.40 2.28
C HIS D 554 6.58 -44.70 3.08
N SER D 555 5.47 -45.41 3.23
CA SER D 555 5.49 -46.71 3.88
C SER D 555 6.06 -47.80 2.98
N GLY D 556 6.14 -47.54 1.68
CA GLY D 556 6.64 -48.53 0.74
C GLY D 556 5.72 -49.70 0.48
N ARG D 557 4.44 -49.60 0.85
CA ARG D 557 3.54 -50.73 0.68
C ARG D 557 2.56 -50.54 -0.47
N GLU D 558 1.84 -49.42 -0.52
CA GLU D 558 0.99 -49.14 -1.68
C GLU D 558 1.73 -48.19 -2.59
N ILE D 559 1.67 -48.45 -3.89
CA ILE D 559 2.30 -47.57 -4.85
C ILE D 559 1.21 -47.01 -5.76
N ALA D 560 1.46 -45.81 -6.27
CA ALA D 560 0.50 -45.10 -7.10
C ALA D 560 1.03 -45.01 -8.51
N VAL D 561 0.13 -44.92 -9.47
CA VAL D 561 0.52 -44.84 -10.87
C VAL D 561 -0.59 -44.11 -11.64
N GLY D 562 -0.20 -43.17 -12.50
CA GLY D 562 -1.12 -42.46 -13.36
C GLY D 562 -1.04 -42.97 -14.79
N ASP D 563 -1.88 -42.40 -15.64
CA ASP D 563 -1.89 -42.81 -17.04
C ASP D 563 -2.34 -41.64 -17.91
N SER D 564 -2.68 -41.96 -19.16
CA SER D 564 -3.06 -40.96 -20.14
C SER D 564 -4.52 -40.52 -20.02
N GLU D 565 -5.34 -41.26 -19.27
CA GLU D 565 -6.74 -40.92 -19.13
C GLU D 565 -7.09 -40.34 -17.76
N GLY D 566 -6.09 -40.09 -16.92
CA GLY D 566 -6.35 -39.62 -15.58
C GLY D 566 -6.77 -40.71 -14.61
N GLN D 567 -6.85 -41.95 -15.08
CA GLN D 567 -7.34 -43.06 -14.27
C GLN D 567 -6.21 -43.48 -13.34
N ILE D 568 -6.12 -42.78 -12.21
CA ILE D 568 -5.10 -43.08 -11.22
C ILE D 568 -5.48 -44.37 -10.52
N VAL D 569 -4.58 -45.35 -10.56
CA VAL D 569 -4.78 -46.65 -9.92
C VAL D 569 -3.79 -46.75 -8.77
N ILE D 570 -4.28 -47.16 -7.61
CA ILE D 570 -3.42 -47.38 -6.45
C ILE D 570 -3.20 -48.88 -6.32
N TYR D 571 -1.94 -49.28 -6.37
CA TYR D 571 -1.57 -50.68 -6.32
C TYR D 571 -0.85 -50.96 -5.01
N ASP D 572 -1.36 -51.93 -4.26
CA ASP D 572 -0.74 -52.37 -3.01
C ASP D 572 0.03 -53.64 -3.28
N VAL D 573 1.34 -53.60 -3.07
CA VAL D 573 2.16 -54.78 -3.29
C VAL D 573 2.04 -55.72 -2.09
N GLY D 574 2.43 -56.97 -2.29
CA GLY D 574 2.44 -57.91 -1.19
C GLY D 574 3.55 -57.62 -0.20
N GLU D 575 3.31 -58.04 1.04
CA GLU D 575 4.32 -57.86 2.09
C GLU D 575 5.52 -58.79 1.90
N GLN D 576 5.37 -59.85 1.10
CA GLN D 576 6.50 -60.73 0.83
C GLN D 576 7.54 -60.06 -0.05
N ILE D 577 7.16 -59.04 -0.82
CA ILE D 577 8.10 -58.36 -1.71
C ILE D 577 8.54 -57.05 -1.09
N ALA D 578 7.64 -56.41 -0.34
CA ALA D 578 7.93 -55.07 0.17
C ALA D 578 8.86 -55.11 1.38
N VAL D 579 8.51 -55.91 2.38
CA VAL D 579 9.27 -55.94 3.62
C VAL D 579 10.59 -56.67 3.38
N PRO D 580 11.73 -56.05 3.71
CA PRO D 580 13.01 -56.74 3.55
C PRO D 580 13.43 -57.47 4.82
N ARG D 581 14.32 -58.43 4.63
CA ARG D 581 14.94 -59.13 5.74
C ARG D 581 16.03 -58.26 6.38
N ASN D 582 16.53 -58.72 7.53
CA ASN D 582 17.55 -57.97 8.25
C ASN D 582 18.89 -57.96 7.53
N ASP D 583 19.16 -58.98 6.73
CA ASP D 583 20.40 -59.07 5.97
C ASP D 583 20.23 -58.62 4.53
N GLU D 584 19.12 -57.93 4.21
CA GLU D 584 18.84 -57.55 2.83
C GLU D 584 19.80 -56.49 2.33
N TRP D 585 20.32 -55.64 3.22
CA TRP D 585 21.34 -54.69 2.81
C TRP D 585 22.65 -55.39 2.50
N ALA D 586 23.03 -56.39 3.29
CA ALA D 586 24.23 -57.16 3.00
C ALA D 586 24.04 -58.04 1.78
N ARG D 587 22.85 -58.60 1.60
CA ARG D 587 22.55 -59.38 0.41
C ARG D 587 22.58 -58.52 -0.83
N PHE D 588 22.07 -57.29 -0.74
CA PHE D 588 22.16 -56.36 -1.86
C PHE D 588 23.59 -55.92 -2.12
N GLY D 589 24.39 -55.78 -1.06
CA GLY D 589 25.81 -55.46 -1.27
C GLY D 589 26.54 -56.56 -1.98
N ARG D 590 26.25 -57.81 -1.62
CA ARG D 590 26.84 -58.95 -2.33
C ARG D 590 26.33 -59.04 -3.77
N THR D 591 25.05 -58.71 -3.97
CA THR D 591 24.49 -58.70 -5.33
C THR D 591 25.14 -57.62 -6.18
N LEU D 592 25.37 -56.45 -5.61
CA LEU D 592 26.03 -55.36 -6.32
C LEU D 592 27.48 -55.71 -6.63
N ALA D 593 28.16 -56.36 -5.69
CA ALA D 593 29.53 -56.80 -5.93
C ALA D 593 29.59 -57.84 -7.05
N GLU D 594 28.65 -58.78 -7.06
CA GLU D 594 28.61 -59.78 -8.11
C GLU D 594 28.27 -59.16 -9.47
N ILE D 595 27.36 -58.19 -9.48
CA ILE D 595 26.98 -57.52 -10.72
C ILE D 595 28.16 -56.72 -11.26
N ASN D 596 28.88 -56.02 -10.39
CA ASN D 596 30.09 -55.30 -10.77
C ASN D 596 31.16 -56.25 -11.29
N ALA D 597 31.32 -57.40 -10.65
CA ALA D 597 32.32 -58.37 -11.08
C ALA D 597 31.98 -58.96 -12.44
N ASN D 598 30.73 -59.34 -12.65
CA ASN D 598 30.34 -59.95 -13.92
C ASN D 598 30.31 -58.93 -15.04
N ARG D 599 29.95 -57.68 -14.74
CA ARG D 599 29.93 -56.65 -15.77
C ARG D 599 31.34 -56.24 -16.16
N ALA D 600 32.23 -56.07 -15.18
CA ALA D 600 33.64 -55.82 -15.47
C ALA D 600 34.30 -57.00 -16.18
N ASP D 601 33.84 -58.22 -15.91
CA ASP D 601 34.37 -59.36 -16.64
C ASP D 601 33.67 -59.59 -17.97
N ALA D 602 32.59 -58.85 -18.27
CA ALA D 602 31.85 -59.11 -19.49
C ALA D 602 32.60 -58.62 -20.72
N GLU D 603 33.29 -57.50 -20.61
CA GLU D 603 33.83 -56.84 -21.79
C GLU D 603 35.31 -57.16 -22.07
N GLU D 604 36.07 -57.64 -21.07
CA GLU D 604 37.48 -57.82 -21.34
C GLU D 604 37.73 -59.09 -22.15
N GLU D 605 36.96 -60.14 -21.89
CA GLU D 605 37.03 -61.36 -22.69
C GLU D 605 36.34 -61.21 -24.03
N ALA D 606 35.40 -60.27 -24.14
CA ALA D 606 34.83 -59.95 -25.45
C ALA D 606 35.83 -59.17 -26.30
N ALA D 607 36.60 -58.27 -25.68
CA ALA D 607 37.61 -57.54 -26.42
C ALA D 607 38.82 -58.41 -26.73
N THR D 608 39.23 -59.24 -25.77
CA THR D 608 40.40 -60.10 -25.96
C THR D 608 39.99 -61.50 -26.39
N SER E 49 -73.49 21.73 33.86
CA SER E 49 -73.03 22.08 32.52
C SER E 49 -71.51 21.97 32.42
N LYS E 50 -71.04 20.77 32.07
CA LYS E 50 -69.61 20.55 31.93
C LYS E 50 -69.09 21.18 30.64
N LEU E 51 -67.78 21.42 30.61
CA LEU E 51 -67.14 22.00 29.44
C LEU E 51 -67.14 20.99 28.28
N PRO E 52 -67.29 21.46 27.04
CA PRO E 52 -67.30 20.53 25.91
C PRO E 52 -65.91 19.97 25.65
N SER E 53 -65.91 18.75 25.11
CA SER E 53 -64.68 18.05 24.75
C SER E 53 -64.68 17.78 23.24
N GLY E 54 -63.73 16.97 22.80
CA GLY E 54 -63.62 16.66 21.39
C GLY E 54 -63.05 17.77 20.55
N LYS E 55 -62.44 18.78 21.16
CA LYS E 55 -61.84 19.86 20.39
C LYS E 55 -60.57 19.38 19.71
N ASN E 56 -60.47 19.63 18.41
CA ASN E 56 -59.44 19.07 17.57
C ASN E 56 -58.36 20.10 17.28
N ILE E 57 -57.12 19.65 17.26
CA ILE E 57 -55.97 20.46 16.86
C ILE E 57 -55.38 19.82 15.61
N LEU E 58 -55.28 20.59 14.54
CA LEU E 58 -54.76 20.10 13.26
C LEU E 58 -53.48 20.84 12.96
N VAL E 59 -52.35 20.14 13.04
CA VAL E 59 -51.02 20.72 12.84
C VAL E 59 -50.57 20.40 11.42
N PHE E 60 -50.14 21.41 10.68
CA PHE E 60 -49.67 21.24 9.32
C PHE E 60 -48.37 21.99 9.13
N GLY E 61 -47.38 21.33 8.57
CA GLY E 61 -46.09 21.94 8.34
C GLY E 61 -45.18 20.94 7.66
N GLU E 62 -44.01 21.43 7.27
CA GLU E 62 -43.05 20.54 6.62
C GLU E 62 -42.33 19.71 7.67
N ASP E 63 -41.77 18.59 7.21
CA ASP E 63 -41.02 17.72 8.10
C ASP E 63 -39.71 18.38 8.51
N GLY E 64 -39.33 18.19 9.77
CA GLY E 64 -38.14 18.81 10.31
C GLY E 64 -38.33 20.25 10.73
N SER E 65 -39.54 20.80 10.60
CA SER E 65 -39.80 22.16 11.04
C SER E 65 -39.97 22.26 12.55
N GLY E 66 -40.02 21.14 13.26
CA GLY E 66 -40.10 21.17 14.70
C GLY E 66 -41.50 21.20 15.25
N LYS E 67 -42.45 20.53 14.61
CA LYS E 67 -43.82 20.53 15.12
C LYS E 67 -43.95 19.68 16.38
N THR E 68 -43.32 18.51 16.40
CA THR E 68 -43.42 17.61 17.55
C THR E 68 -42.76 18.20 18.78
N THR E 69 -41.59 18.82 18.61
CA THR E 69 -40.93 19.43 19.76
C THR E 69 -41.66 20.68 20.24
N LEU E 70 -42.47 21.30 19.38
CA LEU E 70 -43.34 22.38 19.83
C LEU E 70 -44.52 21.84 20.63
N MET E 71 -45.15 20.76 20.14
CA MET E 71 -46.31 20.21 20.83
C MET E 71 -45.95 19.55 22.16
N THR E 72 -44.74 18.99 22.29
CA THR E 72 -44.42 18.38 23.58
C THR E 72 -44.09 19.42 24.64
N LYS E 73 -43.74 20.65 24.24
CA LYS E 73 -43.55 21.72 25.20
C LYS E 73 -44.82 22.52 25.43
N LEU E 74 -45.73 22.55 24.47
CA LEU E 74 -47.06 23.11 24.72
C LEU E 74 -47.85 22.21 25.66
N GLN E 75 -47.80 20.89 25.44
CA GLN E 75 -48.47 19.96 26.34
C GLN E 75 -47.72 19.85 27.66
N GLY E 76 -46.40 19.80 27.62
CA GLY E 76 -45.59 19.65 28.81
C GLY E 76 -44.89 18.33 28.98
N ALA E 77 -44.93 17.46 27.98
CA ALA E 77 -44.21 16.19 28.06
C ALA E 77 -42.71 16.42 27.87
N GLU E 78 -41.92 15.49 28.41
CA GLU E 78 -40.47 15.63 28.32
C GLU E 78 -39.95 15.28 26.93
N HIS E 79 -40.16 14.04 26.51
CA HIS E 79 -39.59 13.54 25.25
C HIS E 79 -40.74 13.28 24.28
N GLY E 80 -40.86 14.16 23.28
CA GLY E 80 -41.78 13.91 22.18
C GLY E 80 -41.04 13.35 20.98
N LYS E 81 -41.11 12.02 20.82
CA LYS E 81 -40.39 11.36 19.75
C LYS E 81 -41.09 11.58 18.42
N LYS E 82 -40.34 11.97 17.40
CA LYS E 82 -40.92 12.27 16.10
C LYS E 82 -41.34 10.98 15.38
N GLY E 83 -42.53 10.49 15.68
CA GLY E 83 -43.09 9.36 14.94
C GLY E 83 -43.57 9.81 13.58
N ARG E 84 -43.32 9.00 12.55
CA ARG E 84 -43.62 9.41 11.20
C ARG E 84 -44.98 8.89 10.73
N GLY E 85 -45.57 9.60 9.78
CA GLY E 85 -46.96 9.43 9.43
C GLY E 85 -47.79 10.46 10.16
N LEU E 86 -48.62 10.02 11.10
CA LEU E 86 -49.36 10.91 11.97
C LEU E 86 -48.82 10.74 13.38
N GLU E 87 -48.88 11.80 14.18
CA GLU E 87 -48.62 11.72 15.59
C GLU E 87 -49.89 12.04 16.35
N TYR E 88 -50.09 11.33 17.47
CA TYR E 88 -51.27 11.53 18.30
C TYR E 88 -50.84 12.08 19.65
N LEU E 89 -51.56 13.10 20.10
CA LEU E 89 -51.29 13.73 21.38
C LEU E 89 -52.59 14.38 21.83
N TYR E 90 -52.61 14.80 23.09
CA TYR E 90 -53.71 15.61 23.61
C TYR E 90 -53.16 16.75 24.43
N LEU E 91 -53.96 17.80 24.56
CA LEU E 91 -53.58 18.98 25.31
C LEU E 91 -54.19 18.93 26.71
N SER E 92 -53.38 19.26 27.71
CA SER E 92 -53.83 19.29 29.10
C SER E 92 -54.43 20.66 29.37
N VAL E 93 -55.73 20.78 29.18
CA VAL E 93 -56.45 22.03 29.38
C VAL E 93 -57.33 21.88 30.62
N HIS E 94 -57.15 22.80 31.56
CA HIS E 94 -57.92 22.78 32.80
C HIS E 94 -58.17 24.21 33.23
N ASP E 95 -59.21 24.38 34.05
CA ASP E 95 -59.57 25.68 34.59
C ASP E 95 -59.58 25.62 36.10
N GLU E 96 -59.32 26.76 36.73
CA GLU E 96 -59.28 26.87 38.18
C GLU E 96 -60.58 27.37 38.79
N ASP E 97 -61.59 27.66 37.97
CA ASP E 97 -62.85 28.21 38.47
C ASP E 97 -63.88 27.12 38.72
N ARG E 98 -64.25 26.38 37.68
CA ARG E 98 -65.21 25.29 37.82
C ARG E 98 -64.57 23.98 38.26
N ASP E 99 -63.23 23.95 38.39
CA ASP E 99 -62.43 22.76 38.71
C ASP E 99 -62.70 21.62 37.73
N ASP E 100 -62.62 21.94 36.44
CA ASP E 100 -62.93 21.00 35.38
C ASP E 100 -61.69 20.79 34.52
N HIS E 101 -61.56 19.57 34.00
CA HIS E 101 -60.42 19.18 33.17
C HIS E 101 -60.94 18.74 31.81
N THR E 102 -60.45 19.37 30.75
CA THR E 102 -60.86 19.04 29.39
C THR E 102 -59.70 18.44 28.62
N ARG E 103 -60.02 17.44 27.80
CA ARG E 103 -59.02 16.77 26.96
C ARG E 103 -59.21 17.23 25.52
N CYS E 104 -58.18 17.84 24.95
CA CYS E 104 -58.21 18.36 23.59
C CYS E 104 -57.11 17.67 22.81
N ASN E 105 -57.51 16.80 21.88
CA ASN E 105 -56.56 15.96 21.17
C ASN E 105 -55.79 16.77 20.12
N VAL E 106 -54.55 16.32 19.86
CA VAL E 106 -53.65 16.98 18.92
C VAL E 106 -53.34 16.00 17.81
N TRP E 107 -53.57 16.42 16.56
CA TRP E 107 -53.21 15.65 15.38
C TRP E 107 -52.12 16.38 14.61
N ILE E 108 -51.01 15.71 14.37
CA ILE E 108 -49.87 16.26 13.66
C ILE E 108 -49.69 15.49 12.37
N LEU E 109 -49.57 16.21 11.26
CA LEU E 109 -49.30 15.61 9.96
C LEU E 109 -47.87 15.93 9.57
N ASP E 110 -47.15 14.91 9.09
CA ASP E 110 -45.80 15.10 8.59
C ASP E 110 -45.82 15.80 7.24
N GLY E 111 -44.67 16.34 6.86
CA GLY E 111 -44.55 17.03 5.59
C GLY E 111 -44.40 16.08 4.42
N ASP E 112 -45.48 15.41 4.04
CA ASP E 112 -45.44 14.48 2.92
C ASP E 112 -46.81 14.40 2.28
N LEU E 113 -46.87 14.68 0.97
CA LEU E 113 -48.11 14.59 0.22
C LEU E 113 -48.56 13.17 -0.01
N TYR E 114 -47.67 12.19 0.17
CA TYR E 114 -48.05 10.78 0.12
C TYR E 114 -48.95 10.39 1.27
N HIS E 115 -48.90 11.11 2.38
CA HIS E 115 -49.72 10.82 3.54
C HIS E 115 -50.90 11.79 3.68
N LYS E 116 -51.35 12.37 2.56
CA LYS E 116 -52.49 13.26 2.61
C LYS E 116 -53.81 12.52 2.78
N GLY E 117 -53.83 11.22 2.52
CA GLY E 117 -55.00 10.39 2.76
C GLY E 117 -55.19 9.99 4.20
N LEU E 118 -54.24 10.33 5.07
CA LEU E 118 -54.37 10.06 6.49
C LEU E 118 -55.24 11.06 7.21
N LEU E 119 -55.69 12.12 6.54
CA LEU E 119 -56.46 13.16 7.19
C LEU E 119 -57.87 12.74 7.56
N LYS E 120 -58.36 11.63 6.99
CA LYS E 120 -59.71 11.17 7.31
C LYS E 120 -59.80 10.67 8.74
N PHE E 121 -58.70 10.10 9.26
CA PHE E 121 -58.70 9.67 10.65
C PHE E 121 -58.42 10.82 11.60
N ALA E 122 -57.75 11.86 11.13
CA ALA E 122 -57.46 13.01 11.98
C ALA E 122 -58.71 13.85 12.22
N VAL E 123 -59.47 14.13 11.17
CA VAL E 123 -60.70 14.90 11.27
C VAL E 123 -61.77 14.25 10.39
N SER E 124 -62.99 14.27 10.89
CA SER E 124 -64.16 13.77 10.17
C SER E 124 -65.04 14.94 9.76
N ALA E 125 -66.20 14.63 9.19
CA ALA E 125 -67.16 15.67 8.83
C ALA E 125 -67.80 16.28 10.08
N GLU E 126 -68.16 15.44 11.06
CA GLU E 126 -68.78 15.93 12.28
C GLU E 126 -67.77 16.61 13.19
N SER E 127 -66.49 16.25 13.11
CA SER E 127 -65.46 16.86 13.93
C SER E 127 -64.93 18.15 13.33
N LEU E 128 -65.43 18.54 12.16
CA LEU E 128 -65.01 19.81 11.54
C LEU E 128 -65.36 21.06 12.37
N PRO E 129 -66.58 21.26 12.91
CA PRO E 129 -66.81 22.49 13.69
C PRO E 129 -66.10 22.52 15.04
N GLU E 130 -65.56 21.39 15.51
CA GLU E 130 -64.78 21.36 16.74
C GLU E 130 -63.30 21.23 16.47
N THR E 131 -62.82 21.84 15.38
CA THR E 131 -61.44 21.73 14.96
C THR E 131 -60.82 23.12 14.84
N LEU E 132 -59.70 23.32 15.53
CA LEU E 132 -58.89 24.51 15.36
C LEU E 132 -57.61 24.12 14.64
N VAL E 133 -57.33 24.78 13.53
CA VAL E 133 -56.26 24.41 12.63
C VAL E 133 -55.08 25.33 12.88
N ILE E 134 -53.92 24.76 13.17
CA ILE E 134 -52.68 25.50 13.27
C ILE E 134 -51.80 25.16 12.07
N PHE E 135 -51.38 26.19 11.35
CA PHE E 135 -50.48 26.02 10.22
C PHE E 135 -49.09 26.45 10.66
N VAL E 136 -48.12 25.55 10.53
CA VAL E 136 -46.79 25.77 11.07
C VAL E 136 -45.87 26.23 9.95
N ALA E 137 -45.19 27.36 10.16
CA ALA E 137 -44.24 27.91 9.22
C ALA E 137 -42.90 28.07 9.91
N ASP E 138 -41.83 27.61 9.27
CA ASP E 138 -40.49 27.65 9.81
C ASP E 138 -39.64 28.60 8.98
N MET E 139 -39.37 29.78 9.51
CA MET E 139 -38.56 30.77 8.82
C MET E 139 -37.07 30.59 9.06
N SER E 140 -36.67 29.48 9.69
CA SER E 140 -35.27 29.09 9.67
C SER E 140 -34.81 28.83 8.25
N ARG E 141 -35.69 28.27 7.43
CA ARG E 141 -35.55 28.29 5.99
C ARG E 141 -36.62 29.25 5.45
N PRO E 142 -36.36 30.56 5.52
CA PRO E 142 -37.43 31.54 5.22
C PRO E 142 -37.76 31.69 3.75
N TRP E 143 -37.04 31.02 2.86
CA TRP E 143 -37.32 31.14 1.44
C TRP E 143 -38.55 30.34 1.03
N THR E 144 -38.97 29.37 1.81
CA THR E 144 -40.05 28.50 1.37
C THR E 144 -41.10 28.39 2.46
N VAL E 145 -41.55 29.51 3.02
CA VAL E 145 -42.50 29.40 4.12
C VAL E 145 -43.96 29.44 3.65
N MET E 146 -44.41 30.47 2.92
CA MET E 146 -45.82 30.44 2.54
C MET E 146 -46.11 29.48 1.39
N GLU E 147 -45.08 28.89 0.78
CA GLU E 147 -45.31 27.81 -0.17
C GLU E 147 -45.96 26.61 0.51
N SER E 148 -45.45 26.25 1.69
CA SER E 148 -46.08 25.22 2.50
C SER E 148 -47.47 25.64 2.94
N LEU E 149 -47.66 26.94 3.23
CA LEU E 149 -48.97 27.48 3.59
C LEU E 149 -49.98 27.28 2.48
N GLN E 150 -49.64 27.64 1.23
CA GLN E 150 -50.65 27.56 0.19
C GLN E 150 -50.86 26.12 -0.25
N LYS E 151 -49.82 25.28 -0.18
CA LYS E 151 -50.03 23.88 -0.53
C LYS E 151 -50.85 23.15 0.52
N TRP E 152 -50.68 23.46 1.82
CA TRP E 152 -51.57 22.90 2.82
C TRP E 152 -52.97 23.48 2.73
N ALA E 153 -53.09 24.74 2.32
CA ALA E 153 -54.41 25.34 2.12
C ALA E 153 -55.15 24.69 0.96
N SER E 154 -54.45 24.41 -0.14
CA SER E 154 -55.05 23.72 -1.27
C SER E 154 -55.41 22.29 -0.90
N VAL E 155 -54.57 21.64 -0.09
CA VAL E 155 -54.87 20.30 0.41
C VAL E 155 -56.12 20.32 1.29
N LEU E 156 -56.26 21.33 2.15
CA LEU E 156 -57.42 21.43 3.01
C LEU E 156 -58.68 21.77 2.22
N ARG E 157 -58.53 22.55 1.15
CA ARG E 157 -59.67 22.89 0.31
C ARG E 157 -60.16 21.68 -0.50
N GLU E 158 -59.25 20.87 -1.05
CA GLU E 158 -59.71 19.68 -1.74
C GLU E 158 -60.18 18.60 -0.77
N HIS E 159 -59.63 18.59 0.45
CA HIS E 159 -60.06 17.60 1.44
C HIS E 159 -61.41 17.96 2.03
N ILE E 160 -61.73 19.25 2.15
CA ILE E 160 -63.01 19.64 2.68
C ILE E 160 -64.14 19.42 1.68
N ASP E 161 -63.81 19.18 0.41
CA ASP E 161 -64.78 18.78 -0.58
C ASP E 161 -64.88 17.26 -0.71
N LYS E 162 -64.07 16.52 0.05
CA LYS E 162 -64.03 15.07 -0.11
C LYS E 162 -65.23 14.39 0.56
N MET E 163 -65.69 14.87 1.71
CA MET E 163 -66.89 14.30 2.31
C MET E 163 -68.17 14.94 1.78
N LYS E 164 -68.07 15.95 0.91
CA LYS E 164 -69.19 16.59 0.23
C LYS E 164 -70.19 17.18 1.22
N ILE E 165 -69.74 18.20 1.94
CA ILE E 165 -70.55 18.84 2.99
C ILE E 165 -71.70 19.60 2.34
N PRO E 166 -72.92 19.52 2.90
CA PRO E 166 -74.04 20.25 2.31
C PRO E 166 -73.85 21.74 2.38
N PRO E 167 -74.44 22.52 1.46
CA PRO E 167 -74.14 23.95 1.38
C PRO E 167 -74.72 24.80 2.51
N GLU E 168 -75.48 24.22 3.43
CA GLU E 168 -76.06 25.00 4.51
C GLU E 168 -75.18 25.01 5.75
N LYS E 169 -74.58 23.87 6.10
CA LYS E 169 -73.85 23.73 7.35
C LYS E 169 -72.55 24.54 7.36
N MET E 170 -71.75 24.44 6.29
CA MET E 170 -70.52 25.22 6.26
C MET E 170 -70.79 26.69 5.99
N ARG E 171 -71.95 27.02 5.43
CA ARG E 171 -72.33 28.42 5.32
C ARG E 171 -72.70 28.99 6.68
N GLU E 172 -73.36 28.18 7.52
CA GLU E 172 -73.62 28.59 8.90
C GLU E 172 -72.32 28.74 9.67
N LEU E 173 -71.37 27.83 9.47
CA LEU E 173 -70.06 27.93 10.11
C LEU E 173 -69.29 29.14 9.62
N GLU E 174 -69.39 29.45 8.32
CA GLU E 174 -68.76 30.63 7.76
C GLU E 174 -69.37 31.91 8.31
N ARG E 175 -70.69 31.93 8.48
CA ARG E 175 -71.35 33.07 9.09
C ARG E 175 -70.93 33.25 10.55
N LYS E 176 -70.80 32.14 11.29
CA LYS E 176 -70.31 32.20 12.66
C LYS E 176 -68.89 32.74 12.74
N PHE E 177 -68.02 32.26 11.86
CA PHE E 177 -66.64 32.74 11.84
C PHE E 177 -66.55 34.19 11.39
N VAL E 178 -67.42 34.61 10.47
CA VAL E 178 -67.44 36.00 10.03
C VAL E 178 -67.88 36.93 11.15
N LYS E 179 -68.92 36.54 11.90
CA LYS E 179 -69.37 37.38 13.01
C LYS E 179 -68.37 37.34 14.17
N ASP E 180 -67.64 36.24 14.32
CA ASP E 180 -66.58 36.22 15.32
C ASP E 180 -65.40 37.08 14.92
N PHE E 181 -65.10 37.16 13.62
CA PHE E 181 -64.07 38.06 13.13
C PHE E 181 -64.48 39.51 13.28
N GLN E 182 -65.74 39.83 13.00
CA GLN E 182 -66.20 41.21 13.01
C GLN E 182 -66.44 41.76 14.41
N ASP E 183 -66.48 40.90 15.43
CA ASP E 183 -66.75 41.32 16.80
C ASP E 183 -65.51 41.26 17.67
N TYR E 184 -64.32 41.39 17.09
CA TYR E 184 -63.11 41.38 17.89
C TYR E 184 -62.94 42.71 18.61
N MET E 185 -62.53 42.63 19.87
CA MET E 185 -62.24 43.80 20.69
C MET E 185 -60.88 43.60 21.35
N GLU E 186 -60.16 44.71 21.52
CA GLU E 186 -58.78 44.63 21.99
C GLU E 186 -58.71 44.42 23.50
N PRO E 213 -70.45 45.00 5.36
CA PRO E 213 -69.71 43.87 4.81
C PRO E 213 -68.21 43.95 5.11
N LEU E 214 -67.47 42.93 4.69
CA LEU E 214 -66.03 42.88 4.91
C LEU E 214 -65.31 43.58 3.76
N GLY E 215 -64.00 43.42 3.69
CA GLY E 215 -63.21 44.07 2.68
C GLY E 215 -63.21 43.33 1.36
N ASP E 216 -62.37 43.82 0.44
CA ASP E 216 -62.27 43.20 -0.88
C ASP E 216 -61.52 41.88 -0.82
N ASN E 217 -60.44 41.82 -0.05
CA ASN E 217 -59.60 40.63 0.05
C ASN E 217 -59.62 40.04 1.45
N VAL E 218 -60.59 40.43 2.27
CA VAL E 218 -60.70 39.94 3.64
C VAL E 218 -61.63 38.72 3.64
N LEU E 219 -61.13 37.60 4.15
CA LEU E 219 -61.89 36.36 4.34
C LEU E 219 -62.47 35.83 3.02
N THR E 220 -61.71 35.99 1.94
CA THR E 220 -62.13 35.52 0.63
C THR E 220 -61.91 34.03 0.42
N HIS E 221 -61.13 33.39 1.29
CA HIS E 221 -60.85 31.96 1.21
C HIS E 221 -61.20 31.30 2.55
N ASN E 222 -62.36 31.65 3.08
CA ASN E 222 -62.77 31.15 4.39
C ASN E 222 -63.18 29.69 4.33
N LEU E 223 -62.87 28.98 5.41
CA LEU E 223 -63.22 27.57 5.55
C LEU E 223 -64.39 27.34 6.49
N GLY E 224 -64.79 28.35 7.27
CA GLY E 224 -65.85 28.22 8.24
C GLY E 224 -65.42 27.83 9.63
N ILE E 225 -64.16 27.46 9.82
CA ILE E 225 -63.67 27.00 11.11
C ILE E 225 -62.50 27.90 11.50
N PRO E 226 -62.19 28.01 12.80
CA PRO E 226 -61.03 28.81 13.21
C PRO E 226 -59.72 28.21 12.72
N VAL E 227 -58.92 29.05 12.06
CA VAL E 227 -57.61 28.66 11.58
C VAL E 227 -56.56 29.52 12.29
N LEU E 228 -55.31 29.09 12.20
CA LEU E 228 -54.21 29.79 12.86
C LEU E 228 -52.93 29.50 12.11
N VAL E 229 -52.06 30.50 11.99
CA VAL E 229 -50.72 30.34 11.47
C VAL E 229 -49.75 30.71 12.57
N VAL E 230 -48.84 29.81 12.92
CA VAL E 230 -47.89 30.02 13.99
C VAL E 230 -46.48 29.89 13.41
N CYS E 231 -45.66 30.91 13.64
CA CYS E 231 -44.31 30.98 13.09
C CYS E 231 -43.30 30.49 14.13
N THR E 232 -42.43 29.57 13.71
CA THR E 232 -41.52 28.88 14.61
C THR E 232 -40.09 29.35 14.45
N LYS E 233 -39.28 28.99 15.46
CA LYS E 233 -37.86 29.31 15.56
C LYS E 233 -37.62 30.82 15.45
N CYS E 234 -38.18 31.55 16.41
CA CYS E 234 -37.94 32.98 16.50
C CYS E 234 -36.61 33.32 17.14
N ASP E 235 -35.92 32.32 17.70
CA ASP E 235 -34.51 32.49 18.07
C ASP E 235 -33.61 32.45 16.84
N ALA E 236 -34.14 31.97 15.70
CA ALA E 236 -33.40 31.90 14.45
C ALA E 236 -33.57 33.15 13.60
N VAL E 237 -33.73 34.32 14.21
CA VAL E 237 -33.73 35.56 13.46
C VAL E 237 -32.32 36.11 13.22
N SER E 238 -31.37 35.82 14.12
CA SER E 238 -30.04 36.40 14.02
C SER E 238 -29.22 35.73 12.91
N VAL E 239 -29.42 34.43 12.71
CA VAL E 239 -28.75 33.71 11.63
C VAL E 239 -29.17 34.25 10.27
N LEU E 240 -30.41 34.72 10.16
CA LEU E 240 -30.87 35.38 8.94
C LEU E 240 -30.10 36.67 8.68
N GLU E 241 -29.88 37.47 9.73
CA GLU E 241 -29.23 38.77 9.58
C GLU E 241 -27.74 38.65 9.34
N LYS E 242 -27.05 37.74 10.04
CA LYS E 242 -25.60 37.79 10.05
C LYS E 242 -24.99 37.13 8.81
N GLU E 243 -25.22 35.83 8.59
CA GLU E 243 -24.57 35.18 7.45
C GLU E 243 -25.47 35.07 6.23
N HIS E 244 -26.54 35.85 6.15
CA HIS E 244 -27.24 36.05 4.88
C HIS E 244 -27.39 37.51 4.53
N ASP E 245 -26.89 38.41 5.38
CA ASP E 245 -26.96 39.87 5.21
C ASP E 245 -28.40 40.36 5.04
N TYR E 246 -29.23 40.06 6.05
CA TYR E 246 -30.62 40.47 6.04
C TYR E 246 -30.76 41.79 6.78
N ARG E 247 -31.75 42.57 6.38
CA ARG E 247 -32.06 43.85 7.00
C ARG E 247 -33.50 43.82 7.52
N ASP E 248 -33.97 44.97 7.99
CA ASP E 248 -35.35 45.07 8.44
C ASP E 248 -36.33 45.05 7.27
N GLU E 249 -35.88 45.45 6.08
CA GLU E 249 -36.71 45.32 4.88
C GLU E 249 -36.91 43.86 4.51
N HIS E 250 -35.90 43.03 4.76
CA HIS E 250 -36.04 41.58 4.59
C HIS E 250 -37.12 41.02 5.50
N LEU E 251 -37.13 41.44 6.77
CA LEU E 251 -38.14 40.97 7.71
C LEU E 251 -39.53 41.49 7.37
N ASP E 252 -39.60 42.76 6.95
CA ASP E 252 -40.87 43.36 6.59
C ASP E 252 -41.47 42.71 5.35
N PHE E 253 -40.64 42.30 4.39
CA PHE E 253 -41.15 41.64 3.19
C PHE E 253 -41.80 40.31 3.51
N ILE E 254 -41.20 39.52 4.41
CA ILE E 254 -41.79 38.22 4.69
C ILE E 254 -42.98 38.36 5.63
N GLN E 255 -42.96 39.35 6.53
CA GLN E 255 -44.11 39.50 7.40
C GLN E 255 -45.32 40.09 6.70
N SER E 256 -45.10 40.91 5.64
CA SER E 256 -46.21 41.48 4.90
C SER E 256 -47.00 40.41 4.14
N HIS E 257 -46.29 39.45 3.54
CA HIS E 257 -46.94 38.38 2.78
C HIS E 257 -47.80 37.51 3.68
N LEU E 258 -47.30 37.20 4.87
CA LEU E 258 -48.07 36.36 5.77
C LEU E 258 -49.21 37.13 6.43
N ARG E 259 -49.06 38.46 6.59
CA ARG E 259 -50.20 39.27 7.02
C ARG E 259 -51.29 39.28 5.95
N ARG E 260 -50.88 39.36 4.69
CA ARG E 260 -51.83 39.26 3.58
C ARG E 260 -52.53 37.90 3.56
N PHE E 261 -51.78 36.83 3.80
CA PHE E 261 -52.34 35.49 3.90
C PHE E 261 -53.33 35.36 5.06
N CYS E 262 -52.97 35.92 6.22
CA CYS E 262 -53.84 35.87 7.38
C CYS E 262 -55.13 36.66 7.14
N LEU E 263 -55.02 37.81 6.47
CA LEU E 263 -56.20 38.59 6.12
C LEU E 263 -57.07 37.89 5.08
N GLN E 264 -56.44 37.20 4.11
CA GLN E 264 -57.20 36.47 3.11
C GLN E 264 -57.92 35.28 3.70
N TYR E 265 -57.31 34.61 4.67
CA TYR E 265 -57.85 33.36 5.17
C TYR E 265 -58.48 33.49 6.54
N GLY E 266 -58.52 34.69 7.11
CA GLY E 266 -59.03 34.88 8.45
C GLY E 266 -58.16 34.24 9.52
N ALA E 267 -56.85 34.31 9.36
CA ALA E 267 -55.93 33.63 10.26
C ALA E 267 -55.29 34.63 11.21
N ALA E 268 -54.69 34.09 12.27
CA ALA E 268 -53.95 34.84 13.25
C ALA E 268 -52.46 34.51 13.13
N LEU E 269 -51.65 35.18 13.94
CA LEU E 269 -50.20 34.95 13.94
C LEU E 269 -49.66 35.08 15.35
N ILE E 270 -48.96 34.06 15.83
CA ILE E 270 -48.18 34.11 17.07
C ILE E 270 -46.76 33.71 16.74
N TYR E 271 -45.80 34.59 17.04
CA TYR E 271 -44.39 34.29 16.89
C TYR E 271 -43.91 33.54 18.13
N THR E 272 -43.31 32.37 17.93
CA THR E 272 -42.91 31.52 19.04
C THR E 272 -41.53 30.93 18.80
N SER E 273 -40.70 30.95 19.84
CA SER E 273 -39.42 30.24 19.86
C SER E 273 -39.38 29.37 21.09
N VAL E 274 -38.86 28.15 20.93
CA VAL E 274 -38.73 27.25 22.07
C VAL E 274 -37.33 27.32 22.68
N LYS E 275 -36.35 27.84 21.95
CA LYS E 275 -35.04 28.05 22.54
C LYS E 275 -35.01 29.31 23.40
N GLU E 276 -35.75 30.34 22.97
CA GLU E 276 -35.85 31.59 23.72
C GLU E 276 -37.08 31.66 24.62
N GLU E 277 -37.96 30.67 24.53
CA GLU E 277 -39.17 30.52 25.36
C GLU E 277 -40.07 31.75 25.26
N LYS E 278 -40.54 32.03 24.05
CA LYS E 278 -41.27 33.25 23.75
C LYS E 278 -42.69 32.90 23.29
N ASN E 279 -43.68 33.50 23.96
CA ASN E 279 -45.11 33.41 23.63
C ASN E 279 -45.65 31.98 23.65
N LEU E 280 -45.00 31.09 24.40
CA LEU E 280 -45.46 29.70 24.45
C LEU E 280 -46.73 29.58 25.29
N ASP E 281 -46.73 30.18 26.48
CA ASP E 281 -47.95 30.24 27.27
C ASP E 281 -48.96 31.18 26.64
N LEU E 282 -48.48 32.21 25.91
CA LEU E 282 -49.38 33.07 25.16
C LEU E 282 -50.05 32.31 24.01
N LEU E 283 -49.31 31.38 23.40
CA LEU E 283 -49.93 30.44 22.46
C LEU E 283 -50.95 29.55 23.16
N TYR E 284 -50.58 29.03 24.34
CA TYR E 284 -51.43 28.07 25.05
C TYR E 284 -52.75 28.69 25.50
N LYS E 285 -52.69 29.91 26.03
CA LYS E 285 -53.88 30.67 26.37
C LYS E 285 -54.71 30.97 25.13
N TYR E 286 -54.05 31.19 23.98
CA TYR E 286 -54.80 31.47 22.76
C TYR E 286 -55.56 30.23 22.28
N ILE E 287 -54.94 29.06 22.35
CA ILE E 287 -55.65 27.82 22.02
C ILE E 287 -56.80 27.57 22.98
N VAL E 288 -56.57 27.80 24.28
CA VAL E 288 -57.61 27.58 25.29
C VAL E 288 -58.79 28.53 25.06
N HIS E 289 -58.51 29.79 24.74
CA HIS E 289 -59.58 30.76 24.49
C HIS E 289 -60.30 30.50 23.19
N LYS E 290 -59.56 30.15 22.13
CA LYS E 290 -60.20 29.94 20.84
C LYS E 290 -60.89 28.59 20.73
N THR E 291 -60.62 27.66 21.65
CA THR E 291 -61.31 26.39 21.66
C THR E 291 -62.36 26.25 22.76
N TYR E 292 -62.33 27.12 23.77
CA TYR E 292 -63.25 27.00 24.89
C TYR E 292 -63.90 28.32 25.31
N GLY E 293 -63.66 29.40 24.58
CA GLY E 293 -64.28 30.67 24.91
C GLY E 293 -63.74 31.33 26.16
N PHE E 294 -62.48 31.08 26.51
CA PHE E 294 -61.91 31.71 27.68
C PHE E 294 -61.65 33.19 27.43
N HIS E 295 -61.62 33.96 28.52
CA HIS E 295 -61.43 35.39 28.42
C HIS E 295 -59.99 35.72 28.03
N PHE E 296 -59.84 36.72 27.16
CA PHE E 296 -58.55 37.11 26.63
C PHE E 296 -58.35 38.60 26.82
N THR E 297 -57.16 38.96 27.30
CA THR E 297 -56.85 40.35 27.61
C THR E 297 -55.56 40.86 26.98
N THR E 298 -54.72 39.98 26.44
CA THR E 298 -53.44 40.42 25.89
C THR E 298 -53.66 41.12 24.56
N PRO E 299 -53.20 42.35 24.39
CA PRO E 299 -53.41 43.09 23.15
C PRO E 299 -52.38 42.70 22.10
N ALA E 300 -52.52 43.29 20.92
CA ALA E 300 -51.66 42.96 19.80
C ALA E 300 -50.26 43.54 19.99
N LEU E 301 -49.26 42.74 19.64
CA LEU E 301 -47.86 43.13 19.71
C LEU E 301 -47.30 43.16 18.29
N VAL E 302 -46.75 44.31 17.90
CA VAL E 302 -46.22 44.46 16.55
C VAL E 302 -44.79 45.00 16.62
N VAL E 303 -44.45 45.65 17.73
CA VAL E 303 -43.12 46.24 17.87
C VAL E 303 -42.07 45.16 18.08
N GLU E 304 -42.35 44.21 18.97
CA GLU E 304 -41.42 43.10 19.21
C GLU E 304 -41.47 42.15 18.02
N LYS E 305 -40.46 42.25 17.16
CA LYS E 305 -40.43 41.48 15.93
C LYS E 305 -40.21 39.99 16.17
N ASP E 306 -39.65 39.61 17.31
CA ASP E 306 -39.48 38.21 17.68
C ASP E 306 -40.67 37.67 18.47
N ALA E 307 -41.61 38.52 18.87
CA ALA E 307 -42.75 38.09 19.66
C ALA E 307 -44.03 38.73 19.13
N VAL E 308 -44.23 38.63 17.81
CA VAL E 308 -45.38 39.24 17.17
C VAL E 308 -46.65 38.48 17.54
N PHE E 309 -47.67 39.21 18.01
CA PHE E 309 -48.98 38.65 18.32
C PHE E 309 -50.02 39.43 17.51
N ILE E 310 -50.56 38.80 16.48
CA ILE E 310 -51.68 39.35 15.73
C ILE E 310 -52.83 38.36 15.84
N PRO E 311 -53.85 38.63 16.64
CA PRO E 311 -54.98 37.70 16.73
C PRO E 311 -56.01 37.98 15.65
N ALA E 312 -57.12 37.23 15.68
CA ALA E 312 -58.15 37.37 14.66
C ALA E 312 -58.95 38.64 14.88
N GLY E 313 -59.20 39.37 13.78
CA GLY E 313 -60.01 40.56 13.82
C GLY E 313 -59.26 41.85 14.06
N TRP E 314 -57.99 41.77 14.48
CA TRP E 314 -57.20 42.97 14.71
C TRP E 314 -56.84 43.63 13.38
N ASP E 315 -56.35 42.85 12.43
CA ASP E 315 -55.77 43.37 11.21
C ASP E 315 -56.85 43.80 10.22
N ASN E 316 -56.44 44.58 9.23
CA ASN E 316 -57.27 45.03 8.13
C ASN E 316 -56.35 45.36 6.95
N GLU E 317 -56.89 46.04 5.95
CA GLU E 317 -56.09 46.43 4.79
C GLU E 317 -55.19 47.63 5.06
N LYS E 318 -55.38 48.32 6.17
CA LYS E 318 -54.56 49.47 6.50
C LYS E 318 -53.50 49.17 7.55
N LYS E 319 -53.67 48.12 8.35
CA LYS E 319 -52.63 47.69 9.25
C LYS E 319 -51.54 46.89 8.55
N ILE E 320 -51.73 46.57 7.27
CA ILE E 320 -50.65 46.03 6.46
C ILE E 320 -49.94 47.14 5.68
N ALA E 321 -50.60 48.28 5.47
CA ALA E 321 -50.01 49.37 4.71
C ALA E 321 -48.97 50.14 5.49
N ILE E 322 -48.92 49.99 6.82
CA ILE E 322 -47.93 50.71 7.61
C ILE E 322 -46.54 50.13 7.45
N LEU E 323 -46.43 48.88 7.00
CA LEU E 323 -45.14 48.25 6.78
C LEU E 323 -44.53 48.63 5.44
N HIS E 324 -45.29 49.28 4.56
CA HIS E 324 -44.80 49.66 3.24
C HIS E 324 -44.03 50.96 3.25
N GLU E 325 -43.99 51.67 4.38
CA GLU E 325 -43.25 52.93 4.46
C GLU E 325 -41.74 52.71 4.44
N ASN E 326 -41.27 51.64 5.08
CA ASN E 326 -39.85 51.35 5.12
C ASN E 326 -39.35 50.66 3.86
N PHE E 327 -40.24 50.35 2.92
CA PHE E 327 -39.83 49.72 1.68
C PHE E 327 -39.14 50.73 0.79
N THR E 328 -37.82 50.58 0.62
CA THR E 328 -37.02 51.48 -0.20
C THR E 328 -36.56 50.83 -1.49
N THR E 329 -36.41 49.51 -1.51
CA THR E 329 -35.94 48.79 -2.69
C THR E 329 -36.94 47.74 -3.18
N VAL E 330 -37.89 47.33 -2.35
CA VAL E 330 -38.84 46.29 -2.72
C VAL E 330 -40.23 46.92 -2.81
N LYS E 331 -41.11 46.22 -3.52
CA LYS E 331 -42.47 46.69 -3.65
C LYS E 331 -43.43 45.77 -2.91
N PRO E 332 -44.49 46.32 -2.32
CA PRO E 332 -45.47 45.45 -1.63
C PRO E 332 -46.26 44.57 -2.58
N GLU E 333 -46.48 45.02 -3.81
CA GLU E 333 -47.29 44.30 -4.79
C GLU E 333 -46.49 43.25 -5.55
N ASP E 334 -45.20 43.11 -5.28
CA ASP E 334 -44.37 42.16 -5.99
C ASP E 334 -44.68 40.73 -5.55
N ALA E 335 -44.11 39.78 -6.27
CA ALA E 335 -44.18 38.37 -5.89
C ALA E 335 -43.22 38.08 -4.75
N TYR E 336 -43.09 36.81 -4.40
CA TYR E 336 -42.27 36.46 -3.24
C TYR E 336 -40.85 36.08 -3.63
N GLU E 337 -40.71 35.17 -4.58
CA GLU E 337 -39.43 34.51 -4.84
C GLU E 337 -38.44 35.38 -5.60
N ASP E 338 -38.87 36.55 -6.09
CA ASP E 338 -37.96 37.44 -6.78
C ASP E 338 -37.03 38.15 -5.81
N PHE E 339 -37.55 38.60 -4.66
CA PHE E 339 -36.70 39.28 -3.69
C PHE E 339 -35.83 38.29 -2.93
N ILE E 340 -36.46 37.37 -2.22
CA ILE E 340 -35.75 36.39 -1.41
C ILE E 340 -35.60 35.12 -2.24
N VAL E 341 -34.36 34.67 -2.37
CA VAL E 341 -34.03 33.47 -3.14
C VAL E 341 -33.46 32.44 -2.18
N LYS E 342 -33.86 31.18 -2.35
CA LYS E 342 -33.22 30.11 -1.63
C LYS E 342 -31.77 29.96 -2.10
N PRO E 343 -30.86 29.66 -1.19
CA PRO E 343 -29.46 29.48 -1.59
C PRO E 343 -29.29 28.22 -2.42
N PRO E 344 -28.55 28.29 -3.52
CA PRO E 344 -28.19 27.07 -4.24
C PRO E 344 -27.32 26.18 -3.37
N VAL E 345 -27.50 24.87 -3.52
CA VAL E 345 -26.91 23.91 -2.60
C VAL E 345 -25.96 22.99 -3.35
N ARG E 346 -25.40 22.03 -2.63
CA ARG E 346 -24.44 21.11 -3.23
C ARG E 346 -25.14 20.14 -4.19
N LYS E 347 -24.75 20.19 -5.44
CA LYS E 347 -25.20 19.25 -6.46
C LYS E 347 -24.49 17.92 -6.25
N LEU E 348 -25.17 16.83 -6.59
CA LEU E 348 -24.56 15.50 -6.56
C LEU E 348 -23.58 15.43 -7.74
N VAL E 349 -22.34 15.83 -7.46
CA VAL E 349 -21.30 15.85 -8.50
C VAL E 349 -20.63 14.48 -8.45
N HIS E 350 -21.30 13.51 -9.07
CA HIS E 350 -20.76 12.17 -9.24
C HIS E 350 -21.12 11.61 -10.60
N ASP E 351 -21.76 12.40 -11.46
CA ASP E 351 -22.16 11.98 -12.78
C ASP E 351 -21.03 12.09 -13.80
N LYS E 352 -19.85 12.52 -13.36
CA LYS E 352 -18.65 12.42 -14.20
C LYS E 352 -18.32 10.97 -14.49
N GLU E 353 -18.60 10.06 -13.53
CA GLU E 353 -18.46 8.60 -13.54
C GLU E 353 -17.19 8.07 -14.20
N LEU E 354 -17.22 6.81 -14.61
CA LEU E 354 -16.18 6.23 -15.44
C LEU E 354 -16.84 5.18 -16.29
N ALA E 355 -16.68 5.29 -17.61
CA ALA E 355 -17.33 4.38 -18.54
C ALA E 355 -16.27 3.96 -19.57
N ALA E 356 -15.59 2.85 -19.28
CA ALA E 356 -14.69 2.27 -20.26
C ALA E 356 -15.49 1.74 -21.44
N GLU E 357 -14.91 1.87 -22.63
CA GLU E 357 -15.64 1.58 -23.86
C GLU E 357 -15.85 0.08 -24.01
N ASP E 358 -16.73 -0.26 -24.96
CA ASP E 358 -16.87 -1.65 -25.36
C ASP E 358 -15.59 -2.10 -26.03
N GLU E 359 -15.22 -3.35 -25.77
CA GLU E 359 -13.92 -3.86 -26.23
C GLU E 359 -13.85 -3.97 -27.74
N GLN E 360 -14.97 -4.31 -28.39
CA GLN E 360 -14.97 -4.55 -29.83
C GLN E 360 -14.64 -3.29 -30.62
N VAL E 361 -15.34 -2.19 -30.35
CA VAL E 361 -15.12 -0.93 -31.06
C VAL E 361 -13.73 -0.37 -30.71
N PHE E 362 -13.29 -0.57 -29.47
CA PHE E 362 -11.97 -0.14 -29.05
C PHE E 362 -10.88 -0.84 -29.84
N LEU E 363 -11.01 -2.14 -30.02
CA LEU E 363 -9.93 -2.80 -30.74
C LEU E 363 -10.13 -2.77 -32.27
N MET E 364 -11.32 -2.39 -32.77
CA MET E 364 -11.39 -1.98 -34.18
C MET E 364 -10.65 -0.67 -34.40
N LYS E 365 -10.78 0.28 -33.46
CA LYS E 365 -10.03 1.51 -33.55
C LYS E 365 -8.52 1.25 -33.45
N GLN E 366 -8.13 0.34 -32.58
CA GLN E 366 -6.72 -0.03 -32.50
C GLN E 366 -6.27 -0.81 -33.73
N GLN E 367 -7.18 -1.55 -34.37
CA GLN E 367 -6.86 -2.20 -35.64
C GLN E 367 -6.62 -1.17 -36.73
N SER E 368 -7.41 -0.10 -36.74
CA SER E 368 -7.18 1.00 -37.66
C SER E 368 -5.85 1.68 -37.39
N LEU E 369 -5.50 1.84 -36.11
CA LEU E 369 -4.19 2.40 -35.76
C LEU E 369 -3.06 1.46 -36.16
N LEU E 370 -3.30 0.15 -36.12
CA LEU E 370 -2.33 -0.81 -36.62
C LEU E 370 -2.14 -0.69 -38.12
N ALA E 371 -3.24 -0.50 -38.85
CA ALA E 371 -3.17 -0.44 -40.30
C ALA E 371 -2.58 0.87 -40.81
N LYS E 372 -2.84 1.99 -40.13
CA LYS E 372 -2.46 3.29 -40.66
C LYS E 372 -0.99 3.63 -40.47
N GLN E 373 -0.28 2.90 -39.61
CA GLN E 373 1.12 3.22 -39.34
C GLN E 373 2.05 2.07 -39.70
N LYS F 258 77.58 -19.31 -35.92
CA LYS F 258 77.61 -19.25 -34.46
C LYS F 258 76.73 -18.13 -33.96
N VAL F 259 77.16 -16.88 -34.19
CA VAL F 259 76.34 -15.73 -33.86
C VAL F 259 75.15 -15.64 -34.81
N THR F 260 75.36 -15.96 -36.09
CA THR F 260 74.30 -15.92 -37.08
C THR F 260 73.25 -17.00 -36.89
N LYS F 261 73.57 -18.06 -36.15
CA LYS F 261 72.66 -19.18 -35.93
C LYS F 261 71.99 -19.15 -34.56
N LEU F 262 72.19 -18.09 -33.80
CA LEU F 262 71.73 -18.08 -32.42
C LEU F 262 70.25 -17.72 -32.40
N ASP F 263 69.47 -18.45 -31.59
CA ASP F 263 68.05 -18.19 -31.43
C ASP F 263 67.65 -18.51 -30.00
N ARG F 264 66.52 -17.94 -29.58
CA ARG F 264 66.04 -18.07 -28.22
C ARG F 264 64.56 -18.42 -28.22
N ASP F 265 64.19 -19.36 -27.35
CA ASP F 265 62.79 -19.72 -27.17
C ASP F 265 62.04 -18.54 -26.55
N PRO F 266 60.98 -18.04 -27.19
CA PRO F 266 60.24 -16.91 -26.61
C PRO F 266 59.31 -17.29 -25.48
N ALA F 267 59.02 -18.59 -25.30
CA ALA F 267 58.08 -18.99 -24.27
C ALA F 267 58.66 -18.88 -22.86
N SER F 268 59.98 -18.80 -22.73
CA SER F 268 60.64 -18.69 -21.44
C SER F 268 61.16 -17.28 -21.24
N GLY F 269 61.55 -17.00 -20.01
CA GLY F 269 62.16 -15.73 -19.65
C GLY F 269 61.14 -14.62 -19.50
N THR F 270 61.65 -13.45 -19.13
CA THR F 270 60.80 -12.27 -19.02
C THR F 270 60.73 -11.55 -20.36
N ALA F 271 60.03 -10.42 -20.37
CA ALA F 271 59.93 -9.63 -21.58
C ALA F 271 61.22 -8.84 -21.84
N LEU F 272 61.83 -8.33 -20.77
CA LEU F 272 63.05 -7.54 -20.89
C LEU F 272 64.19 -8.37 -21.44
N GLN F 273 64.21 -9.68 -21.15
CA GLN F 273 65.22 -10.56 -21.74
C GLN F 273 65.06 -10.66 -23.25
N GLU F 274 63.83 -10.75 -23.74
CA GLU F 274 63.61 -10.78 -25.17
C GLU F 274 63.93 -9.44 -25.83
N ILE F 275 63.60 -8.34 -25.17
CA ILE F 275 63.96 -7.01 -25.69
C ILE F 275 65.46 -6.85 -25.76
N SER F 276 66.17 -7.27 -24.71
CA SER F 276 67.63 -7.20 -24.69
C SER F 276 68.26 -8.12 -25.73
N PHE F 277 67.68 -9.31 -25.95
CA PHE F 277 68.16 -10.20 -26.99
C PHE F 277 68.00 -9.59 -28.37
N TRP F 278 66.81 -9.09 -28.70
CA TRP F 278 66.59 -8.53 -30.02
C TRP F 278 67.25 -7.17 -30.22
N LEU F 279 67.70 -6.52 -29.15
CA LEU F 279 68.48 -5.30 -29.33
C LEU F 279 69.97 -5.58 -29.46
N ASN F 280 70.53 -6.42 -28.59
CA ASN F 280 71.95 -6.68 -28.64
C ASN F 280 72.32 -7.58 -29.81
N LEU F 281 71.39 -8.40 -30.31
CA LEU F 281 71.64 -9.12 -31.55
C LEU F 281 71.77 -8.18 -32.73
N GLU F 282 70.92 -7.16 -32.80
CA GLU F 282 71.04 -6.12 -33.82
C GLU F 282 72.36 -5.36 -33.70
N ARG F 283 72.74 -5.03 -32.46
CA ARG F 283 73.99 -4.27 -32.25
C ARG F 283 75.22 -5.11 -32.57
N ALA F 284 75.18 -6.41 -32.26
CA ALA F 284 76.29 -7.28 -32.61
C ALA F 284 76.35 -7.56 -34.11
N LEU F 285 75.20 -7.62 -34.77
CA LEU F 285 75.20 -7.78 -36.22
C LEU F 285 75.69 -6.52 -36.92
N TYR F 286 75.47 -5.35 -36.33
CA TYR F 286 76.03 -4.13 -36.90
C TYR F 286 77.54 -4.07 -36.70
N ARG F 287 78.06 -4.75 -35.69
CA ARG F 287 79.50 -4.80 -35.46
C ARG F 287 80.16 -5.85 -36.34
N LEU F 322 74.65 -14.37 -42.86
CA LEU F 322 74.77 -13.03 -42.28
C LEU F 322 73.72 -12.09 -42.85
N LYS F 323 73.45 -12.24 -44.15
CA LYS F 323 72.50 -11.35 -44.83
C LYS F 323 71.08 -11.58 -44.33
N GLN F 324 70.67 -12.85 -44.19
CA GLN F 324 69.31 -13.17 -43.77
C GLN F 324 69.07 -12.77 -42.31
N ALA F 325 70.05 -13.00 -41.44
CA ALA F 325 69.94 -12.54 -40.06
C ALA F 325 69.87 -11.03 -39.99
N LEU F 326 70.63 -10.35 -40.85
CA LEU F 326 70.60 -8.89 -40.91
C LEU F 326 69.25 -8.36 -41.33
N GLU F 327 68.64 -8.96 -42.36
CA GLU F 327 67.36 -8.42 -42.81
C GLU F 327 66.24 -8.81 -41.84
N THR F 328 66.40 -9.93 -41.13
CA THR F 328 65.43 -10.30 -40.10
C THR F 328 65.46 -9.31 -38.94
N VAL F 329 66.65 -8.97 -38.43
CA VAL F 329 66.69 -8.03 -37.32
C VAL F 329 66.38 -6.61 -37.79
N ASN F 330 66.66 -6.29 -39.06
CA ASN F 330 66.28 -4.99 -39.61
C ASN F 330 64.77 -4.89 -39.77
N ASP F 331 64.13 -6.01 -40.10
CA ASP F 331 62.67 -6.07 -40.12
C ASP F 331 62.09 -5.91 -38.73
N TYR F 332 62.72 -6.52 -37.72
CA TYR F 332 62.09 -6.58 -36.41
C TYR F 332 62.44 -5.39 -35.53
N ASN F 333 63.46 -4.61 -35.91
CA ASN F 333 63.90 -3.50 -35.07
C ASN F 333 62.93 -2.34 -34.84
N PRO F 334 61.96 -2.02 -35.73
CA PRO F 334 60.94 -1.03 -35.31
C PRO F 334 60.16 -1.39 -34.06
N LEU F 335 59.88 -2.68 -33.84
CA LEU F 335 59.25 -3.08 -32.58
C LEU F 335 60.19 -2.87 -31.41
N MET F 336 61.46 -3.23 -31.58
CA MET F 336 62.39 -3.33 -30.46
C MET F 336 62.85 -1.98 -29.95
N LYS F 337 62.81 -0.94 -30.78
CA LYS F 337 63.26 0.37 -30.37
C LYS F 337 62.28 1.00 -29.38
N ASP F 338 62.83 1.74 -28.42
CA ASP F 338 62.18 2.51 -27.35
C ASP F 338 60.99 1.84 -26.69
N PHE F 339 61.12 0.54 -26.40
CA PHE F 339 60.02 -0.19 -25.79
C PHE F 339 59.89 0.17 -24.32
N PRO F 340 58.64 0.33 -23.84
CA PRO F 340 58.38 1.18 -22.65
C PRO F 340 58.17 0.45 -21.33
N LEU F 341 58.45 -0.85 -21.26
CA LEU F 341 58.15 -1.66 -20.09
C LEU F 341 59.00 -1.30 -18.87
N ASN F 342 60.03 -0.48 -19.03
CA ASN F 342 60.71 0.10 -17.88
C ASN F 342 59.78 1.02 -17.09
N ASP F 343 58.76 1.60 -17.75
CA ASP F 343 57.73 2.33 -17.01
C ASP F 343 56.93 1.40 -16.12
N LEU F 344 56.58 0.21 -16.64
CA LEU F 344 55.89 -0.78 -15.83
C LEU F 344 56.76 -1.29 -14.70
N LEU F 345 58.04 -1.52 -14.96
CA LEU F 345 58.94 -2.00 -13.93
C LEU F 345 59.24 -0.92 -12.89
N SER F 346 59.17 0.34 -13.28
CA SER F 346 59.43 1.45 -12.38
C SER F 346 58.17 1.93 -11.68
N ALA F 347 57.00 1.41 -12.04
CA ALA F 347 55.76 1.90 -11.48
C ALA F 347 55.52 1.34 -10.10
N THR F 348 55.07 2.21 -9.18
CA THR F 348 54.65 1.82 -7.86
C THR F 348 53.17 2.02 -7.60
N GLU F 349 52.54 2.95 -8.31
CA GLU F 349 51.12 3.22 -8.17
C GLU F 349 50.34 2.61 -9.33
N LEU F 350 49.06 2.34 -9.07
CA LEU F 350 48.27 1.52 -9.99
C LEU F 350 47.91 2.27 -11.26
N ASP F 351 47.70 3.58 -11.17
CA ASP F 351 47.46 4.39 -12.36
C ASP F 351 48.71 4.46 -13.23
N LYS F 352 49.89 4.50 -12.62
CA LYS F 352 51.14 4.42 -13.36
C LYS F 352 51.26 3.10 -14.10
N ILE F 353 50.82 2.01 -13.46
CA ILE F 353 50.79 0.70 -14.11
C ILE F 353 49.83 0.72 -15.28
N ARG F 354 48.66 1.33 -15.10
CA ARG F 354 47.63 1.36 -16.15
C ARG F 354 48.10 2.13 -17.38
N GLN F 355 48.71 3.30 -17.16
CA GLN F 355 49.24 4.04 -18.29
C GLN F 355 50.45 3.34 -18.90
N ALA F 356 51.18 2.55 -18.10
CA ALA F 356 52.26 1.73 -18.66
C ALA F 356 51.71 0.66 -19.60
N LEU F 357 50.61 0.00 -19.24
CA LEU F 357 50.10 -1.02 -20.16
C LEU F 357 49.45 -0.39 -21.38
N VAL F 358 48.85 0.80 -21.25
CA VAL F 358 48.30 1.37 -22.48
C VAL F 358 49.42 1.90 -23.38
N ALA F 359 50.55 2.29 -22.78
CA ALA F 359 51.73 2.64 -23.58
C ALA F 359 52.29 1.40 -24.28
N ILE F 360 52.27 0.26 -23.60
CA ILE F 360 52.79 -0.96 -24.19
C ILE F 360 51.87 -1.45 -25.31
N PHE F 361 50.55 -1.43 -25.07
CA PHE F 361 49.61 -1.90 -26.08
C PHE F 361 49.55 -0.97 -27.28
N THR F 362 49.73 0.34 -27.06
CA THR F 362 49.84 1.23 -28.21
C THR F 362 51.17 1.06 -28.94
N HIS F 363 52.20 0.59 -28.24
CA HIS F 363 53.44 0.19 -28.91
C HIS F 363 53.28 -1.12 -29.66
N LEU F 364 52.21 -1.87 -29.41
CA LEU F 364 51.98 -3.10 -30.14
C LEU F 364 51.24 -2.88 -31.45
N ARG F 365 51.02 -1.62 -31.84
CA ARG F 365 50.37 -1.30 -33.10
C ARG F 365 51.23 -1.68 -34.30
N LYS F 366 52.55 -1.69 -34.14
CA LYS F 366 53.47 -1.67 -35.28
C LYS F 366 53.75 -3.07 -35.85
N ILE F 367 52.80 -3.98 -35.75
CA ILE F 367 52.92 -5.29 -36.38
C ILE F 367 52.86 -5.17 -37.90
N ARG F 368 52.22 -4.12 -38.41
CA ARG F 368 51.93 -4.02 -39.84
C ARG F 368 53.19 -3.83 -40.68
N ASN F 369 54.24 -3.24 -40.10
CA ASN F 369 55.47 -3.02 -40.84
C ASN F 369 56.51 -4.12 -40.62
N THR F 370 56.29 -5.04 -39.70
CA THR F 370 57.21 -6.13 -39.44
C THR F 370 56.58 -7.47 -39.79
N LYS F 371 57.42 -8.51 -39.84
CA LYS F 371 56.93 -9.86 -40.12
C LYS F 371 57.23 -10.77 -38.95
N TYR F 372 56.94 -10.30 -37.74
CA TYR F 372 57.17 -11.08 -36.53
C TYR F 372 56.27 -12.31 -36.50
N PRO F 373 56.76 -13.42 -35.95
CA PRO F 373 55.90 -14.60 -35.80
C PRO F 373 54.80 -14.35 -34.79
N ILE F 374 53.61 -14.82 -35.13
CA ILE F 374 52.41 -14.43 -34.38
C ILE F 374 52.36 -15.18 -33.06
N GLN F 375 52.73 -16.47 -33.07
CA GLN F 375 52.89 -17.22 -31.83
C GLN F 375 53.97 -16.61 -30.95
N ARG F 376 55.05 -16.12 -31.57
CA ARG F 376 56.08 -15.41 -30.82
C ARG F 376 55.51 -14.15 -30.19
N ALA F 377 54.66 -13.42 -30.92
CA ALA F 377 54.02 -12.23 -30.37
C ALA F 377 53.09 -12.57 -29.22
N LEU F 378 52.41 -13.72 -29.31
CA LEU F 378 51.58 -14.20 -28.22
C LEU F 378 52.41 -14.52 -26.99
N ARG F 379 53.61 -15.10 -27.20
CA ARG F 379 54.50 -15.34 -26.07
C ARG F 379 55.02 -14.04 -25.49
N LEU F 380 55.22 -12.99 -26.31
CA LEU F 380 55.59 -11.70 -25.75
C LEU F 380 54.48 -11.11 -24.89
N VAL F 381 53.22 -11.13 -25.35
CA VAL F 381 52.18 -10.50 -24.53
C VAL F 381 51.90 -11.34 -23.29
N GLU F 382 52.11 -12.66 -23.39
CA GLU F 382 52.12 -13.52 -22.21
C GLU F 382 53.23 -13.12 -21.24
N ALA F 383 54.39 -12.71 -21.77
CA ALA F 383 55.47 -12.27 -20.90
C ALA F 383 55.14 -10.94 -20.23
N ILE F 384 54.46 -10.03 -20.95
CA ILE F 384 53.98 -8.79 -20.32
C ILE F 384 52.97 -9.11 -19.22
N SER F 385 52.10 -10.09 -19.45
CA SER F 385 51.19 -10.54 -18.39
C SER F 385 51.96 -11.08 -17.19
N ARG F 386 53.06 -11.77 -17.45
CA ARG F 386 53.88 -12.35 -16.39
C ARG F 386 54.51 -11.28 -15.50
N ASP F 387 55.20 -10.30 -16.09
CA ASP F 387 55.84 -9.36 -15.17
C ASP F 387 54.86 -8.31 -14.67
N LEU F 388 53.72 -8.14 -15.36
CA LEU F 388 52.63 -7.35 -14.80
C LEU F 388 52.10 -8.02 -13.53
N SER F 389 51.96 -9.34 -13.56
CA SER F 389 51.58 -10.08 -12.35
C SER F 389 52.63 -9.93 -11.27
N SER F 390 53.92 -10.00 -11.64
CA SER F 390 55.00 -9.88 -10.66
C SER F 390 55.02 -8.52 -10.00
N GLN F 391 54.88 -7.45 -10.79
CA GLN F 391 54.74 -6.10 -10.26
C GLN F 391 53.49 -5.97 -9.42
N LEU F 392 52.44 -6.70 -9.76
CA LEU F 392 51.21 -6.64 -8.96
C LEU F 392 51.40 -7.26 -7.58
N LEU F 393 52.08 -8.42 -7.49
CA LEU F 393 52.32 -8.97 -6.16
C LEU F 393 53.32 -8.12 -5.38
N LYS F 394 54.23 -7.43 -6.09
CA LYS F 394 55.11 -6.48 -5.41
C LYS F 394 54.33 -5.32 -4.81
N VAL F 395 53.40 -4.75 -5.59
CA VAL F 395 52.60 -3.62 -5.15
C VAL F 395 51.70 -4.01 -3.98
N LEU F 396 51.05 -5.18 -4.07
CA LEU F 396 50.22 -5.65 -2.98
C LEU F 396 51.04 -6.09 -1.77
N GLY F 397 52.29 -6.47 -1.96
CA GLY F 397 53.16 -6.70 -0.82
C GLY F 397 53.47 -5.42 -0.08
N THR F 398 53.65 -4.32 -0.81
CA THR F 398 53.74 -3.02 -0.11
C THR F 398 52.42 -2.63 0.52
N ARG F 399 51.29 -2.97 -0.09
CA ARG F 399 50.01 -2.44 0.35
C ARG F 399 49.48 -3.12 1.61
N LYS F 400 49.88 -4.39 1.87
CA LYS F 400 49.45 -5.27 2.97
C LYS F 400 47.93 -5.25 3.20
N LEU F 401 47.19 -5.81 2.24
CA LEU F 401 45.74 -5.63 2.14
C LEU F 401 44.97 -6.17 3.34
N MET F 402 45.42 -7.29 3.92
CA MET F 402 44.70 -7.86 5.05
C MET F 402 44.86 -7.05 6.33
N HIS F 403 45.88 -6.21 6.42
CA HIS F 403 46.18 -5.49 7.63
C HIS F 403 45.65 -4.06 7.60
N VAL F 404 44.83 -3.74 6.60
CA VAL F 404 44.25 -2.41 6.45
C VAL F 404 42.73 -2.55 6.57
N ALA F 405 42.06 -1.41 6.75
CA ALA F 405 40.62 -1.39 6.91
C ALA F 405 39.93 -1.69 5.59
N TYR F 406 38.59 -1.75 5.64
CA TYR F 406 37.81 -2.17 4.47
C TYR F 406 37.83 -1.13 3.36
N GLU F 407 37.80 0.16 3.71
CA GLU F 407 37.55 1.20 2.72
C GLU F 407 38.76 1.40 1.82
N GLU F 408 39.95 1.51 2.42
CA GLU F 408 41.18 1.70 1.64
C GLU F 408 41.46 0.51 0.76
N PHE F 409 41.23 -0.71 1.30
CA PHE F 409 41.30 -1.92 0.51
C PHE F 409 40.33 -1.89 -0.66
N GLU F 410 39.14 -1.31 -0.44
CA GLU F 410 38.17 -1.20 -1.53
C GLU F 410 38.64 -0.29 -2.64
N LYS F 411 39.17 0.91 -2.31
CA LYS F 411 39.62 1.79 -3.40
C LYS F 411 40.84 1.23 -4.13
N VAL F 412 41.80 0.66 -3.40
CA VAL F 412 42.95 0.10 -4.13
C VAL F 412 42.56 -1.14 -4.95
N MET F 413 41.55 -1.91 -4.54
CA MET F 413 41.28 -3.07 -5.37
C MET F 413 40.36 -2.71 -6.53
N VAL F 414 39.54 -1.66 -6.40
CA VAL F 414 38.80 -1.26 -7.58
C VAL F 414 39.71 -0.55 -8.57
N ALA F 415 40.78 0.09 -8.09
CA ALA F 415 41.80 0.58 -9.01
C ALA F 415 42.52 -0.57 -9.71
N CYS F 416 42.81 -1.64 -8.96
CA CYS F 416 43.46 -2.80 -9.55
C CYS F 416 42.55 -3.50 -10.56
N PHE F 417 41.26 -3.56 -10.28
CA PHE F 417 40.32 -4.15 -11.23
C PHE F 417 40.06 -3.23 -12.41
N GLU F 418 40.21 -1.91 -12.25
CA GLU F 418 40.23 -1.03 -13.41
C GLU F 418 41.44 -1.32 -14.28
N VAL F 419 42.58 -1.62 -13.66
CA VAL F 419 43.78 -2.02 -14.40
C VAL F 419 43.53 -3.32 -15.15
N PHE F 420 42.85 -4.27 -14.50
CA PHE F 420 42.48 -5.53 -15.14
C PHE F 420 41.55 -5.32 -16.32
N GLN F 421 40.56 -4.45 -16.16
CA GLN F 421 39.62 -4.16 -17.24
C GLN F 421 40.31 -3.46 -18.40
N THR F 422 41.24 -2.55 -18.08
CA THR F 422 42.02 -1.88 -19.12
C THR F 422 42.88 -2.87 -19.88
N TRP F 423 43.47 -3.83 -19.18
CA TRP F 423 44.19 -4.92 -19.82
C TRP F 423 43.29 -5.71 -20.74
N ASP F 424 42.07 -5.99 -20.30
CA ASP F 424 41.14 -6.79 -21.10
C ASP F 424 40.73 -6.08 -22.37
N ASP F 425 40.39 -4.79 -22.30
CA ASP F 425 39.94 -4.12 -23.51
C ASP F 425 41.11 -3.83 -24.47
N GLU F 426 42.28 -3.47 -23.93
CA GLU F 426 43.45 -3.27 -24.78
C GLU F 426 43.88 -4.57 -25.43
N TYR F 427 43.76 -5.69 -24.69
CA TYR F 427 44.05 -7.00 -25.26
C TYR F 427 43.04 -7.39 -26.32
N GLU F 428 41.77 -7.01 -26.15
CA GLU F 428 40.79 -7.29 -27.18
C GLU F 428 41.07 -6.52 -28.47
N LYS F 429 41.43 -5.24 -28.35
CA LYS F 429 41.76 -4.44 -29.54
C LYS F 429 43.00 -4.98 -30.23
N LEU F 430 44.01 -5.36 -29.44
CA LEU F 430 45.20 -5.97 -30.01
C LEU F 430 44.90 -7.30 -30.68
N GLN F 431 44.01 -8.11 -30.08
CA GLN F 431 43.63 -9.39 -30.67
C GLN F 431 42.89 -9.18 -31.99
N VAL F 432 42.10 -8.12 -32.07
CA VAL F 432 41.49 -7.73 -33.35
C VAL F 432 42.56 -7.41 -34.38
N LEU F 433 43.62 -6.72 -33.95
CA LEU F 433 44.73 -6.40 -34.86
C LEU F 433 45.48 -7.65 -35.34
N LEU F 434 45.72 -8.61 -34.43
CA LEU F 434 46.30 -9.88 -34.88
C LEU F 434 45.38 -10.65 -35.81
N ARG F 435 44.06 -10.59 -35.60
CA ARG F 435 43.13 -11.27 -36.50
C ARG F 435 43.19 -10.68 -37.91
N ASP F 436 43.15 -9.35 -38.02
CA ASP F 436 43.11 -8.79 -39.37
C ASP F 436 44.50 -8.73 -40.00
N ILE F 437 45.56 -8.99 -39.22
CA ILE F 437 46.83 -9.14 -39.91
C ILE F 437 47.08 -10.60 -40.33
N VAL F 438 46.54 -11.58 -39.59
CA VAL F 438 46.77 -12.96 -40.03
C VAL F 438 45.85 -13.31 -41.16
N LYS F 439 44.70 -12.64 -41.29
CA LYS F 439 43.91 -12.88 -42.49
C LYS F 439 44.51 -12.16 -43.70
N ARG F 440 45.39 -11.19 -43.47
CA ARG F 440 46.13 -10.55 -44.55
C ARG F 440 47.45 -11.24 -44.83
N LYS F 441 47.81 -12.26 -44.05
CA LYS F 441 49.08 -12.96 -44.17
C LYS F 441 48.83 -14.47 -44.28
N ARG F 442 47.89 -14.84 -45.13
CA ARG F 442 47.51 -16.24 -45.29
C ARG F 442 48.58 -17.02 -46.04
N GLU F 443 49.16 -16.42 -47.09
CA GLU F 443 50.11 -17.16 -47.92
C GLU F 443 51.47 -17.34 -47.26
N GLU F 444 51.75 -16.62 -46.17
CA GLU F 444 53.03 -16.74 -45.49
C GLU F 444 52.95 -17.57 -44.20
N ASN F 445 51.77 -18.05 -43.82
CA ASN F 445 51.59 -18.84 -42.62
C ASN F 445 50.75 -20.07 -42.93
N LEU F 446 51.18 -21.22 -42.42
CA LEU F 446 50.44 -22.46 -42.59
C LEU F 446 49.70 -22.90 -41.34
N LYS F 447 50.28 -22.68 -40.16
CA LYS F 447 49.69 -23.09 -38.89
C LYS F 447 49.38 -21.87 -38.06
N MET F 448 48.19 -21.83 -37.47
CA MET F 448 47.71 -20.64 -36.78
C MET F 448 46.82 -21.07 -35.63
N VAL F 449 47.33 -20.96 -34.40
CA VAL F 449 46.57 -21.25 -33.21
C VAL F 449 46.51 -20.00 -32.35
N TRP F 450 45.62 -20.02 -31.36
CA TRP F 450 45.36 -18.88 -30.49
C TRP F 450 45.28 -19.32 -29.04
N ARG F 451 46.28 -20.08 -28.59
CA ARG F 451 46.32 -20.57 -27.22
C ARG F 451 47.02 -19.55 -26.34
N ILE F 452 46.24 -18.85 -25.51
CA ILE F 452 46.79 -17.86 -24.59
C ILE F 452 46.28 -18.17 -23.20
N ASN F 453 47.21 -18.31 -22.25
CA ASN F 453 46.88 -18.53 -20.83
C ASN F 453 47.70 -17.53 -20.01
N PRO F 454 47.22 -16.31 -19.85
CA PRO F 454 47.98 -15.30 -19.09
C PRO F 454 48.13 -15.66 -17.63
N ALA F 455 49.25 -15.25 -17.05
CA ALA F 455 49.60 -15.71 -15.71
C ALA F 455 48.90 -14.94 -14.61
N HIS F 456 48.30 -13.80 -14.92
CA HIS F 456 47.68 -12.95 -13.92
C HIS F 456 46.20 -13.26 -13.71
N ARG F 457 45.62 -14.17 -14.48
CA ARG F 457 44.20 -14.48 -14.33
C ARG F 457 43.92 -15.22 -13.02
N LYS F 458 44.85 -16.08 -12.60
CA LYS F 458 44.70 -16.74 -11.30
C LYS F 458 44.82 -15.74 -10.16
N LEU F 459 45.68 -14.73 -10.32
CA LEU F 459 45.76 -13.65 -9.34
C LEU F 459 44.46 -12.86 -9.31
N GLN F 460 43.87 -12.61 -10.48
CA GLN F 460 42.59 -11.91 -10.58
C GLN F 460 41.49 -12.69 -9.86
N ALA F 461 41.47 -14.01 -10.04
CA ALA F 461 40.51 -14.84 -9.31
C ALA F 461 40.78 -14.82 -7.81
N ARG F 462 42.05 -14.72 -7.41
CA ARG F 462 42.38 -14.64 -5.99
C ARG F 462 41.86 -13.36 -5.36
N LEU F 463 42.03 -12.22 -6.03
CA LEU F 463 41.47 -10.98 -5.48
C LEU F 463 39.95 -10.95 -5.54
N ASP F 464 39.35 -11.62 -6.54
CA ASP F 464 37.90 -11.74 -6.57
C ASP F 464 37.40 -12.52 -5.35
N GLN F 465 38.06 -13.64 -5.05
CA GLN F 465 37.70 -14.43 -3.87
C GLN F 465 38.01 -13.67 -2.59
N MET F 466 39.03 -12.83 -2.60
CA MET F 466 39.38 -12.06 -1.40
C MET F 466 38.34 -10.98 -1.11
N ARG F 467 37.84 -10.30 -2.14
CA ARG F 467 36.71 -9.40 -1.92
C ARG F 467 35.47 -10.17 -1.52
N LYS F 468 35.22 -11.33 -2.14
CA LYS F 468 34.05 -12.12 -1.78
C LYS F 468 34.22 -12.87 -0.46
N PHE F 469 35.35 -12.67 0.23
CA PHE F 469 35.40 -12.97 1.66
C PHE F 469 35.21 -11.70 2.49
N ARG F 470 35.99 -10.66 2.17
CA ARG F 470 36.12 -9.49 3.03
C ARG F 470 34.85 -8.67 3.08
N ARG F 471 34.05 -8.69 2.01
CA ARG F 471 32.83 -7.89 1.99
C ARG F 471 31.81 -8.41 3.01
N GLN F 472 31.53 -9.71 2.99
CA GLN F 472 30.57 -10.25 3.95
C GLN F 472 31.19 -10.33 5.34
N HIS F 473 32.52 -10.44 5.44
CA HIS F 473 33.12 -10.36 6.77
C HIS F 473 32.94 -8.98 7.37
N GLU F 474 33.13 -7.92 6.57
CA GLU F 474 32.89 -6.57 7.06
C GLU F 474 31.42 -6.35 7.39
N GLN F 475 30.54 -6.87 6.55
CA GLN F 475 29.10 -6.73 6.77
C GLN F 475 28.65 -7.42 8.05
N LEU F 476 29.20 -8.61 8.33
CA LEU F 476 28.87 -9.30 9.56
C LEU F 476 29.52 -8.61 10.76
N ARG F 477 30.77 -8.20 10.63
CA ARG F 477 31.54 -7.71 11.77
C ARG F 477 31.07 -6.34 12.23
N ALA F 478 30.70 -5.46 11.29
CA ALA F 478 30.19 -4.14 11.67
C ALA F 478 28.87 -4.26 12.42
N VAL F 479 27.99 -5.14 11.96
CA VAL F 479 26.72 -5.39 12.63
C VAL F 479 26.96 -6.01 14.01
N ILE F 480 27.89 -6.96 14.09
CA ILE F 480 28.17 -7.66 15.34
C ILE F 480 28.76 -6.73 16.39
N VAL F 481 29.69 -5.84 16.00
CA VAL F 481 30.19 -4.87 16.97
C VAL F 481 29.23 -3.71 17.20
N ARG F 482 28.23 -3.55 16.33
CA ARG F 482 27.27 -2.46 16.54
C ARG F 482 26.17 -2.84 17.51
N VAL F 483 25.53 -3.98 17.30
CA VAL F 483 24.26 -4.27 17.96
C VAL F 483 24.35 -5.38 19.00
N LEU F 484 25.47 -6.10 19.10
CA LEU F 484 25.62 -7.11 20.13
C LEU F 484 26.32 -6.60 21.37
N ARG F 485 26.25 -5.31 21.63
CA ARG F 485 26.68 -4.77 22.91
C ARG F 485 25.52 -5.02 23.87
N ASP F 513 26.22 -10.58 29.25
CA ASP F 513 26.45 -12.01 29.06
C ASP F 513 27.80 -12.28 28.44
N ALA F 514 28.34 -13.47 28.71
CA ALA F 514 29.61 -13.89 28.12
C ALA F 514 29.43 -14.49 26.73
N ALA F 515 28.19 -14.75 26.30
CA ALA F 515 27.97 -15.30 24.97
C ALA F 515 28.29 -14.30 23.88
N ASP F 516 27.96 -13.02 24.11
CA ASP F 516 28.25 -11.99 23.12
C ASP F 516 29.75 -11.72 23.01
N ALA F 517 30.44 -11.70 24.16
CA ALA F 517 31.89 -11.56 24.16
C ALA F 517 32.56 -12.77 23.52
N ASN F 518 32.00 -13.96 23.75
CA ASN F 518 32.47 -15.17 23.09
C ASN F 518 32.29 -15.08 21.58
N ALA F 519 31.16 -14.54 21.13
CA ALA F 519 30.89 -14.42 19.70
C ALA F 519 31.82 -13.42 19.04
N ILE F 520 32.05 -12.26 19.67
CA ILE F 520 32.95 -11.27 19.06
C ILE F 520 34.40 -11.75 19.11
N GLU F 521 34.78 -12.51 20.15
CA GLU F 521 36.13 -13.05 20.22
C GLU F 521 36.33 -14.15 19.18
N GLU F 522 35.30 -14.95 18.93
CA GLU F 522 35.43 -15.98 17.90
C GLU F 522 35.42 -15.38 16.50
N VAL F 523 34.71 -14.27 16.30
CA VAL F 523 34.77 -13.55 15.02
C VAL F 523 36.17 -13.00 14.79
N ASN F 524 36.76 -12.41 15.83
CA ASN F 524 38.13 -11.91 15.74
C ASN F 524 39.12 -13.04 15.52
N LEU F 525 38.88 -14.20 16.15
CA LEU F 525 39.75 -15.35 15.97
C LEU F 525 39.67 -15.89 14.55
N ALA F 526 38.47 -15.92 13.96
CA ALA F 526 38.32 -16.36 12.58
C ALA F 526 39.03 -15.41 11.61
N TYR F 527 38.88 -14.10 11.84
CA TYR F 527 39.55 -13.13 10.97
C TYR F 527 41.06 -13.17 11.13
N GLU F 528 41.56 -13.45 12.35
CA GLU F 528 42.99 -13.57 12.52
C GLU F 528 43.52 -14.87 11.93
N ASN F 529 42.74 -15.95 11.99
CA ASN F 529 43.19 -17.22 11.42
C ASN F 529 43.25 -17.16 9.91
N VAL F 530 42.31 -16.46 9.28
CA VAL F 530 42.44 -16.22 7.85
C VAL F 530 43.56 -15.22 7.58
N LYS F 531 43.70 -14.21 8.44
CA LYS F 531 44.66 -13.13 8.27
C LYS F 531 46.10 -13.62 8.35
N GLU F 532 46.37 -14.61 9.21
CA GLU F 532 47.72 -15.12 9.37
C GLU F 532 48.22 -15.93 8.17
N VAL F 533 47.33 -16.30 7.26
CA VAL F 533 47.71 -17.05 6.06
C VAL F 533 47.95 -16.06 4.93
N ASP F 534 49.10 -16.17 4.27
CA ASP F 534 49.43 -15.30 3.14
C ASP F 534 48.60 -15.71 1.94
N GLY F 535 47.54 -14.96 1.67
CA GLY F 535 46.66 -15.25 0.56
C GLY F 535 47.10 -14.71 -0.78
N LEU F 536 48.18 -13.94 -0.81
CA LEU F 536 48.67 -13.38 -2.07
C LEU F 536 49.47 -14.38 -2.88
N ASP F 537 49.78 -15.55 -2.32
CA ASP F 537 50.56 -16.55 -3.03
C ASP F 537 49.69 -17.25 -4.07
N VAL F 538 50.11 -17.20 -5.32
CA VAL F 538 49.39 -17.89 -6.39
C VAL F 538 49.88 -19.33 -6.51
N SER F 539 50.89 -19.70 -5.73
CA SER F 539 51.43 -21.04 -5.73
C SER F 539 50.43 -22.02 -5.13
N LYS F 540 50.71 -23.32 -5.32
CA LYS F 540 49.74 -24.35 -5.00
C LYS F 540 49.59 -24.52 -3.49
N GLU F 541 50.70 -24.53 -2.76
CA GLU F 541 50.64 -24.69 -1.30
C GLU F 541 49.95 -23.51 -0.63
N GLY F 542 50.19 -22.30 -1.13
CA GLY F 542 49.44 -21.14 -0.67
C GLY F 542 47.97 -21.22 -1.01
N THR F 543 47.64 -21.81 -2.16
CA THR F 543 46.24 -21.99 -2.54
C THR F 543 45.53 -22.97 -1.61
N GLU F 544 46.18 -24.08 -1.26
CA GLU F 544 45.58 -25.01 -0.31
C GLU F 544 45.52 -24.44 1.10
N ALA F 545 46.49 -23.62 1.50
CA ALA F 545 46.40 -22.92 2.78
C ALA F 545 45.22 -21.94 2.79
N TRP F 546 45.00 -21.26 1.65
CA TRP F 546 43.86 -20.36 1.52
C TRP F 546 42.54 -21.12 1.59
N GLU F 547 42.47 -22.29 0.96
CA GLU F 547 41.26 -23.11 1.02
C GLU F 547 40.99 -23.61 2.43
N ALA F 548 42.05 -24.02 3.14
CA ALA F 548 41.89 -24.47 4.53
C ALA F 548 41.47 -23.33 5.44
N ALA F 549 42.01 -22.12 5.20
CA ALA F 549 41.59 -20.95 5.98
C ALA F 549 40.14 -20.60 5.70
N MET F 550 39.70 -20.74 4.45
CA MET F 550 38.30 -20.49 4.10
C MET F 550 37.37 -21.48 4.78
N LYS F 551 37.76 -22.76 4.80
CA LYS F 551 36.94 -23.78 5.46
C LYS F 551 36.88 -23.56 6.96
N ARG F 552 38.00 -23.21 7.58
CA ARG F 552 38.03 -22.92 9.01
C ARG F 552 37.20 -21.71 9.36
N TYR F 553 37.28 -20.66 8.53
CA TYR F 553 36.48 -19.45 8.75
C TYR F 553 35.00 -19.74 8.60
N ASP F 554 34.64 -20.56 7.61
CA ASP F 554 33.23 -20.91 7.41
C ASP F 554 32.68 -21.71 8.58
N GLU F 555 33.46 -22.67 9.08
CA GLU F 555 33.00 -23.46 10.22
C GLU F 555 32.86 -22.61 11.49
N ARG F 556 33.83 -21.71 11.72
CA ARG F 556 33.75 -20.80 12.87
C ARG F 556 32.56 -19.87 12.76
N ILE F 557 32.29 -19.35 11.56
CA ILE F 557 31.20 -18.41 11.35
C ILE F 557 29.85 -19.11 11.51
N ASP F 558 29.74 -20.34 11.02
CA ASP F 558 28.48 -21.07 11.18
C ASP F 558 28.23 -21.45 12.64
N ARG F 559 29.30 -21.78 13.37
CA ARG F 559 29.15 -22.04 14.80
C ARG F 559 28.70 -20.79 15.55
N VAL F 560 29.28 -19.63 15.20
CA VAL F 560 28.88 -18.38 15.83
C VAL F 560 27.44 -18.03 15.48
N GLU F 561 27.04 -18.30 14.24
CA GLU F 561 25.68 -18.05 13.79
C GLU F 561 24.67 -18.90 14.56
N THR F 562 24.98 -20.18 14.77
CA THR F 562 24.08 -21.04 15.54
C THR F 562 24.04 -20.64 17.01
N ARG F 563 25.18 -20.20 17.55
CA ARG F 563 25.22 -19.73 18.93
C ARG F 563 24.36 -18.49 19.13
N ILE F 564 24.42 -17.54 18.20
CA ILE F 564 23.57 -16.37 18.36
C ILE F 564 22.13 -16.66 17.96
N THR F 565 21.88 -17.71 17.19
CA THR F 565 20.52 -18.17 16.99
C THR F 565 19.91 -18.67 18.29
N ALA F 566 20.68 -19.47 19.04
CA ALA F 566 20.22 -19.90 20.36
C ALA F 566 20.13 -18.73 21.33
N ARG F 567 20.97 -17.70 21.15
CA ARG F 567 20.84 -16.46 21.89
C ARG F 567 19.59 -15.68 21.47
N LEU F 568 19.03 -15.95 20.30
CA LEU F 568 17.80 -15.29 19.88
C LEU F 568 16.56 -16.15 20.06
N ARG F 569 16.71 -17.42 20.40
CA ARG F 569 15.54 -18.29 20.56
C ARG F 569 14.98 -18.28 21.97
N ASP F 570 15.54 -17.49 22.88
CA ASP F 570 14.97 -17.34 24.21
C ASP F 570 13.97 -16.20 24.28
N GLN F 571 13.37 -15.84 23.14
CA GLN F 571 12.50 -14.68 23.05
C GLN F 571 11.20 -14.87 23.85
N LEU F 572 10.60 -16.05 23.74
CA LEU F 572 9.40 -16.32 24.53
C LEU F 572 9.70 -16.46 26.01
N GLY F 573 10.89 -16.97 26.35
CA GLY F 573 11.29 -17.03 27.74
C GLY F 573 11.66 -15.70 28.33
N THR F 574 11.81 -14.66 27.50
CA THR F 574 12.08 -13.31 27.96
C THR F 574 10.89 -12.39 27.76
N ALA F 575 10.34 -12.35 26.55
CA ALA F 575 9.26 -11.43 26.21
C ALA F 575 7.92 -12.09 26.51
N LYS F 576 7.18 -11.51 27.44
CA LYS F 576 5.85 -12.00 27.80
C LYS F 576 4.74 -11.27 27.05
N ASN F 577 5.04 -10.16 26.39
CA ASN F 577 4.04 -9.35 25.73
C ASN F 577 4.65 -8.96 24.38
N ALA F 578 3.76 -8.63 23.44
CA ALA F 578 4.19 -8.39 22.08
C ALA F 578 4.94 -7.07 21.93
N ASN F 579 4.78 -6.14 22.86
CA ASN F 579 5.46 -4.85 22.71
C ASN F 579 6.95 -4.94 23.01
N GLU F 580 7.35 -5.66 24.05
CA GLU F 580 8.77 -5.80 24.29
C GLU F 580 9.40 -6.77 23.29
N MET F 581 8.60 -7.69 22.74
CA MET F 581 9.09 -8.54 21.68
C MET F 581 9.26 -7.76 20.39
N PHE F 582 8.38 -6.80 20.15
CA PHE F 582 8.55 -5.81 19.09
C PHE F 582 9.84 -5.03 19.25
N ARG F 583 10.10 -4.58 20.49
CA ARG F 583 11.28 -3.77 20.75
C ARG F 583 12.57 -4.57 20.55
N ILE F 584 12.61 -5.80 21.07
CA ILE F 584 13.82 -6.62 20.91
C ILE F 584 13.95 -7.12 19.48
N PHE F 585 12.85 -7.18 18.74
CA PHE F 585 12.91 -7.54 17.33
C PHE F 585 13.44 -6.37 16.51
N SER F 586 13.12 -5.15 16.93
CA SER F 586 13.62 -3.95 16.27
C SER F 586 15.10 -3.74 16.57
N ARG F 587 15.52 -4.01 17.81
CA ARG F 587 16.92 -3.81 18.19
C ARG F 587 17.85 -4.75 17.42
N PHE F 588 17.42 -6.00 17.22
CA PHE F 588 18.27 -7.02 16.64
C PHE F 588 17.95 -7.26 15.16
N ASN F 589 17.53 -6.21 14.45
CA ASN F 589 16.99 -6.38 13.10
C ASN F 589 18.06 -6.76 12.09
N ALA F 590 19.28 -6.25 12.25
CA ALA F 590 20.31 -6.42 11.24
C ALA F 590 20.89 -7.82 11.18
N LEU F 591 20.59 -8.69 12.15
CA LEU F 591 21.03 -10.08 12.09
C LEU F 591 20.21 -10.92 11.13
N PHE F 592 19.13 -10.39 10.60
CA PHE F 592 18.19 -11.17 9.81
C PHE F 592 18.46 -11.06 8.32
N VAL F 593 19.54 -10.38 7.93
CA VAL F 593 20.00 -10.44 6.54
C VAL F 593 20.55 -11.83 6.23
N ARG F 594 21.09 -12.51 7.23
CA ARG F 594 21.52 -13.89 7.05
C ARG F 594 20.30 -14.78 6.81
N PRO F 595 20.37 -15.67 5.81
CA PRO F 595 19.20 -16.49 5.50
C PRO F 595 18.89 -17.55 6.54
N HIS F 596 19.90 -18.03 7.27
CA HIS F 596 19.65 -19.01 8.32
C HIS F 596 18.91 -18.41 9.49
N ILE F 597 19.27 -17.18 9.87
CA ILE F 597 18.58 -16.49 10.95
C ILE F 597 17.17 -16.11 10.52
N ARG F 598 17.00 -15.73 9.25
CA ARG F 598 15.67 -15.43 8.73
C ARG F 598 14.79 -16.68 8.73
N GLY F 599 15.35 -17.83 8.36
CA GLY F 599 14.58 -19.06 8.40
C GLY F 599 14.34 -19.59 9.80
N ALA F 600 15.15 -19.18 10.77
CA ALA F 600 15.00 -19.69 12.13
C ALA F 600 13.78 -19.13 12.82
N ILE F 601 13.35 -17.93 12.46
CA ILE F 601 12.24 -17.27 13.13
C ILE F 601 11.05 -17.30 12.17
N ARG F 602 10.18 -18.23 12.36
CA ARG F 602 8.99 -18.26 11.52
C ARG F 602 7.71 -18.32 12.33
N GLU F 603 7.74 -18.97 13.49
CA GLU F 603 6.53 -19.06 14.30
C GLU F 603 6.24 -17.76 15.05
N TYR F 604 7.21 -16.84 15.11
CA TYR F 604 6.94 -15.56 15.75
C TYR F 604 6.36 -14.57 14.77
N GLN F 605 6.78 -14.67 13.51
CA GLN F 605 6.40 -13.71 12.49
C GLN F 605 4.92 -13.75 12.19
N THR F 606 4.31 -14.94 12.20
CA THR F 606 2.89 -15.06 11.93
C THR F 606 2.05 -14.39 13.00
N GLN F 607 2.42 -14.60 14.27
CA GLN F 607 1.73 -13.94 15.37
C GLN F 607 1.93 -12.43 15.32
N LEU F 608 3.12 -11.99 14.94
CA LEU F 608 3.38 -10.55 14.86
C LEU F 608 2.59 -9.90 13.74
N ILE F 609 2.47 -10.59 12.60
CA ILE F 609 1.65 -10.11 11.50
C ILE F 609 0.19 -10.06 11.89
N GLN F 610 -0.28 -11.06 12.64
CA GLN F 610 -1.68 -11.04 13.07
C GLN F 610 -1.95 -9.91 14.05
N ARG F 611 -0.99 -9.61 14.94
CA ARG F 611 -1.15 -8.49 15.87
C ARG F 611 -1.16 -7.16 15.12
N VAL F 612 -0.29 -7.01 14.13
CA VAL F 612 -0.24 -5.78 13.35
C VAL F 612 -1.52 -5.61 12.53
N LYS F 613 -2.03 -6.72 11.98
CA LYS F 613 -3.28 -6.68 11.23
C LYS F 613 -4.46 -6.31 12.13
N ASP F 614 -4.44 -6.79 13.38
CA ASP F 614 -5.46 -6.40 14.34
C ASP F 614 -5.39 -4.92 14.67
N ASP F 615 -4.16 -4.39 14.80
CA ASP F 615 -4.01 -2.96 15.06
C ASP F 615 -4.46 -2.12 13.87
N ILE F 616 -4.17 -2.59 12.65
CA ILE F 616 -4.57 -1.89 11.44
C ILE F 616 -6.09 -1.88 11.31
N GLU F 617 -6.73 -3.01 11.62
CA GLU F 617 -8.18 -3.07 11.60
C GLU F 617 -8.79 -2.18 12.68
N SER F 618 -8.15 -2.12 13.86
CA SER F 618 -8.63 -1.25 14.93
C SER F 618 -8.55 0.22 14.53
N LEU F 619 -7.47 0.59 13.85
CA LEU F 619 -7.37 1.97 13.37
C LEU F 619 -8.33 2.22 12.20
N HIS F 620 -8.67 1.18 11.44
CA HIS F 620 -9.72 1.30 10.44
C HIS F 620 -11.07 1.58 11.08
N ASP F 621 -11.37 0.92 12.20
CA ASP F 621 -12.61 1.24 12.91
C ASP F 621 -12.53 2.59 13.61
N LYS F 622 -11.33 3.04 13.97
CA LYS F 622 -11.19 4.40 14.46
C LYS F 622 -11.54 5.41 13.38
N PHE F 623 -11.07 5.17 12.17
CA PHE F 623 -11.43 6.01 11.03
C PHE F 623 -12.82 5.73 10.49
N LYS F 624 -13.50 4.69 11.00
CA LYS F 624 -14.86 4.39 10.54
C LYS F 624 -15.82 5.52 10.93
N VAL F 625 -15.74 5.98 12.18
CA VAL F 625 -16.43 7.20 12.52
C VAL F 625 -15.71 8.38 11.87
N GLN F 626 -16.43 9.46 11.70
CA GLN F 626 -15.84 10.65 11.09
C GLN F 626 -15.46 11.63 12.18
N TYR F 627 -14.73 12.66 11.77
CA TYR F 627 -14.34 13.73 12.70
C TYR F 627 -15.49 14.48 13.36
N PRO F 628 -16.59 14.86 12.68
CA PRO F 628 -17.71 15.49 13.43
C PRO F 628 -18.33 14.60 14.49
N GLN F 629 -18.44 13.30 14.25
CA GLN F 629 -19.03 12.43 15.26
C GLN F 629 -18.04 11.99 16.31
N SER F 630 -16.76 12.24 16.10
CA SER F 630 -15.74 11.82 17.05
C SER F 630 -15.77 12.69 18.29
N GLN F 631 -15.24 12.14 19.39
CA GLN F 631 -15.03 12.94 20.57
C GLN F 631 -13.80 13.81 20.46
N ALA F 632 -12.94 13.54 19.48
CA ALA F 632 -11.75 14.34 19.26
C ALA F 632 -12.09 15.75 18.80
N CYS F 633 -13.17 15.92 18.03
CA CYS F 633 -13.59 17.25 17.63
C CYS F 633 -14.05 18.07 18.84
N LYS F 634 -14.77 17.43 19.76
CA LYS F 634 -15.20 18.12 20.97
C LYS F 634 -14.00 18.48 21.83
N MET F 635 -13.04 17.57 21.94
CA MET F 635 -11.89 17.82 22.80
C MET F 635 -10.94 18.83 22.18
N SER F 636 -10.94 18.95 20.85
CA SER F 636 -10.17 19.99 20.21
C SER F 636 -10.86 21.34 20.33
N HIS F 637 -12.19 21.36 20.23
CA HIS F 637 -12.92 22.61 20.38
C HIS F 637 -12.84 23.14 21.80
N VAL F 638 -12.73 22.26 22.79
CA VAL F 638 -12.58 22.76 24.15
C VAL F 638 -11.14 23.21 24.41
N ARG F 639 -10.20 22.86 23.53
CA ARG F 639 -8.82 23.27 23.69
C ARG F 639 -8.42 24.34 22.68
N ASP F 640 -9.40 25.05 22.12
CA ASP F 640 -9.23 26.17 21.19
C ASP F 640 -8.45 25.75 19.94
N LEU F 641 -8.98 24.73 19.29
CA LEU F 641 -8.53 24.36 17.98
C LEU F 641 -9.66 24.62 16.99
N PRO F 642 -9.42 25.38 15.93
CA PRO F 642 -10.46 25.56 14.92
C PRO F 642 -10.75 24.25 14.22
N PRO F 643 -12.00 24.03 13.80
CA PRO F 643 -12.41 22.69 13.36
C PRO F 643 -11.75 22.20 12.08
N VAL F 644 -11.43 23.11 11.16
CA VAL F 644 -10.71 22.72 9.95
C VAL F 644 -9.32 22.23 10.31
N SER F 645 -8.59 23.01 11.11
CA SER F 645 -7.26 22.63 11.54
C SER F 645 -7.29 21.41 12.44
N GLY F 646 -8.35 21.24 13.22
CA GLY F 646 -8.49 20.04 14.03
C GLY F 646 -8.68 18.79 13.18
N SER F 647 -9.44 18.91 12.09
CA SER F 647 -9.60 17.80 11.16
C SER F 647 -8.28 17.46 10.47
N ILE F 648 -7.52 18.49 10.07
CA ILE F 648 -6.22 18.27 9.45
C ILE F 648 -5.28 17.57 10.41
N ILE F 649 -5.27 18.02 11.66
CA ILE F 649 -4.44 17.41 12.70
C ILE F 649 -4.82 15.95 12.90
N TRP F 650 -6.12 15.67 13.01
CA TRP F 650 -6.60 14.32 13.28
C TRP F 650 -6.24 13.36 12.16
N ALA F 651 -6.42 13.78 10.92
CA ALA F 651 -6.07 12.92 9.80
C ALA F 651 -4.56 12.71 9.70
N LYS F 652 -3.78 13.74 10.02
CA LYS F 652 -2.33 13.59 9.96
C LYS F 652 -1.82 12.64 11.04
N GLN F 653 -2.44 12.64 12.22
CA GLN F 653 -1.97 11.74 13.26
C GLN F 653 -2.40 10.30 12.98
N ILE F 654 -3.56 10.13 12.33
CA ILE F 654 -3.95 8.81 11.85
C ILE F 654 -2.94 8.29 10.82
N ASP F 655 -2.53 9.16 9.89
CA ASP F 655 -1.53 8.79 8.89
C ASP F 655 -0.18 8.48 9.53
N ARG F 656 0.18 9.22 10.58
CA ARG F 656 1.42 8.97 11.28
C ARG F 656 1.41 7.61 11.98
N GLN F 657 0.26 7.24 12.57
CA GLN F 657 0.16 5.92 13.17
C GLN F 657 0.22 4.82 12.12
N LEU F 658 -0.37 5.06 10.94
CA LEU F 658 -0.27 4.11 9.85
C LEU F 658 1.17 3.92 9.39
N THR F 659 1.92 5.02 9.29
CA THR F 659 3.32 4.93 8.90
C THR F 659 4.15 4.24 9.97
N ALA F 660 3.81 4.43 11.25
CA ALA F 660 4.49 3.73 12.31
C ALA F 660 4.24 2.23 12.25
N TYR F 661 3.01 1.83 11.92
CA TYR F 661 2.74 0.40 11.79
C TYR F 661 3.40 -0.19 10.56
N MET F 662 3.51 0.59 9.47
CA MET F 662 4.27 0.13 8.31
C MET F 662 5.74 -0.03 8.63
N LYS F 663 6.28 0.87 9.46
CA LYS F 663 7.64 0.71 9.96
C LYS F 663 7.77 -0.56 10.80
N ARG F 664 6.76 -0.86 11.61
CA ARG F 664 6.79 -2.05 12.43
C ARG F 664 6.78 -3.32 11.59
N VAL F 665 5.95 -3.38 10.56
CA VAL F 665 5.91 -4.60 9.75
C VAL F 665 7.16 -4.71 8.89
N GLU F 666 7.75 -3.59 8.46
CA GLU F 666 9.04 -3.62 7.77
C GLU F 666 10.13 -4.15 8.68
N ASP F 667 10.09 -3.78 9.96
CA ASP F 667 11.06 -4.30 10.91
C ASP F 667 10.84 -5.78 11.17
N VAL F 668 9.59 -6.21 11.26
CA VAL F 668 9.31 -7.60 11.63
C VAL F 668 9.66 -8.53 10.48
N LEU F 669 9.32 -8.15 9.27
CA LEU F 669 9.59 -9.04 8.15
C LEU F 669 10.97 -8.83 7.52
N GLY F 670 11.74 -7.86 7.98
CA GLY F 670 13.01 -7.60 7.35
C GLY F 670 12.83 -6.89 6.03
N LYS F 671 13.92 -6.86 5.27
CA LYS F 671 13.90 -6.20 3.97
C LYS F 671 13.10 -7.01 2.97
N GLY F 672 12.63 -6.31 1.93
CA GLY F 672 11.79 -6.95 0.94
C GLY F 672 10.43 -7.33 1.45
N TRP F 673 9.94 -6.64 2.48
CA TRP F 673 8.67 -7.00 3.11
C TRP F 673 7.48 -6.75 2.21
N GLU F 674 7.59 -5.85 1.24
CA GLU F 674 6.46 -5.54 0.38
C GLU F 674 6.13 -6.67 -0.57
N ASN F 675 7.09 -7.56 -0.85
CA ASN F 675 6.88 -8.65 -1.79
C ASN F 675 6.59 -9.97 -1.09
N HIS F 676 6.39 -9.93 0.21
CA HIS F 676 6.22 -11.14 1.01
C HIS F 676 4.84 -11.76 0.80
N VAL F 677 4.62 -12.91 1.43
CA VAL F 677 3.31 -13.54 1.39
C VAL F 677 2.29 -12.71 2.16
N GLU F 678 2.64 -12.30 3.38
CA GLU F 678 1.74 -11.48 4.17
C GLU F 678 1.95 -9.99 3.96
N GLY F 679 3.14 -9.58 3.52
CA GLY F 679 3.40 -8.17 3.36
C GLY F 679 2.78 -7.54 2.14
N GLN F 680 2.34 -8.35 1.17
CA GLN F 680 1.77 -7.79 -0.05
C GLN F 680 0.41 -7.16 0.22
N LYS F 681 -0.46 -7.87 0.94
CA LYS F 681 -1.77 -7.33 1.29
C LYS F 681 -1.64 -6.15 2.24
N LEU F 682 -0.68 -6.22 3.16
CA LEU F 682 -0.44 -5.14 4.10
C LEU F 682 0.01 -3.88 3.40
N LYS F 683 0.94 -4.02 2.45
CA LYS F 683 1.45 -2.87 1.71
C LYS F 683 0.39 -2.31 0.78
N GLN F 684 -0.40 -3.16 0.13
CA GLN F 684 -1.45 -2.69 -0.75
C GLN F 684 -2.54 -1.95 0.02
N ASP F 685 -2.94 -2.48 1.17
CA ASP F 685 -3.96 -1.81 1.97
C ASP F 685 -3.42 -0.55 2.62
N GLY F 686 -2.13 -0.51 2.97
CA GLY F 686 -1.54 0.71 3.47
C GLY F 686 -1.48 1.80 2.42
N ASP F 687 -1.14 1.43 1.18
CA ASP F 687 -1.15 2.38 0.08
C ASP F 687 -2.55 2.91 -0.19
N SER F 688 -3.53 2.01 -0.24
CA SER F 688 -4.91 2.42 -0.51
C SER F 688 -5.49 3.23 0.63
N PHE F 689 -5.04 2.99 1.86
CA PHE F 689 -5.48 3.81 2.98
C PHE F 689 -4.82 5.18 2.99
N ARG F 690 -3.54 5.25 2.64
CA ARG F 690 -2.86 6.53 2.57
C ARG F 690 -3.35 7.38 1.41
N MET F 691 -3.92 6.76 0.38
CA MET F 691 -4.57 7.54 -0.67
C MET F 691 -5.81 8.26 -0.13
N LYS F 692 -6.53 7.63 0.80
CA LYS F 692 -7.73 8.23 1.35
C LYS F 692 -7.45 9.13 2.54
N LEU F 693 -6.21 9.20 3.01
CA LEU F 693 -5.87 9.99 4.19
C LEU F 693 -5.24 11.32 3.87
N ASN F 694 -5.18 11.72 2.61
CA ASN F 694 -4.59 13.00 2.27
C ASN F 694 -5.53 14.13 2.66
N THR F 695 -4.96 15.31 2.86
CA THR F 695 -5.69 16.46 3.37
C THR F 695 -5.62 17.66 2.44
N GLN F 696 -5.37 17.42 1.15
CA GLN F 696 -5.23 18.53 0.23
C GLN F 696 -6.57 19.14 -0.15
N GLU F 697 -7.60 18.30 -0.34
CA GLU F 697 -8.86 18.79 -0.87
C GLU F 697 -9.63 19.61 0.16
N ILE F 698 -9.56 19.21 1.43
CA ILE F 698 -10.21 19.96 2.49
C ILE F 698 -9.52 21.30 2.68
N PHE F 699 -8.19 21.32 2.56
CA PHE F 699 -7.45 22.58 2.62
C PHE F 699 -7.81 23.50 1.47
N ASP F 700 -7.95 22.94 0.27
CA ASP F 700 -8.32 23.74 -0.90
C ASP F 700 -9.74 24.29 -0.76
N ASP F 701 -10.66 23.49 -0.23
CA ASP F 701 -12.03 23.96 -0.04
C ASP F 701 -12.09 25.05 1.02
N TRP F 702 -11.29 24.91 2.09
CA TRP F 702 -11.20 25.96 3.09
C TRP F 702 -10.63 27.25 2.51
N ALA F 703 -9.60 27.11 1.67
CA ALA F 703 -8.99 28.29 1.05
C ALA F 703 -9.97 28.98 0.12
N ARG F 704 -10.77 28.20 -0.62
CA ARG F 704 -11.78 28.76 -1.50
C ARG F 704 -12.86 29.49 -0.71
N LYS F 705 -13.32 28.91 0.41
CA LYS F 705 -14.38 29.60 1.15
C LYS F 705 -13.85 30.80 1.92
N VAL F 706 -12.57 30.80 2.31
CA VAL F 706 -12.00 32.00 2.92
C VAL F 706 -11.83 33.09 1.87
N GLN F 707 -11.38 32.72 0.67
CA GLN F 707 -11.31 33.64 -0.45
C GLN F 707 -12.67 33.98 -1.04
N GLN F 708 -13.74 33.40 -0.53
CA GLN F 708 -15.08 33.83 -0.86
C GLN F 708 -15.70 34.70 0.24
N ARG F 709 -15.23 34.56 1.48
CA ARG F 709 -15.93 35.16 2.63
C ARG F 709 -15.73 36.67 2.72
N ASN F 710 -14.49 37.15 2.54
CA ASN F 710 -14.10 38.57 2.58
C ASN F 710 -14.42 39.21 3.94
N LEU F 711 -13.70 38.75 4.95
CA LEU F 711 -13.75 39.39 6.26
C LEU F 711 -12.77 40.56 6.26
N GLY F 712 -13.27 41.75 5.91
CA GLY F 712 -12.45 42.93 5.83
C GLY F 712 -12.33 43.66 7.17
N VAL F 713 -11.25 44.41 7.32
CA VAL F 713 -10.97 45.13 8.55
C VAL F 713 -10.99 46.63 8.29
N SER F 714 -11.02 47.02 7.02
CA SER F 714 -10.87 48.42 6.64
C SER F 714 -12.15 49.19 6.88
N GLY F 715 -12.01 50.39 7.42
CA GLY F 715 -13.13 51.30 7.60
C GLY F 715 -12.96 52.12 8.86
N ARG F 716 -13.99 52.91 9.14
CA ARG F 716 -14.02 53.72 10.36
C ARG F 716 -14.18 52.81 11.58
N ILE F 717 -13.74 53.31 12.74
CA ILE F 717 -13.78 52.50 13.96
C ILE F 717 -15.12 52.55 14.66
N PHE F 718 -16.11 53.20 14.09
CA PHE F 718 -17.44 53.24 14.67
C PHE F 718 -18.49 53.07 13.58
N THR F 719 -19.65 52.54 13.98
CA THR F 719 -20.77 52.35 13.08
C THR F 719 -22.04 52.75 13.80
N ILE F 720 -22.95 53.40 13.08
CA ILE F 720 -24.19 53.86 13.67
C ILE F 720 -25.40 53.22 12.98
N LYS F 734 -26.99 53.35 16.67
CA LYS F 734 -26.46 53.09 18.01
C LYS F 734 -24.95 52.92 17.93
N LEU F 735 -24.26 53.12 19.06
CA LEU F 735 -22.82 53.04 19.09
C LEU F 735 -22.36 51.59 19.05
N LYS F 736 -21.44 51.29 18.13
CA LYS F 736 -20.83 49.97 18.02
C LYS F 736 -19.51 50.12 17.27
N VAL F 737 -18.68 49.11 17.38
CA VAL F 737 -17.35 49.10 16.77
C VAL F 737 -17.40 48.24 15.52
N ASN F 738 -16.81 48.74 14.43
CA ASN F 738 -16.78 48.02 13.16
C ASN F 738 -15.70 46.95 13.20
N PHE F 739 -15.99 45.86 13.91
CA PHE F 739 -15.06 44.74 14.01
C PHE F 739 -15.83 43.49 14.37
N LEU F 740 -15.86 42.53 13.46
CA LEU F 740 -16.39 41.22 13.79
C LEU F 740 -15.35 40.45 14.59
N PRO F 741 -15.73 39.87 15.73
CA PRO F 741 -14.75 39.14 16.56
C PRO F 741 -14.39 37.76 16.02
N GLU F 742 -15.08 37.27 15.00
CA GLU F 742 -14.82 35.94 14.47
C GLU F 742 -13.65 35.90 13.51
N ILE F 743 -13.03 37.05 13.22
CA ILE F 743 -11.89 37.07 12.32
C ILE F 743 -10.65 36.49 12.98
N ILE F 744 -10.63 36.42 14.32
CA ILE F 744 -9.49 35.85 15.01
C ILE F 744 -9.42 34.34 14.84
N THR F 745 -10.52 33.71 14.42
CA THR F 745 -10.46 32.30 14.05
C THR F 745 -9.63 32.10 12.79
N LEU F 746 -9.74 33.04 11.85
CA LEU F 746 -8.97 32.97 10.61
C LEU F 746 -7.47 33.11 10.90
N SER F 747 -7.11 33.96 11.86
CA SER F 747 -5.71 34.09 12.26
C SER F 747 -5.20 32.81 12.90
N LYS F 748 -6.05 32.13 13.66
CA LYS F 748 -5.68 30.84 14.25
C LYS F 748 -5.47 29.80 13.17
N GLU F 749 -6.33 29.76 12.16
CA GLU F 749 -6.18 28.80 11.08
C GLU F 749 -4.95 29.09 10.24
N VAL F 750 -4.62 30.37 10.08
CA VAL F 750 -3.41 30.74 9.35
C VAL F 750 -2.17 30.31 10.12
N ARG F 751 -2.14 30.57 11.42
CA ARG F 751 -0.97 30.19 12.20
C ARG F 751 -0.90 28.69 12.46
N ASN F 752 -1.98 27.95 12.24
CA ASN F 752 -1.92 26.50 12.35
C ASN F 752 -1.54 25.85 11.04
N LEU F 753 -2.11 26.31 9.94
CA LEU F 753 -1.87 25.67 8.66
C LEU F 753 -0.48 25.94 8.12
N LYS F 754 0.13 27.05 8.53
CA LYS F 754 1.52 27.30 8.21
C LYS F 754 2.44 26.29 8.89
N TRP F 755 2.06 25.84 10.08
CA TRP F 755 2.82 24.83 10.79
C TRP F 755 2.74 23.49 10.08
N LEU F 756 1.61 23.20 9.44
CA LEU F 756 1.40 21.92 8.80
C LEU F 756 1.82 21.89 7.36
N GLY F 757 2.75 22.76 6.96
CA GLY F 757 3.37 22.68 5.66
C GLY F 757 2.55 23.20 4.50
N PHE F 758 1.31 23.60 4.73
CA PHE F 758 0.50 24.15 3.66
C PHE F 758 0.95 25.56 3.33
N ARG F 759 0.95 25.90 2.05
CA ARG F 759 1.37 27.22 1.58
C ARG F 759 0.09 28.02 1.30
N VAL F 760 -0.37 28.74 2.31
CA VAL F 760 -1.54 29.61 2.18
C VAL F 760 -1.16 30.82 1.35
N PRO F 761 -2.08 31.39 0.58
CA PRO F 761 -1.77 32.61 -0.18
C PRO F 761 -1.47 33.80 0.71
N LEU F 762 -0.65 34.72 0.19
CA LEU F 762 -0.04 35.76 1.01
C LEU F 762 -1.05 36.82 1.43
N ALA F 763 -2.09 37.03 0.63
CA ALA F 763 -3.13 38.00 0.99
C ALA F 763 -3.87 37.57 2.24
N ILE F 764 -4.11 36.25 2.39
CA ILE F 764 -4.77 35.74 3.58
C ILE F 764 -3.87 35.90 4.80
N VAL F 765 -2.56 35.71 4.62
CA VAL F 765 -1.62 35.87 5.72
C VAL F 765 -1.56 37.33 6.15
N ASN F 766 -1.59 38.26 5.19
CA ASN F 766 -1.62 39.67 5.54
C ASN F 766 -2.93 40.10 6.16
N LYS F 767 -4.05 39.50 5.75
CA LYS F 767 -5.32 39.75 6.44
C LYS F 767 -5.29 39.22 7.86
N ALA F 768 -4.65 38.06 8.08
CA ALA F 768 -4.48 37.55 9.44
C ALA F 768 -3.59 38.46 10.27
N HIS F 769 -2.56 39.03 9.65
CA HIS F 769 -1.73 40.02 10.33
C HIS F 769 -2.54 41.26 10.71
N GLN F 770 -3.38 41.72 9.79
CA GLN F 770 -4.26 42.85 10.06
C GLN F 770 -5.26 42.57 11.17
N ALA F 771 -5.76 41.33 11.25
CA ALA F 771 -6.65 40.98 12.34
C ALA F 771 -5.90 40.91 13.66
N ASN F 772 -4.72 40.28 13.67
CA ASN F 772 -3.98 40.08 14.90
C ASN F 772 -3.40 41.38 15.44
N GLN F 773 -3.12 42.36 14.59
CA GLN F 773 -2.69 43.65 15.09
C GLN F 773 -3.82 44.38 15.79
N LEU F 774 -5.00 44.40 15.18
CA LEU F 774 -6.08 45.23 15.68
C LEU F 774 -6.94 44.55 16.74
N TYR F 775 -6.75 43.25 16.95
CA TYR F 775 -7.65 42.51 17.85
C TYR F 775 -7.63 42.97 19.31
N PRO F 776 -6.50 43.23 19.97
CA PRO F 776 -6.62 43.74 21.36
C PRO F 776 -7.21 45.14 21.45
N PHE F 777 -6.90 46.00 20.49
CA PHE F 777 -7.47 47.34 20.47
C PHE F 777 -8.96 47.29 20.20
N ALA F 778 -9.40 46.41 19.30
CA ALA F 778 -10.83 46.27 19.03
C ALA F 778 -11.57 45.69 20.23
N ILE F 779 -10.93 44.77 20.96
CA ILE F 779 -11.54 44.19 22.15
C ILE F 779 -11.68 45.24 23.24
N SER F 780 -10.65 46.07 23.43
CA SER F 780 -10.77 47.15 24.40
C SER F 780 -11.79 48.19 23.97
N LEU F 781 -11.90 48.44 22.68
CA LEU F 781 -12.89 49.39 22.18
C LEU F 781 -14.31 48.89 22.41
N ILE F 782 -14.58 47.64 22.07
CA ILE F 782 -15.91 47.11 22.25
C ILE F 782 -16.24 46.94 23.73
N GLU F 783 -15.24 46.67 24.57
CA GLU F 783 -15.50 46.58 25.99
C GLU F 783 -15.79 47.95 26.60
N SER F 784 -15.06 48.98 26.16
CA SER F 784 -15.32 50.33 26.66
C SER F 784 -16.65 50.86 26.17
N VAL F 785 -17.05 50.52 24.94
CA VAL F 785 -18.33 50.94 24.41
C VAL F 785 -19.47 50.26 25.16
N ARG F 786 -19.32 48.96 25.45
CA ARG F 786 -20.33 48.25 26.22
C ARG F 786 -20.41 48.76 27.66
N THR F 787 -19.26 49.11 28.25
CA THR F 787 -19.26 49.72 29.57
C THR F 787 -19.95 51.07 29.56
N TYR F 788 -19.69 51.88 28.53
CA TYR F 788 -20.29 53.20 28.41
C TYR F 788 -21.80 53.11 28.22
N GLU F 789 -22.28 52.17 27.43
CA GLU F 789 -23.73 52.07 27.29
C GLU F 789 -24.38 51.47 28.53
N ARG F 790 -23.68 50.60 29.26
CA ARG F 790 -24.28 50.02 30.45
C ARG F 790 -24.39 51.07 31.55
N THR F 791 -23.40 51.98 31.64
CA THR F 791 -23.53 53.08 32.58
C THR F 791 -24.42 54.20 32.05
N CYS F 792 -24.59 54.33 30.74
CA CYS F 792 -25.50 55.34 30.20
C CYS F 792 -26.96 54.96 30.46
N GLU F 793 -27.26 53.66 30.40
CA GLU F 793 -28.59 53.19 30.82
C GLU F 793 -28.84 53.49 32.29
N LYS F 794 -27.82 53.30 33.13
CA LYS F 794 -27.95 53.61 34.55
C LYS F 794 -28.11 55.10 34.80
N VAL F 795 -27.43 55.93 34.00
CA VAL F 795 -27.56 57.38 34.15
C VAL F 795 -28.94 57.84 33.71
N GLU F 796 -29.41 57.37 32.56
CA GLU F 796 -30.73 57.76 32.07
C GLU F 796 -31.87 57.10 32.85
N GLU F 797 -31.58 56.09 33.66
CA GLU F 797 -32.61 55.55 34.55
C GLU F 797 -32.73 56.35 35.84
N ARG F 798 -31.61 56.74 36.44
CA ARG F 798 -31.61 57.56 37.66
C ARG F 798 -31.27 58.99 37.26
N ASN F 799 -32.31 59.80 37.03
CA ASN F 799 -32.11 61.15 36.51
C ASN F 799 -31.83 62.18 37.59
N THR F 800 -31.89 61.80 38.87
CA THR F 800 -31.75 62.78 39.95
C THR F 800 -30.32 63.24 40.15
N ILE F 801 -29.33 62.45 39.72
CA ILE F 801 -27.92 62.77 39.95
C ILE F 801 -27.26 63.17 38.64
N SER F 802 -28.08 63.58 37.66
CA SER F 802 -27.60 63.90 36.31
C SER F 802 -26.68 65.11 36.30
N LEU F 803 -26.79 66.00 37.29
CA LEU F 803 -25.90 67.16 37.34
C LEU F 803 -24.50 66.77 37.79
N LEU F 804 -24.38 65.74 38.61
CA LEU F 804 -23.06 65.36 39.14
C LEU F 804 -22.24 64.60 38.12
N VAL F 805 -22.88 63.75 37.31
CA VAL F 805 -22.16 62.85 36.41
C VAL F 805 -21.99 63.41 35.01
N ALA F 806 -22.46 64.63 34.76
CA ALA F 806 -22.33 65.21 33.43
C ALA F 806 -20.97 65.87 33.20
N GLY F 807 -20.09 65.87 34.20
CA GLY F 807 -18.76 66.44 34.01
C GLY F 807 -17.91 65.64 33.04
N LEU F 808 -17.91 64.32 33.16
CA LEU F 808 -17.10 63.47 32.32
C LEU F 808 -17.90 62.77 31.23
N LYS F 809 -19.23 62.87 31.26
CA LYS F 809 -20.06 62.36 30.18
C LYS F 809 -19.77 63.11 28.88
N LYS F 810 -19.70 64.43 28.96
CA LYS F 810 -19.26 65.22 27.81
C LYS F 810 -17.81 64.98 27.46
N GLU F 811 -16.97 64.62 28.44
CA GLU F 811 -15.57 64.30 28.16
C GLU F 811 -15.44 63.04 27.32
N VAL F 812 -16.16 61.98 27.70
CA VAL F 812 -16.08 60.75 26.93
C VAL F 812 -16.86 60.88 25.62
N GLN F 813 -17.85 61.79 25.58
CA GLN F 813 -18.49 62.10 24.30
C GLN F 813 -17.52 62.83 23.37
N ALA F 814 -16.68 63.69 23.93
CA ALA F 814 -15.64 64.34 23.14
C ALA F 814 -14.61 63.34 22.67
N LEU F 815 -14.29 62.35 23.50
CA LEU F 815 -13.39 61.27 23.10
C LEU F 815 -13.98 60.45 21.97
N ILE F 816 -15.29 60.16 22.04
CA ILE F 816 -15.98 59.44 20.99
C ILE F 816 -15.98 60.22 19.69
N ALA F 817 -16.27 61.53 19.77
CA ALA F 817 -16.26 62.37 18.57
C ALA F 817 -14.85 62.54 18.02
N GLU F 818 -13.84 62.49 18.88
CA GLU F 818 -12.46 62.45 18.41
C GLU F 818 -12.18 61.16 17.65
N GLY F 819 -12.71 60.04 18.14
CA GLY F 819 -12.54 58.79 17.46
C GLY F 819 -13.43 58.57 16.26
N ILE F 820 -14.41 59.46 16.04
CA ILE F 820 -15.26 59.36 14.86
C ILE F 820 -14.44 59.54 13.59
N ALA F 821 -13.52 60.52 13.60
CA ALA F 821 -12.70 60.78 12.43
C ALA F 821 -11.66 59.70 12.19
N LEU F 822 -11.29 58.93 13.21
CA LEU F 822 -10.29 57.90 13.05
C LEU F 822 -10.85 56.70 12.31
N VAL F 823 -9.95 55.98 11.63
CA VAL F 823 -10.29 54.74 10.94
C VAL F 823 -9.36 53.65 11.46
N TRP F 824 -9.55 52.43 10.96
CA TRP F 824 -8.74 51.31 11.42
C TRP F 824 -7.30 51.39 10.92
N GLU F 825 -7.08 52.04 9.78
CA GLU F 825 -5.73 52.22 9.26
C GLU F 825 -4.93 53.26 10.04
N SER F 826 -5.58 54.04 10.90
CA SER F 826 -4.91 55.10 11.61
C SER F 826 -3.93 54.55 12.64
N TYR F 827 -2.81 55.24 12.80
CA TYR F 827 -1.82 54.91 13.81
C TYR F 827 -2.04 55.68 15.10
N LYS F 828 -3.07 56.51 15.16
CA LYS F 828 -3.38 57.26 16.37
C LYS F 828 -4.37 56.54 17.27
N LEU F 829 -4.82 55.35 16.89
CA LEU F 829 -5.70 54.58 17.76
C LEU F 829 -4.96 54.00 18.95
N ASP F 830 -3.64 53.80 18.83
CA ASP F 830 -2.87 53.18 19.90
C ASP F 830 -2.85 53.97 21.21
N PRO F 831 -2.67 55.30 21.24
CA PRO F 831 -2.92 56.00 22.50
C PRO F 831 -4.41 56.15 22.80
N TYR F 832 -5.23 56.17 21.75
CA TYR F 832 -6.64 56.50 21.86
C TYR F 832 -7.40 55.44 22.64
N VAL F 833 -7.01 54.17 22.53
CA VAL F 833 -7.78 53.11 23.16
C VAL F 833 -7.68 53.18 24.69
N GLN F 834 -6.47 53.30 25.23
CA GLN F 834 -6.36 53.42 26.68
C GLN F 834 -6.78 54.81 27.15
N ARG F 835 -6.66 55.82 26.28
CA ARG F 835 -7.14 57.17 26.61
C ARG F 835 -8.66 57.22 26.69
N LEU F 836 -9.33 56.28 26.03
CA LEU F 836 -10.76 56.10 26.26
C LEU F 836 -11.00 55.24 27.48
N ALA F 837 -10.14 54.24 27.69
CA ALA F 837 -10.41 53.18 28.66
C ALA F 837 -10.33 53.69 30.09
N GLU F 838 -9.32 54.53 30.40
CA GLU F 838 -9.17 54.89 31.80
C GLU F 838 -10.23 55.90 32.19
N THR F 839 -10.71 56.68 31.22
CA THR F 839 -11.82 57.60 31.46
C THR F 839 -13.11 56.84 31.66
N VAL F 840 -13.30 55.75 30.92
CA VAL F 840 -14.46 54.91 31.13
C VAL F 840 -14.43 54.28 32.52
N PHE F 841 -13.26 53.78 32.93
CA PHE F 841 -13.11 53.23 34.27
C PHE F 841 -13.31 54.27 35.37
N ASN F 842 -12.79 55.47 35.16
CA ASN F 842 -12.98 56.57 36.10
C ASN F 842 -14.44 56.98 36.21
N PHE F 843 -15.15 57.00 35.09
CA PHE F 843 -16.56 57.35 35.09
C PHE F 843 -17.39 56.25 35.75
N GLN F 844 -17.00 54.99 35.56
CA GLN F 844 -17.61 53.88 36.29
C GLN F 844 -17.43 54.01 37.80
N GLU F 845 -16.22 54.38 38.23
CA GLU F 845 -15.89 54.29 39.66
C GLU F 845 -16.68 55.30 40.49
N LYS F 846 -16.75 56.56 40.06
CA LYS F 846 -17.56 57.49 40.83
C LYS F 846 -19.06 57.33 40.59
N VAL F 847 -19.49 56.67 39.52
CA VAL F 847 -20.88 56.23 39.46
C VAL F 847 -21.16 55.22 40.58
N ASP F 848 -20.25 54.27 40.76
CA ASP F 848 -20.43 53.25 41.80
C ASP F 848 -20.35 53.85 43.20
N ASP F 849 -19.46 54.82 43.41
CA ASP F 849 -19.38 55.47 44.72
C ASP F 849 -20.44 56.55 44.93
N LEU F 850 -21.12 56.99 43.88
CA LEU F 850 -22.28 57.85 44.04
C LEU F 850 -23.52 57.05 44.36
N LEU F 851 -23.56 55.78 43.93
CA LEU F 851 -24.69 54.93 44.24
C LEU F 851 -24.79 54.63 45.73
N ILE F 852 -23.66 54.38 46.40
CA ILE F 852 -23.68 53.97 47.80
C ILE F 852 -24.06 55.15 48.69
N ILE F 853 -23.62 56.36 48.34
CA ILE F 853 -24.00 57.54 49.10
C ILE F 853 -25.49 57.83 48.94
N GLU F 854 -25.98 57.77 47.70
CA GLU F 854 -27.41 57.91 47.45
C GLU F 854 -28.14 56.60 47.70
N LYS G 238 -3.43 -1.77 43.35
CA LYS G 238 -4.64 -1.90 42.55
C LYS G 238 -5.32 -0.54 42.38
N LEU G 239 -6.16 -0.44 41.36
CA LEU G 239 -6.93 0.76 41.08
C LEU G 239 -8.41 0.49 41.37
N SER G 240 -9.03 1.37 42.14
CA SER G 240 -10.41 1.17 42.56
C SER G 240 -11.12 2.52 42.61
N LEU G 241 -12.44 2.46 42.50
CA LEU G 241 -13.27 3.65 42.57
C LEU G 241 -13.44 4.09 44.02
N ASN G 242 -13.39 5.39 44.25
CA ASN G 242 -13.59 5.97 45.57
C ASN G 242 -14.85 6.81 45.65
N ARG G 243 -15.01 7.78 44.77
CA ARG G 243 -16.10 8.73 44.86
C ARG G 243 -16.45 9.22 43.47
N GLN G 244 -17.63 9.81 43.35
CA GLN G 244 -18.12 10.35 42.09
C GLN G 244 -18.74 11.71 42.39
N PHE G 245 -18.44 12.70 41.56
CA PHE G 245 -18.89 14.07 41.79
C PHE G 245 -19.65 14.57 40.57
N PHE G 246 -20.85 15.08 40.79
CA PHE G 246 -21.65 15.62 39.71
C PHE G 246 -22.69 16.56 40.30
N ASP G 247 -23.01 17.62 39.57
CA ASP G 247 -24.09 18.53 39.92
C ASP G 247 -24.99 18.70 38.72
N GLU G 248 -26.29 18.52 38.93
CA GLU G 248 -27.22 18.58 37.81
C GLU G 248 -27.46 20.00 37.33
N ARG G 249 -27.42 20.97 38.23
CA ARG G 249 -27.68 22.34 37.84
C ARG G 249 -26.49 22.95 37.10
N TRP G 250 -25.29 22.75 37.63
CA TRP G 250 -24.11 23.43 37.13
C TRP G 250 -23.25 22.57 36.22
N SER G 251 -22.88 21.37 36.67
CA SER G 251 -21.88 20.57 35.99
C SER G 251 -22.44 19.81 34.79
N LYS G 252 -23.74 19.87 34.54
CA LYS G 252 -24.33 19.12 33.44
C LYS G 252 -23.97 19.76 32.11
N HIS G 253 -23.63 18.89 31.14
CA HIS G 253 -23.33 19.26 29.76
C HIS G 253 -22.20 20.27 29.65
N ARG G 254 -21.18 20.09 30.49
CA ARG G 254 -19.99 20.93 30.46
C ARG G 254 -18.76 20.04 30.58
N VAL G 255 -17.66 20.50 29.99
CA VAL G 255 -16.41 19.76 30.01
C VAL G 255 -15.53 20.32 31.12
N VAL G 256 -15.00 19.44 31.96
CA VAL G 256 -14.03 19.85 32.96
C VAL G 256 -12.78 20.35 32.25
N SER G 257 -12.19 21.42 32.77
CA SER G 257 -11.06 22.03 32.09
C SER G 257 -9.83 22.23 32.95
N CYS G 258 -9.93 22.18 34.28
CA CYS G 258 -8.77 22.27 35.14
C CYS G 258 -9.12 21.70 36.49
N LEU G 259 -8.13 21.08 37.14
CA LEU G 259 -8.31 20.51 38.46
C LEU G 259 -7.11 20.88 39.31
N ASP G 260 -7.33 21.04 40.61
CA ASP G 260 -6.24 21.43 41.51
C ASP G 260 -6.68 21.01 42.90
N TRP G 261 -5.71 20.81 43.79
CA TRP G 261 -5.95 20.49 45.18
C TRP G 261 -5.21 21.50 46.05
N SER G 262 -5.91 22.10 47.00
CA SER G 262 -5.32 23.14 47.83
C SER G 262 -4.26 22.58 48.76
N SER G 263 -3.14 23.30 48.86
CA SER G 263 -2.06 22.86 49.72
C SER G 263 -2.41 23.03 51.19
N GLN G 264 -3.08 24.13 51.53
CA GLN G 264 -3.50 24.35 52.91
C GLN G 264 -4.64 23.40 53.29
N TYR G 265 -5.62 23.24 52.39
CA TYR G 265 -6.74 22.34 52.62
C TYR G 265 -6.63 21.18 51.66
N PRO G 266 -6.00 20.06 52.06
CA PRO G 266 -5.77 18.96 51.12
C PRO G 266 -7.01 18.16 50.77
N GLU G 267 -8.15 18.43 51.38
CA GLU G 267 -9.39 17.73 51.07
C GLU G 267 -10.25 18.47 50.06
N LEU G 268 -9.76 19.57 49.50
CA LEU G 268 -10.54 20.40 48.59
C LEU G 268 -10.08 20.24 47.15
N LEU G 269 -11.00 20.47 46.23
CA LEU G 269 -10.71 20.39 44.81
C LEU G 269 -11.50 21.44 44.08
N VAL G 270 -10.82 22.33 43.36
CA VAL G 270 -11.50 23.26 42.47
C VAL G 270 -11.69 22.59 41.11
N ALA G 271 -12.55 23.20 40.30
CA ALA G 271 -12.80 22.70 38.96
C ALA G 271 -13.18 23.87 38.07
N SER G 272 -13.08 23.66 36.77
CA SER G 272 -13.36 24.69 35.79
C SER G 272 -14.10 24.08 34.61
N TYR G 273 -15.10 24.79 34.12
CA TYR G 273 -16.03 24.23 33.14
C TYR G 273 -16.21 25.20 31.99
N ASN G 274 -16.41 24.66 30.78
CA ASN G 274 -16.67 25.50 29.64
C ASN G 274 -18.15 25.89 29.62
N ASN G 275 -18.54 26.63 28.58
CA ASN G 275 -19.90 27.14 28.49
C ASN G 275 -20.90 26.03 28.19
N ASN G 276 -22.14 26.24 28.59
CA ASN G 276 -23.25 25.35 28.29
C ASN G 276 -23.94 25.87 27.04
N GLU G 277 -23.86 25.11 25.95
CA GLU G 277 -24.49 25.54 24.71
C GLU G 277 -26.00 25.39 24.72
N ASP G 278 -26.54 24.59 25.65
CA ASP G 278 -28.00 24.42 25.72
C ASP G 278 -28.67 25.63 26.36
N ALA G 279 -28.04 26.21 27.37
CA ALA G 279 -28.64 27.28 28.18
C ALA G 279 -27.77 28.52 28.07
N PRO G 280 -28.04 29.40 27.11
CA PRO G 280 -27.33 30.69 27.07
C PRO G 280 -27.68 31.60 28.22
N HIS G 281 -28.82 31.39 28.88
CA HIS G 281 -29.16 32.20 30.05
C HIS G 281 -28.31 31.83 31.24
N GLU G 282 -27.83 30.59 31.29
CA GLU G 282 -26.93 30.16 32.35
C GLU G 282 -25.57 30.83 32.17
N PRO G 283 -24.80 31.01 33.25
CA PRO G 283 -23.45 31.55 33.10
C PRO G 283 -22.57 30.61 32.29
N ASP G 284 -21.70 31.20 31.48
CA ASP G 284 -20.81 30.40 30.64
C ASP G 284 -19.73 29.73 31.48
N GLY G 285 -18.88 30.54 32.12
CA GLY G 285 -17.89 29.99 33.01
C GLY G 285 -18.48 29.72 34.38
N VAL G 286 -18.03 28.62 34.98
CA VAL G 286 -18.52 28.22 36.29
C VAL G 286 -17.46 27.38 36.96
N ALA G 287 -17.16 27.69 38.22
CA ALA G 287 -16.18 26.96 39.00
C ALA G 287 -16.85 26.33 40.21
N LEU G 288 -16.47 25.10 40.53
CA LEU G 288 -17.03 24.37 41.64
C LEU G 288 -15.91 23.95 42.58
N VAL G 289 -16.18 24.00 43.88
CA VAL G 289 -15.26 23.52 44.89
C VAL G 289 -15.90 22.32 45.57
N TRP G 290 -15.17 21.22 45.65
CA TRP G 290 -15.67 19.99 46.23
C TRP G 290 -14.86 19.63 47.46
N ASN G 291 -15.33 18.63 48.20
CA ASN G 291 -14.71 18.26 49.46
C ASN G 291 -14.55 16.75 49.54
N MET G 292 -13.58 16.34 50.36
CA MET G 292 -13.31 14.93 50.64
C MET G 292 -13.84 14.45 51.97
N LYS G 293 -13.78 15.30 53.00
CA LYS G 293 -14.08 14.87 54.36
C LYS G 293 -15.57 14.60 54.53
N TYR G 294 -16.41 15.43 53.95
CA TYR G 294 -17.84 15.27 54.11
C TYR G 294 -18.39 14.27 53.10
N LYS G 295 -19.58 13.77 53.38
CA LYS G 295 -20.27 12.84 52.49
C LYS G 295 -21.22 13.54 51.54
N LYS G 296 -21.28 14.86 51.58
CA LYS G 296 -22.31 15.61 50.89
C LYS G 296 -22.02 15.67 49.40
N THR G 297 -23.02 15.35 48.58
CA THR G 297 -22.86 15.42 47.13
C THR G 297 -22.96 16.82 46.58
N THR G 298 -23.51 17.77 47.32
CA THR G 298 -23.53 19.16 46.89
C THR G 298 -22.14 19.76 47.00
N PRO G 299 -21.76 20.62 46.05
CA PRO G 299 -20.46 21.28 46.13
C PRO G 299 -20.42 22.29 47.26
N GLU G 300 -19.22 22.52 47.79
CA GLU G 300 -19.07 23.39 48.95
C GLU G 300 -19.23 24.85 48.57
N TYR G 301 -18.66 25.27 47.46
CA TYR G 301 -18.81 26.63 46.97
C TYR G 301 -19.13 26.59 45.48
N VAL G 302 -19.86 27.58 45.01
CA VAL G 302 -20.15 27.77 43.60
C VAL G 302 -19.67 29.16 43.21
N PHE G 303 -18.85 29.23 42.16
CA PHE G 303 -18.46 30.49 41.56
C PHE G 303 -18.75 30.42 40.08
N HIS G 304 -19.00 31.58 39.47
CA HIS G 304 -19.27 31.61 38.04
C HIS G 304 -18.80 32.94 37.47
N CYS G 305 -18.70 32.98 36.14
CA CYS G 305 -18.31 34.18 35.43
C CYS G 305 -19.05 34.23 34.11
N GLN G 306 -19.13 35.42 33.53
CA GLN G 306 -19.91 35.61 32.31
C GLN G 306 -19.22 35.03 31.08
N SER G 307 -17.91 34.82 31.15
CA SER G 307 -17.17 34.20 30.06
C SER G 307 -16.62 32.86 30.50
N ALA G 308 -16.41 31.97 29.54
CA ALA G 308 -16.09 30.58 29.83
C ALA G 308 -14.69 30.46 30.42
N VAL G 309 -14.61 29.96 31.66
CA VAL G 309 -13.34 29.81 32.36
C VAL G 309 -12.78 28.43 32.03
N MET G 310 -11.52 28.38 31.61
CA MET G 310 -10.89 27.12 31.25
C MET G 310 -9.53 26.93 31.92
N SER G 311 -9.27 27.63 33.03
CA SER G 311 -8.05 27.44 33.80
C SER G 311 -8.29 27.98 35.19
N ALA G 312 -8.30 27.11 36.20
CA ALA G 312 -8.59 27.51 37.56
C ALA G 312 -7.57 26.90 38.51
N THR G 313 -7.30 27.62 39.59
CA THR G 313 -6.35 27.14 40.59
C THR G 313 -6.62 27.84 41.91
N PHE G 314 -6.07 27.25 42.97
CA PHE G 314 -6.04 27.90 44.27
C PHE G 314 -4.92 28.93 44.33
N ALA G 315 -4.93 29.72 45.38
CA ALA G 315 -3.83 30.62 45.68
C ALA G 315 -2.94 29.97 46.73
N LYS G 316 -1.63 29.98 46.49
CA LYS G 316 -0.73 29.18 47.31
C LYS G 316 -0.57 29.74 48.72
N PHE G 317 -0.58 31.06 48.87
CA PHE G 317 -0.31 31.66 50.17
C PHE G 317 -1.47 32.48 50.71
N HIS G 318 -2.60 32.50 50.03
CA HIS G 318 -3.85 33.03 50.59
C HIS G 318 -4.90 31.95 50.47
N PRO G 319 -5.38 31.39 51.57
CA PRO G 319 -6.31 30.25 51.48
C PRO G 319 -7.70 30.64 51.02
N ASN G 320 -8.05 31.92 51.03
CA ASN G 320 -9.40 32.35 50.71
C ASN G 320 -9.61 32.69 49.26
N LEU G 321 -8.61 32.51 48.40
CA LEU G 321 -8.67 33.00 47.03
C LEU G 321 -8.70 31.85 46.05
N VAL G 322 -9.46 32.04 44.96
CA VAL G 322 -9.50 31.10 43.85
C VAL G 322 -9.29 31.90 42.58
N VAL G 323 -8.25 31.55 41.82
CA VAL G 323 -7.88 32.27 40.61
C VAL G 323 -8.41 31.52 39.41
N GLY G 324 -9.00 32.24 38.47
CA GLY G 324 -9.51 31.64 37.26
C GLY G 324 -9.04 32.39 36.04
N GLY G 325 -8.85 31.66 34.95
CA GLY G 325 -8.48 32.27 33.69
C GLY G 325 -9.48 31.89 32.62
N THR G 326 -10.01 32.86 31.91
CA THR G 326 -11.19 32.62 31.11
C THR G 326 -10.87 32.68 29.61
N TYR G 327 -11.92 32.50 28.81
CA TYR G 327 -11.80 32.59 27.36
C TYR G 327 -11.47 33.99 26.90
N SER G 328 -12.08 35.00 27.51
CA SER G 328 -11.87 36.36 27.05
C SER G 328 -10.50 36.89 27.43
N GLY G 329 -9.88 36.34 28.46
CA GLY G 329 -8.57 36.77 28.90
C GLY G 329 -8.55 37.47 30.23
N GLN G 330 -9.68 37.62 30.89
CA GLN G 330 -9.69 38.14 32.25
C GLN G 330 -9.08 37.12 33.19
N ILE G 331 -8.37 37.60 34.20
CA ILE G 331 -7.92 36.71 35.26
C ILE G 331 -8.74 37.03 36.49
N VAL G 332 -9.86 36.35 36.66
CA VAL G 332 -10.80 36.69 37.70
C VAL G 332 -10.32 36.12 39.03
N LEU G 333 -10.75 36.75 40.12
CA LEU G 333 -10.41 36.30 41.45
C LEU G 333 -11.68 36.09 42.25
N TRP G 334 -11.81 34.93 42.88
CA TRP G 334 -12.97 34.60 43.68
C TRP G 334 -12.58 34.47 45.14
N ASP G 335 -13.47 34.88 46.03
CA ASP G 335 -13.25 34.80 47.46
C ASP G 335 -14.41 34.04 48.09
N ASN G 336 -14.09 33.04 48.91
CA ASN G 336 -15.12 32.32 49.63
C ASN G 336 -15.66 33.14 50.81
N ARG G 337 -14.84 34.02 51.37
CA ARG G 337 -15.29 34.83 52.49
C ARG G 337 -16.32 35.87 52.07
N SER G 338 -16.21 36.38 50.85
CA SER G 338 -17.29 37.18 50.29
C SER G 338 -18.47 36.30 49.95
N ASN G 339 -19.67 36.86 50.11
CA ASN G 339 -20.89 36.10 49.85
C ASN G 339 -21.36 36.19 48.41
N LYS G 340 -20.58 36.79 47.52
CA LYS G 340 -20.98 36.94 46.13
C LYS G 340 -20.26 35.92 45.26
N ARG G 341 -21.02 35.24 44.40
CA ARG G 341 -20.46 34.32 43.43
C ARG G 341 -19.94 35.03 42.19
N THR G 342 -20.27 36.29 42.01
CA THR G 342 -19.63 37.11 40.99
C THR G 342 -18.17 37.29 41.35
N PRO G 343 -17.26 37.29 40.37
CA PRO G 343 -15.84 37.53 40.66
C PRO G 343 -15.60 38.89 41.28
N VAL G 344 -14.83 38.92 42.37
CA VAL G 344 -14.64 40.15 43.12
C VAL G 344 -13.54 41.02 42.55
N GLN G 345 -12.78 40.52 41.59
CA GLN G 345 -11.72 41.30 40.96
C GLN G 345 -11.43 40.70 39.61
N ARG G 346 -11.00 41.54 38.67
CA ARG G 346 -10.70 41.06 37.33
C ARG G 346 -9.72 42.01 36.66
N THR G 347 -8.91 41.47 35.80
CA THR G 347 -7.97 42.25 35.02
C THR G 347 -8.68 42.92 33.85
N PRO G 348 -8.19 44.07 33.40
CA PRO G 348 -8.79 44.71 32.23
C PRO G 348 -8.50 43.95 30.96
N LEU G 349 -9.36 44.16 29.96
CA LEU G 349 -9.19 43.54 28.65
C LEU G 349 -8.44 44.48 27.71
N SER G 350 -7.27 44.89 28.13
CA SER G 350 -6.43 45.80 27.38
C SER G 350 -5.35 45.02 26.63
N ALA G 351 -4.63 45.73 25.77
CA ALA G 351 -3.49 45.13 25.11
C ALA G 351 -2.33 44.89 26.06
N ALA G 352 -2.31 45.59 27.20
CA ALA G 352 -1.31 45.30 28.22
C ALA G 352 -1.56 43.96 28.87
N ALA G 353 -2.82 43.56 29.00
CA ALA G 353 -3.16 42.26 29.57
C ALA G 353 -3.51 41.30 28.44
N HIS G 354 -3.99 40.12 28.81
CA HIS G 354 -4.33 39.11 27.84
C HIS G 354 -5.64 39.43 27.16
N THR G 355 -5.68 39.26 25.84
CA THR G 355 -6.92 39.34 25.09
C THR G 355 -7.30 38.02 24.45
N HIS G 356 -6.35 37.17 24.20
CA HIS G 356 -6.55 35.81 23.74
C HIS G 356 -6.80 34.92 24.96
N PRO G 357 -7.34 33.70 24.78
CA PRO G 357 -7.65 32.84 25.93
C PRO G 357 -6.44 32.46 26.77
N VAL G 358 -6.69 32.30 28.06
CA VAL G 358 -5.65 31.97 29.03
C VAL G 358 -5.88 30.55 29.51
N TYR G 359 -4.91 29.67 29.26
CA TYR G 359 -5.03 28.28 29.66
C TYR G 359 -4.15 27.92 30.84
N CYS G 360 -3.22 28.77 31.23
CA CYS G 360 -2.32 28.48 32.33
C CYS G 360 -2.35 29.64 33.33
N VAL G 361 -2.66 29.33 34.58
CA VAL G 361 -2.58 30.31 35.66
C VAL G 361 -1.94 29.63 36.85
N ASN G 362 -0.99 30.31 37.47
CA ASN G 362 -0.26 29.71 38.59
C ASN G 362 0.34 30.81 39.43
N VAL G 363 0.60 30.46 40.69
CA VAL G 363 1.22 31.36 41.65
C VAL G 363 2.55 30.77 42.07
N VAL G 364 3.62 31.51 41.85
CA VAL G 364 4.96 31.08 42.26
C VAL G 364 5.55 32.17 43.14
N GLY G 365 6.50 31.77 43.98
CA GLY G 365 7.14 32.68 44.89
C GLY G 365 7.12 32.12 46.29
N THR G 366 7.26 33.01 47.26
CA THR G 366 7.33 32.62 48.67
C THR G 366 6.18 33.26 49.43
N GLN G 367 6.21 33.10 50.76
CA GLN G 367 5.16 33.67 51.59
C GLN G 367 5.20 35.19 51.59
N ASN G 368 6.39 35.77 51.70
CA ASN G 368 6.52 37.23 51.72
C ASN G 368 6.72 37.83 50.34
N ALA G 369 6.91 37.01 49.31
CA ALA G 369 7.12 37.54 47.96
C ALA G 369 6.65 36.49 46.97
N HIS G 370 5.55 36.78 46.26
CA HIS G 370 5.03 35.86 45.27
C HIS G 370 4.19 36.64 44.28
N ASN G 371 4.20 36.22 43.03
CA ASN G 371 3.39 36.83 42.00
C ASN G 371 2.44 35.79 41.43
N LEU G 372 1.54 36.25 40.58
CA LEU G 372 0.63 35.39 39.84
C LEU G 372 1.06 35.42 38.38
N ILE G 373 1.31 34.24 37.81
CA ILE G 373 1.81 34.12 36.45
C ILE G 373 0.71 33.55 35.59
N SER G 374 0.52 34.15 34.42
CA SER G 374 -0.47 33.69 33.47
C SER G 374 0.06 33.89 32.08
N ILE G 375 -0.02 32.85 31.25
CA ILE G 375 0.33 32.96 29.84
C ILE G 375 -0.90 32.67 29.02
N SER G 376 -1.17 33.53 28.06
CA SER G 376 -2.31 33.32 27.18
C SER G 376 -1.88 32.48 25.98
N THR G 377 -2.82 32.27 25.07
CA THR G 377 -2.56 31.50 23.86
C THR G 377 -1.67 32.28 22.89
N ASP G 378 -1.76 33.60 22.84
CA ASP G 378 -0.93 34.36 21.91
C ASP G 378 0.52 34.49 22.36
N GLY G 379 0.94 33.82 23.42
CA GLY G 379 2.28 33.89 23.91
C GLY G 379 2.54 35.00 24.90
N LYS G 380 1.54 35.81 25.20
CA LYS G 380 1.72 36.92 26.13
C LYS G 380 1.70 36.39 27.55
N ILE G 381 2.72 36.72 28.32
CA ILE G 381 2.83 36.31 29.72
C ILE G 381 2.94 37.55 30.58
N CYS G 382 2.05 37.68 31.55
CA CYS G 382 2.04 38.82 32.45
C CYS G 382 2.07 38.35 33.90
N SER G 383 2.69 39.17 34.73
CA SER G 383 2.81 38.90 36.17
C SER G 383 1.89 39.84 36.93
N TRP G 384 1.13 39.30 37.87
CA TRP G 384 0.17 40.06 38.65
C TRP G 384 0.46 39.92 40.12
N SER G 385 0.37 41.04 40.84
CA SER G 385 0.27 40.98 42.28
C SER G 385 -1.14 40.57 42.65
N LEU G 386 -1.26 39.73 43.66
CA LEU G 386 -2.56 39.15 43.98
C LEU G 386 -3.43 40.06 44.83
N ASP G 387 -2.93 41.24 45.20
CA ASP G 387 -3.74 42.21 45.94
C ASP G 387 -4.27 43.33 45.05
N MET G 388 -3.67 43.53 43.87
CA MET G 388 -4.05 44.63 43.00
C MET G 388 -3.98 44.09 41.58
N LEU G 389 -5.13 44.00 40.92
CA LEU G 389 -5.26 43.21 39.70
C LEU G 389 -5.50 44.04 38.45
N SER G 390 -5.58 45.36 38.55
CA SER G 390 -5.95 46.17 37.40
C SER G 390 -4.78 46.45 36.46
N HIS G 391 -3.56 46.11 36.83
CA HIS G 391 -2.38 46.38 36.02
C HIS G 391 -1.41 45.23 36.18
N PRO G 392 -0.87 44.72 35.07
CA PRO G 392 0.20 43.73 35.18
C PRO G 392 1.49 44.37 35.65
N GLN G 393 2.31 43.58 36.33
CA GLN G 393 3.59 44.08 36.80
C GLN G 393 4.62 44.09 35.66
N ASP G 394 4.91 42.92 35.12
CA ASP G 394 5.82 42.77 34.00
C ASP G 394 5.09 42.06 32.87
N SER G 395 5.45 42.39 31.65
CA SER G 395 4.78 41.79 30.50
C SER G 395 5.71 41.76 29.30
N MET G 396 5.83 40.60 28.69
CA MET G 396 6.55 40.46 27.43
C MET G 396 5.97 39.28 26.68
N GLU G 397 6.28 39.20 25.40
CA GLU G 397 5.73 38.18 24.52
C GLU G 397 6.79 37.15 24.19
N LEU G 398 6.43 35.88 24.29
CA LEU G 398 7.35 34.78 24.03
C LEU G 398 7.45 34.54 22.54
N VAL G 399 8.59 34.87 21.95
CA VAL G 399 8.78 34.79 20.51
C VAL G 399 9.98 33.91 20.21
N HIS G 400 10.04 33.46 18.96
CA HIS G 400 11.15 32.68 18.42
C HIS G 400 11.05 32.71 16.90
N LYS G 401 12.15 32.33 16.24
CA LYS G 401 12.25 32.16 14.78
C LYS G 401 11.87 33.45 14.05
N GLN G 402 12.78 34.43 14.20
CA GLN G 402 12.62 35.80 13.71
C GLN G 402 11.39 36.45 14.31
N SER G 403 11.24 36.25 15.62
CA SER G 403 10.18 36.84 16.44
C SER G 403 8.78 36.45 15.97
N LYS G 404 8.55 35.15 15.80
CA LYS G 404 7.19 34.66 15.65
C LYS G 404 6.67 34.21 17.01
N ALA G 405 5.43 34.59 17.31
CA ALA G 405 4.82 34.30 18.59
C ALA G 405 4.50 32.82 18.70
N VAL G 406 4.88 32.21 19.82
CA VAL G 406 4.51 30.84 20.08
C VAL G 406 3.09 30.78 20.62
N ALA G 407 2.54 29.57 20.65
CA ALA G 407 1.17 29.36 21.10
C ALA G 407 1.23 28.49 22.35
N VAL G 408 1.38 29.13 23.51
CA VAL G 408 1.56 28.41 24.76
C VAL G 408 0.23 27.77 25.16
N THR G 409 0.25 26.45 25.30
CA THR G 409 -0.93 25.69 25.69
C THR G 409 -0.82 25.08 27.07
N SER G 410 0.39 24.77 27.52
CA SER G 410 0.58 24.20 28.84
C SER G 410 1.73 24.91 29.54
N MET G 411 2.01 24.47 30.76
CA MET G 411 2.91 25.19 31.65
C MET G 411 3.28 24.29 32.81
N SER G 412 4.51 24.44 33.28
CA SER G 412 4.98 23.70 34.44
C SER G 412 6.09 24.49 35.11
N PHE G 413 6.29 24.23 36.39
CA PHE G 413 7.34 24.87 37.15
C PHE G 413 8.16 23.82 37.88
N PRO G 414 9.48 23.85 37.75
CA PRO G 414 10.33 22.96 38.56
C PRO G 414 10.25 23.34 40.03
N VAL G 415 10.43 22.33 40.88
CA VAL G 415 10.37 22.56 42.32
C VAL G 415 11.61 23.32 42.77
N GLY G 416 11.40 24.34 43.60
CA GLY G 416 12.48 25.17 44.07
C GLY G 416 12.94 26.23 43.09
N ASP G 417 12.26 26.39 41.96
CA ASP G 417 12.60 27.40 40.98
C ASP G 417 11.48 28.42 40.87
N VAL G 418 11.88 29.68 40.68
CA VAL G 418 10.94 30.76 40.43
C VAL G 418 11.20 31.46 39.10
N ASN G 419 12.45 31.52 38.63
CA ASN G 419 12.80 32.23 37.42
C ASN G 419 12.74 31.36 36.18
N ASN G 420 12.98 30.06 36.30
CA ASN G 420 13.02 29.17 35.16
C ASN G 420 11.83 28.23 35.14
N PHE G 421 11.28 28.02 33.95
CA PHE G 421 10.11 27.16 33.78
C PHE G 421 10.05 26.70 32.34
N VAL G 422 9.15 25.75 32.09
CA VAL G 422 8.97 25.19 30.75
C VAL G 422 7.53 25.39 30.32
N VAL G 423 7.33 25.50 29.02
CA VAL G 423 5.98 25.62 28.46
C VAL G 423 5.79 24.53 27.43
N GLY G 424 4.53 24.18 27.22
CA GLY G 424 4.14 23.41 26.05
C GLY G 424 3.87 24.34 24.90
N SER G 425 3.34 23.77 23.82
CA SER G 425 2.99 24.60 22.68
C SER G 425 1.96 23.90 21.82
N GLU G 426 1.12 24.71 21.17
CA GLU G 426 0.27 24.21 20.11
C GLU G 426 1.07 23.88 18.85
N GLU G 427 2.22 24.54 18.66
CA GLU G 427 3.12 24.27 17.55
C GLU G 427 3.96 23.02 17.76
N GLY G 428 3.65 22.20 18.76
CA GLY G 428 4.25 20.89 18.88
C GLY G 428 5.66 20.85 19.41
N SER G 429 6.12 21.87 20.11
CA SER G 429 7.51 21.93 20.53
C SER G 429 7.62 22.55 21.91
N VAL G 430 8.20 21.81 22.85
CA VAL G 430 8.45 22.35 24.18
C VAL G 430 9.53 23.42 24.11
N TYR G 431 9.32 24.51 24.82
CA TYR G 431 10.33 25.53 25.00
C TYR G 431 10.73 25.62 26.46
N THR G 432 11.93 26.15 26.70
CA THR G 432 12.34 26.56 28.04
C THR G 432 12.31 28.08 28.08
N ALA G 433 11.78 28.63 29.17
CA ALA G 433 11.66 30.08 29.29
C ALA G 433 12.19 30.54 30.63
N CYS G 434 12.63 31.78 30.65
CA CYS G 434 13.12 32.43 31.86
C CYS G 434 12.26 33.67 32.12
N ARG G 435 11.90 33.90 33.38
CA ARG G 435 11.01 35.00 33.71
C ARG G 435 11.71 36.34 33.56
N HIS G 436 12.80 36.54 34.31
CA HIS G 436 13.56 37.77 34.23
C HIS G 436 15.04 37.44 34.14
N GLY G 437 15.74 38.26 33.37
CA GLY G 437 17.15 38.07 33.11
C GLY G 437 17.51 38.72 31.79
N SER G 438 18.78 38.55 31.41
CA SER G 438 19.23 39.06 30.12
C SER G 438 18.67 38.24 28.96
N LYS G 439 18.31 36.99 29.22
CA LYS G 439 17.68 36.15 28.22
C LYS G 439 16.30 35.80 28.76
N ALA G 440 15.60 36.82 29.26
CA ALA G 440 14.21 36.65 29.67
C ALA G 440 13.35 36.41 28.45
N GLY G 441 12.74 35.24 28.37
CA GLY G 441 12.03 34.81 27.19
C GLY G 441 12.36 33.38 26.89
N ILE G 442 12.02 32.94 25.69
CA ILE G 442 12.16 31.53 25.34
C ILE G 442 13.62 31.22 25.03
N SER G 443 14.15 30.20 25.69
CA SER G 443 15.56 29.87 25.57
C SER G 443 15.82 28.85 24.46
N GLU G 444 15.26 27.65 24.59
CA GLU G 444 15.70 26.52 23.79
C GLU G 444 14.54 25.77 23.14
N MET G 445 14.77 25.36 21.90
CA MET G 445 14.03 24.26 21.29
C MET G 445 14.11 22.98 22.11
N PHE G 446 12.96 22.32 22.24
CA PHE G 446 12.90 20.90 22.55
C PHE G 446 12.03 20.33 21.44
N GLU G 447 12.56 19.43 20.64
CA GLU G 447 11.87 18.97 19.45
C GLU G 447 11.53 17.49 19.57
N GLY G 448 10.41 17.10 18.95
CA GLY G 448 10.08 15.70 18.90
C GLY G 448 8.61 15.33 18.91
N HIS G 449 7.72 16.29 19.10
CA HIS G 449 6.28 16.03 19.09
C HIS G 449 5.71 16.51 17.77
N GLN G 450 4.91 15.66 17.11
CA GLN G 450 4.29 16.04 15.85
C GLN G 450 2.87 16.55 16.02
N GLY G 451 2.39 16.69 17.25
CA GLY G 451 1.05 17.17 17.48
C GLY G 451 1.02 18.26 18.52
N PRO G 452 -0.14 18.87 18.72
CA PRO G 452 -0.26 19.92 19.73
C PRO G 452 -0.10 19.36 21.13
N ILE G 453 0.78 19.96 21.91
CA ILE G 453 1.08 19.49 23.24
C ILE G 453 -0.02 19.98 24.18
N THR G 454 -0.59 19.05 24.94
CA THR G 454 -1.75 19.35 25.75
C THR G 454 -1.49 19.35 27.24
N GLY G 455 -0.34 18.86 27.69
CA GLY G 455 -0.06 18.89 29.10
C GLY G 455 1.37 18.53 29.44
N ILE G 456 2.01 19.35 30.27
CA ILE G 456 3.36 19.10 30.75
C ILE G 456 3.36 19.18 32.26
N HIS G 457 4.39 18.62 32.87
CA HIS G 457 4.55 18.67 34.32
C HIS G 457 5.99 18.34 34.67
N CYS G 458 6.62 19.20 35.46
CA CYS G 458 7.96 18.92 35.96
C CYS G 458 7.89 17.87 37.07
N HIS G 459 9.04 17.29 37.38
CA HIS G 459 9.11 16.30 38.44
C HIS G 459 8.93 16.98 39.79
N ALA G 460 8.26 16.28 40.71
CA ALA G 460 7.91 16.86 41.99
C ALA G 460 8.39 16.09 43.20
N ALA G 461 8.63 14.79 43.08
CA ALA G 461 9.04 14.00 44.23
C ALA G 461 10.48 14.31 44.59
N VAL G 462 10.72 14.56 45.88
CA VAL G 462 12.04 14.93 46.38
C VAL G 462 12.53 13.84 47.32
N GLY G 463 13.74 13.35 47.09
CA GLY G 463 14.35 12.36 47.96
C GLY G 463 15.84 12.55 48.04
N ALA G 464 16.58 11.44 48.00
CA ALA G 464 18.02 11.52 48.19
C ALA G 464 18.71 12.07 46.96
N VAL G 465 18.30 11.65 45.77
CA VAL G 465 18.94 12.05 44.52
C VAL G 465 18.01 12.98 43.77
N ASP G 466 18.57 14.08 43.26
CA ASP G 466 17.76 15.10 42.60
C ASP G 466 17.26 14.61 41.24
N PHE G 467 16.02 14.99 40.91
CA PHE G 467 15.43 14.63 39.63
C PHE G 467 14.64 15.78 39.04
N SER G 468 14.90 17.02 39.46
CA SER G 468 14.08 18.15 39.07
C SER G 468 14.28 18.58 37.63
N HIS G 469 15.30 18.07 36.96
CA HIS G 469 15.53 18.44 35.57
C HIS G 469 14.69 17.63 34.60
N LEU G 470 13.86 16.71 35.07
CA LEU G 470 13.02 15.89 34.20
C LEU G 470 11.60 16.41 34.19
N PHE G 471 10.94 16.24 33.05
CA PHE G 471 9.53 16.56 32.91
C PHE G 471 8.93 15.69 31.83
N VAL G 472 7.61 15.52 31.89
CA VAL G 472 6.89 14.64 30.98
C VAL G 472 5.84 15.47 30.26
N THR G 473 5.76 15.31 28.95
CA THR G 473 4.77 16.00 28.14
C THR G 473 3.79 15.02 27.53
N SER G 474 2.58 15.49 27.30
CA SER G 474 1.57 14.76 26.56
C SER G 474 1.12 15.59 25.38
N SER G 475 0.63 14.92 24.35
CA SER G 475 0.27 15.61 23.13
C SER G 475 -0.79 14.83 22.37
N PHE G 476 -1.17 15.36 21.22
CA PHE G 476 -2.15 14.72 20.35
C PHE G 476 -1.55 13.61 19.51
N ASP G 477 -0.25 13.37 19.61
CA ASP G 477 0.40 12.40 18.73
C ASP G 477 0.26 10.97 19.20
N TRP G 478 -0.62 10.74 20.18
CA TRP G 478 -0.90 9.46 20.83
C TRP G 478 0.28 8.99 21.66
N THR G 479 1.20 9.90 22.00
CA THR G 479 2.38 9.56 22.76
C THR G 479 2.43 10.32 24.07
N VAL G 480 3.14 9.76 25.02
CA VAL G 480 3.62 10.46 26.19
C VAL G 480 5.13 10.38 26.15
N LYS G 481 5.80 11.53 26.25
CA LYS G 481 7.23 11.58 26.08
C LYS G 481 7.89 12.14 27.33
N LEU G 482 8.94 11.49 27.79
CA LEU G 482 9.72 11.94 28.92
C LEU G 482 10.93 12.72 28.41
N TRP G 483 11.19 13.86 29.05
CA TRP G 483 12.26 14.74 28.62
C TRP G 483 13.10 15.12 29.82
N SER G 484 14.29 15.62 29.54
CA SER G 484 15.13 16.25 30.54
C SER G 484 15.65 17.56 29.99
N THR G 485 15.90 18.51 30.88
CA THR G 485 16.32 19.85 30.45
C THR G 485 17.74 19.87 29.89
N LYS G 486 18.53 18.84 30.13
CA LYS G 486 19.90 18.76 29.62
C LYS G 486 19.97 18.14 28.24
N ASN G 487 18.85 17.73 27.66
CA ASN G 487 18.83 17.05 26.38
C ASN G 487 17.95 17.80 25.39
N ASN G 488 18.41 17.88 24.15
CA ASN G 488 17.59 18.47 23.09
C ASN G 488 16.60 17.48 22.51
N LYS G 489 16.73 16.20 22.83
CA LYS G 489 15.91 15.14 22.25
C LYS G 489 15.10 14.44 23.34
N PRO G 490 13.95 13.84 22.98
CA PRO G 490 13.18 13.10 23.98
C PRO G 490 13.90 11.86 24.47
N LEU G 491 13.72 11.57 25.76
CA LEU G 491 14.35 10.38 26.32
C LEU G 491 13.63 9.12 25.89
N TYR G 492 12.33 9.05 26.13
CA TYR G 492 11.58 7.85 25.80
C TYR G 492 10.17 8.24 25.43
N SER G 493 9.60 7.53 24.46
CA SER G 493 8.24 7.75 24.01
C SER G 493 7.38 6.57 24.42
N PHE G 494 6.24 6.85 25.02
CA PHE G 494 5.33 5.82 25.50
C PHE G 494 4.13 5.75 24.55
N GLU G 495 3.95 4.60 23.93
CA GLU G 495 3.03 4.47 22.80
C GLU G 495 2.08 3.31 23.12
N ASP G 496 1.46 3.34 24.29
CA ASP G 496 0.46 2.32 24.60
C ASP G 496 -0.94 2.73 24.19
N ASN G 497 -1.12 3.96 23.72
CA ASN G 497 -2.47 4.46 23.54
C ASN G 497 -2.98 4.20 22.13
N ALA G 498 -4.29 4.30 21.97
CA ALA G 498 -4.94 4.25 20.68
C ALA G 498 -5.86 5.46 20.53
N GLY G 499 -5.35 6.64 20.84
CA GLY G 499 -6.13 7.84 20.71
C GLY G 499 -5.35 9.03 21.22
N TYR G 500 -6.02 10.17 21.30
CA TYR G 500 -5.42 11.38 21.84
C TYR G 500 -5.08 11.19 23.31
N VAL G 501 -4.01 11.82 23.75
CA VAL G 501 -3.63 11.85 25.16
C VAL G 501 -3.70 13.28 25.63
N TYR G 502 -4.35 13.51 26.77
CA TYR G 502 -4.67 14.87 27.16
C TYR G 502 -3.79 15.41 28.28
N ASP G 503 -3.77 14.82 29.46
CA ASP G 503 -2.84 15.28 30.46
C ASP G 503 -1.95 14.17 30.99
N VAL G 504 -0.88 14.62 31.65
CA VAL G 504 0.01 13.75 32.41
C VAL G 504 0.63 14.59 33.51
N MET G 505 0.76 14.01 34.71
CA MET G 505 1.52 14.68 35.76
C MET G 505 2.10 13.65 36.71
N TRP G 506 3.28 13.97 37.23
CA TRP G 506 4.04 13.09 38.11
C TRP G 506 3.32 12.87 39.43
N SER G 507 3.54 11.72 40.03
CA SER G 507 3.13 11.55 41.42
C SER G 507 4.01 12.42 42.31
N PRO G 508 3.43 13.09 43.31
CA PRO G 508 4.24 13.93 44.20
C PRO G 508 5.03 13.13 45.21
N THR G 509 4.77 11.84 45.37
CA THR G 509 5.48 11.01 46.33
C THR G 509 6.36 9.96 45.67
N HIS G 510 5.80 9.15 44.80
CA HIS G 510 6.60 8.14 44.11
C HIS G 510 7.40 8.79 43.00
N PRO G 511 8.70 8.55 42.92
CA PRO G 511 9.56 9.33 42.02
C PRO G 511 9.41 8.94 40.56
N ALA G 512 9.17 7.67 40.28
CA ALA G 512 9.09 7.17 38.92
C ALA G 512 7.66 6.79 38.54
N LEU G 513 6.69 7.56 38.98
CA LEU G 513 5.28 7.24 38.78
C LEU G 513 4.53 8.46 38.28
N PHE G 514 3.74 8.27 37.22
CA PHE G 514 2.85 9.31 36.74
C PHE G 514 1.61 8.65 36.18
N ALA G 515 0.66 9.48 35.78
CA ALA G 515 -0.59 8.98 35.24
C ALA G 515 -0.98 9.77 34.00
N CYS G 516 -1.63 9.11 33.06
CA CYS G 516 -2.08 9.77 31.84
C CYS G 516 -3.51 9.35 31.54
N VAL G 517 -4.20 10.19 30.79
CA VAL G 517 -5.59 9.98 30.44
C VAL G 517 -5.75 10.11 28.94
N ASP G 518 -6.75 9.42 28.40
CA ASP G 518 -6.92 9.44 26.95
C ASP G 518 -8.33 9.81 26.54
N GLY G 519 -8.63 9.64 25.26
CA GLY G 519 -9.96 9.88 24.75
C GLY G 519 -10.91 8.73 24.89
N MET G 520 -10.49 7.63 25.50
CA MET G 520 -11.35 6.48 25.71
C MET G 520 -11.59 6.19 27.18
N GLY G 521 -11.30 7.15 28.05
CA GLY G 521 -11.61 6.98 29.46
C GLY G 521 -10.64 6.12 30.23
N ARG G 522 -9.53 5.73 29.62
CA ARG G 522 -8.59 4.82 30.27
C ARG G 522 -7.52 5.64 30.98
N LEU G 523 -7.66 5.79 32.29
CA LEU G 523 -6.60 6.37 33.09
C LEU G 523 -5.52 5.31 33.31
N ASP G 524 -4.32 5.57 32.82
CA ASP G 524 -3.23 4.62 32.95
C ASP G 524 -2.25 5.07 34.02
N LEU G 525 -1.55 4.11 34.60
CA LEU G 525 -0.50 4.37 35.58
C LEU G 525 0.80 3.78 35.08
N TRP G 526 1.85 4.59 35.04
CA TRP G 526 3.14 4.14 34.55
C TRP G 526 4.14 4.18 35.69
N ASN G 527 4.71 3.03 36.02
CA ASN G 527 5.79 2.93 36.99
C ASN G 527 7.07 2.62 36.22
N LEU G 528 8.00 3.58 36.20
CA LEU G 528 9.20 3.42 35.39
C LEU G 528 10.17 2.42 35.98
N ASN G 529 10.13 2.20 37.29
CA ASN G 529 10.98 1.18 37.88
C ASN G 529 10.46 -0.23 37.65
N ASN G 530 9.22 -0.38 37.20
CA ASN G 530 8.66 -1.70 36.89
C ASN G 530 8.80 -2.03 35.41
N ASP G 531 8.18 -1.24 34.54
CA ASP G 531 8.21 -1.51 33.11
C ASP G 531 8.07 -0.21 32.34
N THR G 532 8.64 -0.19 31.14
CA THR G 532 8.74 1.02 30.34
C THR G 532 7.88 0.97 29.09
N GLU G 533 7.04 -0.05 28.94
CA GLU G 533 6.20 -0.17 27.76
C GLU G 533 4.77 -0.59 28.07
N VAL G 534 4.43 -0.86 29.31
CA VAL G 534 3.10 -1.33 29.67
C VAL G 534 2.64 -0.58 30.91
N PRO G 535 1.39 -0.08 30.94
CA PRO G 535 0.88 0.58 32.14
C PRO G 535 0.77 -0.39 33.30
N THR G 536 1.11 0.10 34.49
CA THR G 536 1.06 -0.73 35.68
C THR G 536 -0.38 -1.03 36.08
N ALA G 537 -1.26 -0.05 35.99
CA ALA G 537 -2.66 -0.24 36.34
C ALA G 537 -3.51 0.72 35.53
N SER G 538 -4.47 0.19 34.79
CA SER G 538 -5.32 1.00 33.95
C SER G 538 -6.76 0.60 34.14
N ILE G 539 -7.63 1.58 34.37
CA ILE G 539 -9.06 1.35 34.51
C ILE G 539 -9.80 2.31 33.57
N SER G 540 -11.00 1.91 33.19
CA SER G 540 -11.80 2.64 32.23
C SER G 540 -13.04 3.21 32.89
N VAL G 541 -13.37 4.45 32.52
CA VAL G 541 -14.60 5.08 33.00
C VAL G 541 -15.79 4.48 32.25
N GLU G 542 -16.85 4.19 33.00
CA GLU G 542 -18.04 3.55 32.45
C GLU G 542 -18.75 4.49 31.49
N GLY G 543 -19.20 3.93 30.37
CA GLY G 543 -19.75 4.71 29.29
C GLY G 543 -18.72 5.20 28.29
N ASN G 544 -17.45 5.16 28.65
CA ASN G 544 -16.28 5.60 27.89
C ASN G 544 -16.40 7.03 27.36
N PRO G 545 -16.29 8.06 28.20
CA PRO G 545 -16.14 9.42 27.69
C PRO G 545 -14.67 9.82 27.61
N ALA G 546 -14.44 10.99 27.03
CA ALA G 546 -13.09 11.53 26.95
C ALA G 546 -12.71 12.17 28.27
N LEU G 547 -11.56 11.79 28.81
CA LEU G 547 -11.09 12.36 30.07
C LEU G 547 -10.19 13.56 29.74
N ASN G 548 -10.64 14.76 30.11
CA ASN G 548 -9.82 15.94 29.86
C ASN G 548 -8.63 16.01 30.80
N ARG G 549 -8.90 16.08 32.09
CA ARG G 549 -7.86 16.41 33.03
C ARG G 549 -7.58 15.26 33.98
N VAL G 550 -6.39 15.29 34.55
CA VAL G 550 -6.02 14.37 35.61
C VAL G 550 -5.15 15.13 36.60
N ARG G 551 -5.29 14.81 37.88
CA ARG G 551 -4.59 15.54 38.92
C ARG G 551 -4.49 14.66 40.17
N TRP G 552 -3.28 14.43 40.63
CA TRP G 552 -3.06 13.68 41.86
C TRP G 552 -3.36 14.56 43.07
N THR G 553 -3.52 13.91 44.21
CA THR G 553 -3.58 14.66 45.45
C THR G 553 -2.19 14.93 45.97
N HIS G 554 -2.11 15.73 47.04
CA HIS G 554 -0.82 16.01 47.64
C HIS G 554 -0.31 14.82 48.44
N SER G 555 -1.22 13.97 48.93
CA SER G 555 -0.82 12.74 49.59
C SER G 555 -0.33 11.71 48.59
N GLY G 556 -0.82 11.77 47.36
CA GLY G 556 -0.49 10.76 46.38
C GLY G 556 -1.26 9.47 46.52
N ARG G 557 -2.23 9.40 47.41
CA ARG G 557 -2.99 8.17 47.58
C ARG G 557 -4.28 8.15 46.77
N GLU G 558 -4.74 9.31 46.30
CA GLU G 558 -5.93 9.39 45.48
C GLU G 558 -5.59 10.18 44.22
N ILE G 559 -6.45 10.06 43.22
CA ILE G 559 -6.21 10.70 41.94
C ILE G 559 -7.57 11.02 41.31
N ALA G 560 -7.71 12.24 40.80
CA ALA G 560 -8.97 12.74 40.29
C ALA G 560 -8.87 12.94 38.79
N VAL G 561 -9.87 12.46 38.05
CA VAL G 561 -9.95 12.70 36.62
C VAL G 561 -11.18 13.56 36.35
N GLY G 562 -11.22 14.14 35.16
CA GLY G 562 -12.36 14.93 34.75
C GLY G 562 -12.76 14.58 33.33
N ASP G 563 -14.02 14.28 33.12
CA ASP G 563 -14.47 13.70 31.86
C ASP G 563 -15.05 14.78 30.96
N SER G 564 -15.48 14.37 29.77
CA SER G 564 -16.02 15.29 28.79
C SER G 564 -17.50 15.60 28.99
N GLU G 565 -18.20 14.88 29.86
CA GLU G 565 -19.60 15.21 30.12
C GLU G 565 -19.77 15.96 31.43
N GLY G 566 -18.89 15.74 32.40
CA GLY G 566 -18.83 16.66 33.52
C GLY G 566 -18.73 16.04 34.90
N GLN G 567 -18.52 14.74 34.99
CA GLN G 567 -18.47 14.06 36.27
C GLN G 567 -17.01 13.88 36.67
N ILE G 568 -16.65 14.47 37.81
CA ILE G 568 -15.29 14.33 38.32
C ILE G 568 -15.22 12.99 39.03
N VAL G 569 -14.56 12.02 38.42
CA VAL G 569 -14.43 10.68 38.96
C VAL G 569 -13.10 10.59 39.68
N ILE G 570 -13.12 10.08 40.91
CA ILE G 570 -11.94 10.03 41.76
C ILE G 570 -11.64 8.58 42.10
N TYR G 571 -10.39 8.19 41.90
CA TYR G 571 -9.91 6.86 42.23
C TYR G 571 -8.85 6.96 43.32
N ASP G 572 -8.75 5.92 44.12
CA ASP G 572 -7.71 5.81 45.14
C ASP G 572 -6.83 4.61 44.81
N VAL G 573 -5.53 4.83 44.81
CA VAL G 573 -4.59 3.81 44.41
C VAL G 573 -4.13 3.03 45.64
N GLY G 574 -3.68 1.79 45.39
CA GLY G 574 -3.28 0.93 46.48
C GLY G 574 -1.93 1.29 47.05
N GLU G 575 -1.62 0.66 48.19
CA GLU G 575 -0.35 0.90 48.88
C GLU G 575 0.81 0.22 48.19
N GLN G 576 0.56 -0.78 47.35
CA GLN G 576 1.63 -1.46 46.64
C GLN G 576 2.14 -0.64 45.45
N ILE G 577 1.40 0.37 45.02
CA ILE G 577 1.79 1.21 43.90
C ILE G 577 2.20 2.60 44.36
N ALA G 578 1.42 3.21 45.25
CA ALA G 578 1.65 4.60 45.62
C ALA G 578 2.88 4.77 46.50
N VAL G 579 3.11 3.83 47.42
CA VAL G 579 4.15 3.98 48.42
C VAL G 579 5.52 3.76 47.79
N PRO G 580 6.43 4.72 47.89
CA PRO G 580 7.79 4.49 47.42
C PRO G 580 8.63 3.79 48.47
N ARG G 581 9.52 2.92 48.01
CA ARG G 581 10.41 2.19 48.90
C ARG G 581 11.72 2.96 49.05
N ASN G 582 12.65 2.40 49.82
CA ASN G 582 13.87 3.12 50.18
C ASN G 582 14.81 3.24 49.00
N ASP G 583 14.90 2.20 48.17
CA ASP G 583 15.79 2.18 47.02
C ASP G 583 15.10 2.66 45.75
N GLU G 584 13.88 3.19 45.86
CA GLU G 584 13.14 3.63 44.68
C GLU G 584 13.84 4.78 43.97
N TRP G 585 14.42 5.70 44.73
CA TRP G 585 15.25 6.73 44.13
C TRP G 585 16.50 6.13 43.50
N ALA G 586 17.12 5.15 44.15
CA ALA G 586 18.30 4.51 43.57
C ALA G 586 17.94 3.63 42.38
N ARG G 587 16.79 2.96 42.45
CA ARG G 587 16.34 2.16 41.32
C ARG G 587 16.01 3.05 40.12
N PHE G 588 15.42 4.22 40.36
CA PHE G 588 15.22 5.15 39.27
C PHE G 588 16.53 5.76 38.79
N GLY G 589 17.50 5.90 39.69
CA GLY G 589 18.82 6.37 39.32
C GLY G 589 19.57 5.41 38.42
N ARG G 590 19.28 4.12 38.54
CA ARG G 590 19.71 3.17 37.54
C ARG G 590 18.80 3.14 36.31
N THR G 591 17.51 3.41 36.51
CA THR G 591 16.54 3.33 35.42
C THR G 591 16.73 4.34 34.30
N LEU G 592 16.84 5.62 34.65
CA LEU G 592 16.94 6.65 33.62
C LEU G 592 18.15 6.45 32.72
N ALA G 593 19.29 6.06 33.31
CA ALA G 593 20.50 5.84 32.53
C ALA G 593 20.29 4.74 31.52
N GLU G 594 19.69 3.64 31.96
CA GLU G 594 19.41 2.53 31.05
C GLU G 594 18.47 2.99 29.93
N ILE G 595 17.47 3.77 30.29
CA ILE G 595 16.54 4.27 29.28
C ILE G 595 17.29 5.08 28.24
N ASN G 596 18.18 5.95 28.68
CA ASN G 596 18.94 6.79 27.76
C ASN G 596 19.82 5.92 26.86
N ALA G 597 20.43 4.89 27.43
CA ALA G 597 21.26 4.00 26.64
C ALA G 597 20.44 3.33 25.56
N ASN G 598 19.25 2.86 25.92
CA ASN G 598 18.38 2.22 24.95
C ASN G 598 18.03 3.20 23.85
N ARG G 599 17.74 4.44 24.24
CA ARG G 599 17.41 5.47 23.26
C ARG G 599 18.56 5.64 22.29
N ALA G 600 19.78 5.74 22.80
CA ALA G 600 20.94 5.91 21.95
C ALA G 600 21.08 4.74 20.98
N ASP G 601 20.91 3.53 21.49
CA ASP G 601 20.99 2.36 20.62
C ASP G 601 19.99 2.48 19.49
N ALA G 602 18.73 2.78 19.84
CA ALA G 602 17.70 2.87 18.82
C ALA G 602 18.05 3.92 17.79
N GLU G 603 18.55 5.07 18.24
CA GLU G 603 18.86 6.15 17.31
C GLU G 603 19.99 5.76 16.36
N GLU G 604 21.03 5.10 16.89
CA GLU G 604 22.12 4.66 16.03
C GLU G 604 21.59 3.66 15.01
N GLU G 605 20.72 2.77 15.45
CA GLU G 605 20.15 1.78 14.54
C GLU G 605 19.41 2.49 13.42
N ALA G 606 18.62 3.50 13.77
CA ALA G 606 17.85 4.23 12.78
C ALA G 606 18.78 4.92 11.80
N ALA G 607 19.85 5.51 12.31
CA ALA G 607 20.81 6.20 11.46
C ALA G 607 21.44 5.23 10.47
N THR G 608 21.77 4.04 10.93
CA THR G 608 22.42 3.07 10.03
C THR G 608 21.44 2.39 9.08
N LEU H 429 11.51 43.92 -7.05
CA LEU H 429 10.38 44.63 -7.62
C LEU H 429 9.64 45.43 -6.57
N ALA H 430 9.87 45.22 -5.28
CA ALA H 430 9.17 46.10 -4.32
C ALA H 430 9.59 47.56 -4.45
N SER H 431 10.89 47.77 -4.37
CA SER H 431 11.41 49.13 -4.39
C SER H 431 10.82 50.05 -5.43
N PHE H 432 10.58 49.57 -6.64
CA PHE H 432 10.13 50.48 -7.69
C PHE H 432 8.71 51.03 -7.47
N PHE H 433 7.75 50.18 -7.15
CA PHE H 433 6.41 50.69 -6.88
C PHE H 433 6.45 51.43 -5.54
N ASN H 434 7.43 51.09 -4.72
CA ASN H 434 7.57 51.81 -3.46
C ASN H 434 7.91 53.26 -3.74
N SER H 435 8.82 53.47 -4.69
CA SER H 435 9.17 54.81 -5.07
C SER H 435 7.92 55.42 -5.65
N LEU H 436 7.25 54.68 -6.52
CA LEU H 436 6.01 55.17 -7.10
C LEU H 436 5.19 55.85 -6.01
N LEU H 437 4.95 55.13 -4.93
CA LEU H 437 4.13 55.70 -3.85
C LEU H 437 4.73 56.83 -3.01
N SER H 438 5.97 56.70 -2.53
CA SER H 438 6.52 57.74 -1.61
C SER H 438 7.08 58.98 -2.28
N LYS H 439 7.25 58.93 -3.59
CA LYS H 439 7.85 60.01 -4.37
C LYS H 439 7.20 61.36 -4.08
N LYS H 440 5.95 61.39 -3.62
CA LYS H 440 5.32 62.66 -3.26
C LYS H 440 4.46 62.59 -2.01
N THR H 441 4.49 61.51 -1.26
CA THR H 441 3.78 61.46 0.02
C THR H 441 4.72 61.88 1.15
N LEU I 429 -11.57 34.22 -19.74
CA LEU I 429 -10.98 34.97 -18.63
C LEU I 429 -11.27 36.45 -18.76
N ALA I 430 -11.30 36.94 -20.00
CA ALA I 430 -11.62 38.34 -20.24
C ALA I 430 -13.08 38.64 -19.92
N SER I 431 -13.95 37.64 -20.01
CA SER I 431 -15.37 37.86 -19.77
C SER I 431 -15.67 38.34 -18.36
N PHE I 432 -14.95 37.83 -17.37
CA PHE I 432 -15.26 38.18 -15.98
C PHE I 432 -15.38 39.67 -15.72
N PHE I 433 -14.31 40.41 -15.93
CA PHE I 433 -14.34 41.84 -15.62
C PHE I 433 -15.05 42.66 -16.69
N ASN I 434 -15.29 42.09 -17.85
CA ASN I 434 -16.07 42.81 -18.85
C ASN I 434 -17.47 42.85 -18.32
N SER I 435 -17.88 41.76 -17.70
CA SER I 435 -19.19 41.75 -17.09
C SER I 435 -19.13 42.68 -15.91
N LEU I 436 -18.02 42.63 -15.19
CA LEU I 436 -17.85 43.52 -14.06
C LEU I 436 -18.24 44.91 -14.51
N LEU I 437 -17.73 45.33 -15.67
CA LEU I 437 -18.02 46.67 -16.18
C LEU I 437 -19.45 46.89 -16.67
N SER I 438 -19.96 46.02 -17.52
CA SER I 438 -21.29 46.27 -18.11
C SER I 438 -22.50 46.27 -17.16
N LYS I 439 -22.25 46.26 -15.86
CA LYS I 439 -23.33 46.16 -14.89
C LYS I 439 -24.28 47.35 -14.98
N LYS I 440 -23.73 48.55 -15.14
CA LYS I 440 -24.49 49.78 -15.11
C LYS I 440 -24.64 50.45 -16.48
N THR I 441 -24.24 49.78 -17.55
CA THR I 441 -24.44 50.33 -18.89
C THR I 441 -25.55 49.57 -19.62
#